data_2YSK
# 
_entry.id   2YSK 
# 
_audit_conform.dict_name       mmcif_pdbx.dic 
_audit_conform.dict_version    5.388 
_audit_conform.dict_location   http://mmcif.pdb.org/dictionaries/ascii/mmcif_pdbx.dic 
# 
loop_
_database_2.database_id 
_database_2.database_code 
_database_2.pdbx_database_accession 
_database_2.pdbx_DOI 
PDB   2YSK         pdb_00002ysk 10.2210/pdb2ysk/pdb 
RCSB  RCSB027080   ?            ?                   
WWPDB D_1000027080 ?            ?                   
# 
loop_
_pdbx_audit_revision_history.ordinal 
_pdbx_audit_revision_history.data_content_type 
_pdbx_audit_revision_history.major_revision 
_pdbx_audit_revision_history.minor_revision 
_pdbx_audit_revision_history.revision_date 
1 'Structure model' 1 0 2008-04-08 
2 'Structure model' 1 1 2011-07-13 
3 'Structure model' 1 2 2024-03-13 
# 
_pdbx_audit_revision_details.ordinal             1 
_pdbx_audit_revision_details.revision_ordinal    1 
_pdbx_audit_revision_details.data_content_type   'Structure model' 
_pdbx_audit_revision_details.provider            repository 
_pdbx_audit_revision_details.type                'Initial release' 
_pdbx_audit_revision_details.description         ? 
_pdbx_audit_revision_details.details             ? 
# 
loop_
_pdbx_audit_revision_group.ordinal 
_pdbx_audit_revision_group.revision_ordinal 
_pdbx_audit_revision_group.data_content_type 
_pdbx_audit_revision_group.group 
1 2 'Structure model' 'Source and taxonomy'       
2 2 'Structure model' 'Version format compliance' 
3 3 'Structure model' 'Data collection'           
4 3 'Structure model' 'Database references'       
5 3 'Structure model' 'Derived calculations'      
# 
loop_
_pdbx_audit_revision_category.ordinal 
_pdbx_audit_revision_category.revision_ordinal 
_pdbx_audit_revision_category.data_content_type 
_pdbx_audit_revision_category.category 
1 3 'Structure model' chem_comp_atom 
2 3 'Structure model' chem_comp_bond 
3 3 'Structure model' database_2     
4 3 'Structure model' struct_site    
# 
loop_
_pdbx_audit_revision_item.ordinal 
_pdbx_audit_revision_item.revision_ordinal 
_pdbx_audit_revision_item.data_content_type 
_pdbx_audit_revision_item.item 
1 3 'Structure model' '_database_2.pdbx_DOI'                
2 3 'Structure model' '_database_2.pdbx_database_accession' 
3 3 'Structure model' '_struct_site.pdbx_auth_asym_id'      
4 3 'Structure model' '_struct_site.pdbx_auth_comp_id'      
5 3 'Structure model' '_struct_site.pdbx_auth_seq_id'       
# 
_pdbx_database_status.status_code                     REL 
_pdbx_database_status.entry_id                        2YSK 
_pdbx_database_status.recvd_initial_deposition_date   2007-04-03 
_pdbx_database_status.deposit_site                    PDBJ 
_pdbx_database_status.process_site                    PDBJ 
_pdbx_database_status.status_code_sf                  REL 
_pdbx_database_status.status_code_mr                  ? 
_pdbx_database_status.SG_entry                        Y 
_pdbx_database_status.pdb_format_compatible           Y 
_pdbx_database_status.status_code_cs                  ? 
_pdbx_database_status.status_code_nmr_data            ? 
_pdbx_database_status.methods_development_category    ? 
# 
loop_
_audit_author.name 
_audit_author.pdbx_ordinal 
'Okamoto, A.'                                            1 
'Yokoyama, S.'                                           2 
'Kuramitsu, S.'                                          3 
'RIKEN Structural Genomics/Proteomics Initiative (RSGI)' 4 
# 
_citation.id                        primary 
_citation.title                     'Crystal structure of a hypothetical protein TTHA1432 from Thermus thermophilus' 
_citation.journal_abbrev            'To be Published' 
_citation.journal_volume            ? 
_citation.page_first                ? 
_citation.page_last                 ? 
_citation.year                      ? 
_citation.journal_id_ASTM           ? 
_citation.country                   ? 
_citation.journal_id_ISSN           ? 
_citation.journal_id_CSD            0353 
_citation.book_publisher            ? 
_citation.pdbx_database_id_PubMed   ? 
_citation.pdbx_database_id_DOI      ? 
# 
loop_
_citation_author.citation_id 
_citation_author.name 
_citation_author.ordinal 
_citation_author.identifier_ORCID 
primary 'Okamoto, A.'   1 ? 
primary 'Yokoyama, S.'  2 ? 
primary 'Kuramitsu, S.' 3 ? 
# 
loop_
_entity.id 
_entity.type 
_entity.src_method 
_entity.pdbx_description 
_entity.formula_weight 
_entity.pdbx_number_of_molecules 
_entity.pdbx_ec 
_entity.pdbx_mutation 
_entity.pdbx_fragment 
_entity.details 
1 polymer     man 'Hypothetical protein TTHA1432' 16280.763 1   ? ? ? ? 
2 non-polymer syn 'SULFATE ION'                   96.063    1   ? ? ? ? 
3 water       nat water                           18.015    141 ? ? ? ? 
# 
_entity_poly.entity_id                      1 
_entity_poly.type                           'polypeptide(L)' 
_entity_poly.nstd_linkage                   no 
_entity_poly.nstd_monomer                   no 
_entity_poly.pdbx_seq_one_letter_code       
;MSATGLEVFDRTLHKTHAWLKAIMEELGTEDRHKAYLALRAVLHALRDRLTVEEVAQLAAQLPMLVRGLYYEGWDPTGKP
LKERHKEAFLAHVAEELKTPSGPAVDPEAATRAVFKVLSREISQGELEDVLGLLPKELRALWPQG
;
_entity_poly.pdbx_seq_one_letter_code_can   
;MSATGLEVFDRTLHKTHAWLKAIMEELGTEDRHKAYLALRAVLHALRDRLTVEEVAQLAAQLPMLVRGLYYEGWDPTGKP
LKERHKEAFLAHVAEELKTPSGPAVDPEAATRAVFKVLSREISQGELEDVLGLLPKELRALWPQG
;
_entity_poly.pdbx_strand_id                 A 
_entity_poly.pdbx_target_identifier         ? 
# 
loop_
_pdbx_entity_nonpoly.entity_id 
_pdbx_entity_nonpoly.name 
_pdbx_entity_nonpoly.comp_id 
2 'SULFATE ION' SO4 
3 water         HOH 
# 
loop_
_entity_poly_seq.entity_id 
_entity_poly_seq.num 
_entity_poly_seq.mon_id 
_entity_poly_seq.hetero 
1 1   MET n 
1 2   SER n 
1 3   ALA n 
1 4   THR n 
1 5   GLY n 
1 6   LEU n 
1 7   GLU n 
1 8   VAL n 
1 9   PHE n 
1 10  ASP n 
1 11  ARG n 
1 12  THR n 
1 13  LEU n 
1 14  HIS n 
1 15  LYS n 
1 16  THR n 
1 17  HIS n 
1 18  ALA n 
1 19  TRP n 
1 20  LEU n 
1 21  LYS n 
1 22  ALA n 
1 23  ILE n 
1 24  MET n 
1 25  GLU n 
1 26  GLU n 
1 27  LEU n 
1 28  GLY n 
1 29  THR n 
1 30  GLU n 
1 31  ASP n 
1 32  ARG n 
1 33  HIS n 
1 34  LYS n 
1 35  ALA n 
1 36  TYR n 
1 37  LEU n 
1 38  ALA n 
1 39  LEU n 
1 40  ARG n 
1 41  ALA n 
1 42  VAL n 
1 43  LEU n 
1 44  HIS n 
1 45  ALA n 
1 46  LEU n 
1 47  ARG n 
1 48  ASP n 
1 49  ARG n 
1 50  LEU n 
1 51  THR n 
1 52  VAL n 
1 53  GLU n 
1 54  GLU n 
1 55  VAL n 
1 56  ALA n 
1 57  GLN n 
1 58  LEU n 
1 59  ALA n 
1 60  ALA n 
1 61  GLN n 
1 62  LEU n 
1 63  PRO n 
1 64  MET n 
1 65  LEU n 
1 66  VAL n 
1 67  ARG n 
1 68  GLY n 
1 69  LEU n 
1 70  TYR n 
1 71  TYR n 
1 72  GLU n 
1 73  GLY n 
1 74  TRP n 
1 75  ASP n 
1 76  PRO n 
1 77  THR n 
1 78  GLY n 
1 79  LYS n 
1 80  PRO n 
1 81  LEU n 
1 82  LYS n 
1 83  GLU n 
1 84  ARG n 
1 85  HIS n 
1 86  LYS n 
1 87  GLU n 
1 88  ALA n 
1 89  PHE n 
1 90  LEU n 
1 91  ALA n 
1 92  HIS n 
1 93  VAL n 
1 94  ALA n 
1 95  GLU n 
1 96  GLU n 
1 97  LEU n 
1 98  LYS n 
1 99  THR n 
1 100 PRO n 
1 101 SER n 
1 102 GLY n 
1 103 PRO n 
1 104 ALA n 
1 105 VAL n 
1 106 ASP n 
1 107 PRO n 
1 108 GLU n 
1 109 ALA n 
1 110 ALA n 
1 111 THR n 
1 112 ARG n 
1 113 ALA n 
1 114 VAL n 
1 115 PHE n 
1 116 LYS n 
1 117 VAL n 
1 118 LEU n 
1 119 SER n 
1 120 ARG n 
1 121 GLU n 
1 122 ILE n 
1 123 SER n 
1 124 GLN n 
1 125 GLY n 
1 126 GLU n 
1 127 LEU n 
1 128 GLU n 
1 129 ASP n 
1 130 VAL n 
1 131 LEU n 
1 132 GLY n 
1 133 LEU n 
1 134 LEU n 
1 135 PRO n 
1 136 LYS n 
1 137 GLU n 
1 138 LEU n 
1 139 ARG n 
1 140 ALA n 
1 141 LEU n 
1 142 TRP n 
1 143 PRO n 
1 144 GLN n 
1 145 GLY n 
# 
_entity_src_gen.entity_id                          1 
_entity_src_gen.pdbx_src_id                        1 
_entity_src_gen.pdbx_alt_source_flag               sample 
_entity_src_gen.pdbx_seq_type                      ? 
_entity_src_gen.pdbx_beg_seq_num                   ? 
_entity_src_gen.pdbx_end_seq_num                   ? 
_entity_src_gen.gene_src_common_name               ? 
_entity_src_gen.gene_src_genus                     Thermus 
_entity_src_gen.pdbx_gene_src_gene                 ? 
_entity_src_gen.gene_src_species                   'Thermus thermophilus' 
_entity_src_gen.gene_src_strain                    HB8 
_entity_src_gen.gene_src_tissue                    ? 
_entity_src_gen.gene_src_tissue_fraction           ? 
_entity_src_gen.gene_src_details                   ? 
_entity_src_gen.pdbx_gene_src_fragment             ? 
_entity_src_gen.pdbx_gene_src_scientific_name      'Thermus thermophilus' 
_entity_src_gen.pdbx_gene_src_ncbi_taxonomy_id     300852 
_entity_src_gen.pdbx_gene_src_variant              ? 
_entity_src_gen.pdbx_gene_src_cell_line            ? 
_entity_src_gen.pdbx_gene_src_atcc                 ? 
_entity_src_gen.pdbx_gene_src_organ                ? 
_entity_src_gen.pdbx_gene_src_organelle            ? 
_entity_src_gen.pdbx_gene_src_cell                 ? 
_entity_src_gen.pdbx_gene_src_cellular_location    ? 
_entity_src_gen.host_org_common_name               ? 
_entity_src_gen.pdbx_host_org_scientific_name      'Escherichia coli' 
_entity_src_gen.pdbx_host_org_ncbi_taxonomy_id     562 
_entity_src_gen.host_org_genus                     Escherichia 
_entity_src_gen.pdbx_host_org_gene                 ? 
_entity_src_gen.pdbx_host_org_organ                ? 
_entity_src_gen.host_org_species                   ? 
_entity_src_gen.pdbx_host_org_tissue               ? 
_entity_src_gen.pdbx_host_org_tissue_fraction      ? 
_entity_src_gen.pdbx_host_org_strain               'B834(DE3)' 
_entity_src_gen.pdbx_host_org_variant              ? 
_entity_src_gen.pdbx_host_org_cell_line            ? 
_entity_src_gen.pdbx_host_org_atcc                 ? 
_entity_src_gen.pdbx_host_org_culture_collection   ? 
_entity_src_gen.pdbx_host_org_cell                 ? 
_entity_src_gen.pdbx_host_org_organelle            ? 
_entity_src_gen.pdbx_host_org_cellular_location    ? 
_entity_src_gen.pdbx_host_org_vector_type          PLASMID 
_entity_src_gen.pdbx_host_org_vector               ? 
_entity_src_gen.host_org_details                   ? 
_entity_src_gen.expression_system_id               ? 
_entity_src_gen.plasmid_name                       PET11A 
_entity_src_gen.plasmid_details                    ? 
_entity_src_gen.pdbx_description                   ? 
# 
loop_
_chem_comp.id 
_chem_comp.type 
_chem_comp.mon_nstd_flag 
_chem_comp.name 
_chem_comp.pdbx_synonyms 
_chem_comp.formula 
_chem_comp.formula_weight 
ALA 'L-peptide linking' y ALANINE         ? 'C3 H7 N O2'     89.093  
ARG 'L-peptide linking' y ARGININE        ? 'C6 H15 N4 O2 1' 175.209 
ASP 'L-peptide linking' y 'ASPARTIC ACID' ? 'C4 H7 N O4'     133.103 
GLN 'L-peptide linking' y GLUTAMINE       ? 'C5 H10 N2 O3'   146.144 
GLU 'L-peptide linking' y 'GLUTAMIC ACID' ? 'C5 H9 N O4'     147.129 
GLY 'peptide linking'   y GLYCINE         ? 'C2 H5 N O2'     75.067  
HIS 'L-peptide linking' y HISTIDINE       ? 'C6 H10 N3 O2 1' 156.162 
HOH non-polymer         . WATER           ? 'H2 O'           18.015  
ILE 'L-peptide linking' y ISOLEUCINE      ? 'C6 H13 N O2'    131.173 
LEU 'L-peptide linking' y LEUCINE         ? 'C6 H13 N O2'    131.173 
LYS 'L-peptide linking' y LYSINE          ? 'C6 H15 N2 O2 1' 147.195 
MET 'L-peptide linking' y METHIONINE      ? 'C5 H11 N O2 S'  149.211 
PHE 'L-peptide linking' y PHENYLALANINE   ? 'C9 H11 N O2'    165.189 
PRO 'L-peptide linking' y PROLINE         ? 'C5 H9 N O2'     115.130 
SER 'L-peptide linking' y SERINE          ? 'C3 H7 N O3'     105.093 
SO4 non-polymer         . 'SULFATE ION'   ? 'O4 S -2'        96.063  
THR 'L-peptide linking' y THREONINE       ? 'C4 H9 N O3'     119.119 
TRP 'L-peptide linking' y TRYPTOPHAN      ? 'C11 H12 N2 O2'  204.225 
TYR 'L-peptide linking' y TYROSINE        ? 'C9 H11 N O3'    181.189 
VAL 'L-peptide linking' y VALINE          ? 'C5 H11 N O2'    117.146 
# 
loop_
_pdbx_poly_seq_scheme.asym_id 
_pdbx_poly_seq_scheme.entity_id 
_pdbx_poly_seq_scheme.seq_id 
_pdbx_poly_seq_scheme.mon_id 
_pdbx_poly_seq_scheme.ndb_seq_num 
_pdbx_poly_seq_scheme.pdb_seq_num 
_pdbx_poly_seq_scheme.auth_seq_num 
_pdbx_poly_seq_scheme.pdb_mon_id 
_pdbx_poly_seq_scheme.auth_mon_id 
_pdbx_poly_seq_scheme.pdb_strand_id 
_pdbx_poly_seq_scheme.pdb_ins_code 
_pdbx_poly_seq_scheme.hetero 
A 1 1   MET 1   1   ?   ?   ?   A . n 
A 1 2   SER 2   2   2   SER SER A . n 
A 1 3   ALA 3   3   3   ALA ALA A . n 
A 1 4   THR 4   4   4   THR THR A . n 
A 1 5   GLY 5   5   5   GLY GLY A . n 
A 1 6   LEU 6   6   6   LEU LEU A . n 
A 1 7   GLU 7   7   7   GLU GLU A . n 
A 1 8   VAL 8   8   8   VAL VAL A . n 
A 1 9   PHE 9   9   9   PHE PHE A . n 
A 1 10  ASP 10  10  10  ASP ASP A . n 
A 1 11  ARG 11  11  11  ARG ARG A . n 
A 1 12  THR 12  12  12  THR THR A . n 
A 1 13  LEU 13  13  13  LEU LEU A . n 
A 1 14  HIS 14  14  14  HIS HIS A . n 
A 1 15  LYS 15  15  15  LYS LYS A . n 
A 1 16  THR 16  16  16  THR THR A . n 
A 1 17  HIS 17  17  17  HIS HIS A . n 
A 1 18  ALA 18  18  18  ALA ALA A . n 
A 1 19  TRP 19  19  19  TRP TRP A . n 
A 1 20  LEU 20  20  20  LEU LEU A . n 
A 1 21  LYS 21  21  21  LYS LYS A . n 
A 1 22  ALA 22  22  22  ALA ALA A . n 
A 1 23  ILE 23  23  23  ILE ILE A . n 
A 1 24  MET 24  24  24  MET MET A . n 
A 1 25  GLU 25  25  25  GLU GLU A . n 
A 1 26  GLU 26  26  26  GLU GLU A . n 
A 1 27  LEU 27  27  27  LEU LEU A . n 
A 1 28  GLY 28  28  28  GLY GLY A . n 
A 1 29  THR 29  29  29  THR THR A . n 
A 1 30  GLU 30  30  30  GLU GLU A . n 
A 1 31  ASP 31  31  31  ASP ASP A . n 
A 1 32  ARG 32  32  32  ARG ARG A . n 
A 1 33  HIS 33  33  33  HIS HIS A . n 
A 1 34  LYS 34  34  34  LYS LYS A . n 
A 1 35  ALA 35  35  35  ALA ALA A . n 
A 1 36  TYR 36  36  36  TYR TYR A . n 
A 1 37  LEU 37  37  37  LEU LEU A . n 
A 1 38  ALA 38  38  38  ALA ALA A . n 
A 1 39  LEU 39  39  39  LEU LEU A . n 
A 1 40  ARG 40  40  40  ARG ARG A . n 
A 1 41  ALA 41  41  41  ALA ALA A . n 
A 1 42  VAL 42  42  42  VAL VAL A . n 
A 1 43  LEU 43  43  43  LEU LEU A . n 
A 1 44  HIS 44  44  44  HIS HIS A . n 
A 1 45  ALA 45  45  45  ALA ALA A . n 
A 1 46  LEU 46  46  46  LEU LEU A . n 
A 1 47  ARG 47  47  47  ARG ARG A . n 
A 1 48  ASP 48  48  48  ASP ASP A . n 
A 1 49  ARG 49  49  49  ARG ARG A . n 
A 1 50  LEU 50  50  50  LEU LEU A . n 
A 1 51  THR 51  51  51  THR THR A . n 
A 1 52  VAL 52  52  52  VAL VAL A . n 
A 1 53  GLU 53  53  53  GLU GLU A . n 
A 1 54  GLU 54  54  54  GLU GLU A . n 
A 1 55  VAL 55  55  55  VAL VAL A . n 
A 1 56  ALA 56  56  56  ALA ALA A . n 
A 1 57  GLN 57  57  57  GLN GLN A . n 
A 1 58  LEU 58  58  58  LEU LEU A . n 
A 1 59  ALA 59  59  59  ALA ALA A . n 
A 1 60  ALA 60  60  60  ALA ALA A . n 
A 1 61  GLN 61  61  61  GLN GLN A . n 
A 1 62  LEU 62  62  62  LEU LEU A . n 
A 1 63  PRO 63  63  63  PRO PRO A . n 
A 1 64  MET 64  64  64  MET MET A . n 
A 1 65  LEU 65  65  65  LEU LEU A . n 
A 1 66  VAL 66  66  66  VAL VAL A . n 
A 1 67  ARG 67  67  67  ARG ARG A . n 
A 1 68  GLY 68  68  68  GLY GLY A . n 
A 1 69  LEU 69  69  69  LEU LEU A . n 
A 1 70  TYR 70  70  70  TYR TYR A . n 
A 1 71  TYR 71  71  71  TYR TYR A . n 
A 1 72  GLU 72  72  72  GLU GLU A . n 
A 1 73  GLY 73  73  73  GLY GLY A . n 
A 1 74  TRP 74  74  74  TRP TRP A . n 
A 1 75  ASP 75  75  75  ASP ASP A . n 
A 1 76  PRO 76  76  76  PRO PRO A . n 
A 1 77  THR 77  77  77  THR THR A . n 
A 1 78  GLY 78  78  78  GLY GLY A . n 
A 1 79  LYS 79  79  79  LYS LYS A . n 
A 1 80  PRO 80  80  80  PRO PRO A . n 
A 1 81  LEU 81  81  81  LEU LEU A . n 
A 1 82  LYS 82  82  82  LYS LYS A . n 
A 1 83  GLU 83  83  83  GLU GLU A . n 
A 1 84  ARG 84  84  84  ARG ARG A . n 
A 1 85  HIS 85  85  85  HIS HIS A . n 
A 1 86  LYS 86  86  86  LYS LYS A . n 
A 1 87  GLU 87  87  87  GLU GLU A . n 
A 1 88  ALA 88  88  88  ALA ALA A . n 
A 1 89  PHE 89  89  89  PHE PHE A . n 
A 1 90  LEU 90  90  90  LEU LEU A . n 
A 1 91  ALA 91  91  91  ALA ALA A . n 
A 1 92  HIS 92  92  92  HIS HIS A . n 
A 1 93  VAL 93  93  93  VAL VAL A . n 
A 1 94  ALA 94  94  94  ALA ALA A . n 
A 1 95  GLU 95  95  95  GLU GLU A . n 
A 1 96  GLU 96  96  96  GLU GLU A . n 
A 1 97  LEU 97  97  97  LEU LEU A . n 
A 1 98  LYS 98  98  98  LYS LYS A . n 
A 1 99  THR 99  99  99  THR THR A . n 
A 1 100 PRO 100 100 100 PRO PRO A . n 
A 1 101 SER 101 101 101 SER SER A . n 
A 1 102 GLY 102 102 102 GLY GLY A . n 
A 1 103 PRO 103 103 103 PRO PRO A . n 
A 1 104 ALA 104 104 104 ALA ALA A . n 
A 1 105 VAL 105 105 105 VAL VAL A . n 
A 1 106 ASP 106 106 106 ASP ASP A . n 
A 1 107 PRO 107 107 107 PRO PRO A . n 
A 1 108 GLU 108 108 108 GLU GLU A . n 
A 1 109 ALA 109 109 109 ALA ALA A . n 
A 1 110 ALA 110 110 110 ALA ALA A . n 
A 1 111 THR 111 111 111 THR THR A . n 
A 1 112 ARG 112 112 112 ARG ARG A . n 
A 1 113 ALA 113 113 113 ALA ALA A . n 
A 1 114 VAL 114 114 114 VAL VAL A . n 
A 1 115 PHE 115 115 115 PHE PHE A . n 
A 1 116 LYS 116 116 116 LYS LYS A . n 
A 1 117 VAL 117 117 117 VAL VAL A . n 
A 1 118 LEU 118 118 118 LEU LEU A . n 
A 1 119 SER 119 119 119 SER SER A . n 
A 1 120 ARG 120 120 120 ARG ARG A . n 
A 1 121 GLU 121 121 121 GLU GLU A . n 
A 1 122 ILE 122 122 122 ILE ILE A . n 
A 1 123 SER 123 123 123 SER SER A . n 
A 1 124 GLN 124 124 124 GLN GLN A . n 
A 1 125 GLY 125 125 125 GLY GLY A . n 
A 1 126 GLU 126 126 126 GLU GLU A . n 
A 1 127 LEU 127 127 127 LEU LEU A . n 
A 1 128 GLU 128 128 128 GLU GLU A . n 
A 1 129 ASP 129 129 129 ASP ASP A . n 
A 1 130 VAL 130 130 130 VAL VAL A . n 
A 1 131 LEU 131 131 131 LEU LEU A . n 
A 1 132 GLY 132 132 132 GLY GLY A . n 
A 1 133 LEU 133 133 133 LEU LEU A . n 
A 1 134 LEU 134 134 134 LEU LEU A . n 
A 1 135 PRO 135 135 135 PRO PRO A . n 
A 1 136 LYS 136 136 136 LYS LYS A . n 
A 1 137 GLU 137 137 137 GLU GLU A . n 
A 1 138 LEU 138 138 138 LEU LEU A . n 
A 1 139 ARG 139 139 139 ARG ARG A . n 
A 1 140 ALA 140 140 140 ALA ALA A . n 
A 1 141 LEU 141 141 141 LEU LEU A . n 
A 1 142 TRP 142 142 142 TRP TRP A . n 
A 1 143 PRO 143 143 143 PRO PRO A . n 
A 1 144 GLN 144 144 144 GLN GLN A . n 
A 1 145 GLY 145 145 145 GLY GLY A . n 
# 
loop_
_pdbx_nonpoly_scheme.asym_id 
_pdbx_nonpoly_scheme.entity_id 
_pdbx_nonpoly_scheme.mon_id 
_pdbx_nonpoly_scheme.ndb_seq_num 
_pdbx_nonpoly_scheme.pdb_seq_num 
_pdbx_nonpoly_scheme.auth_seq_num 
_pdbx_nonpoly_scheme.pdb_mon_id 
_pdbx_nonpoly_scheme.auth_mon_id 
_pdbx_nonpoly_scheme.pdb_strand_id 
_pdbx_nonpoly_scheme.pdb_ins_code 
B 2 SO4 1   146 146 SO4 SO4 A . 
C 3 HOH 1   147 1   HOH HOH A . 
C 3 HOH 2   148 2   HOH HOH A . 
C 3 HOH 3   149 3   HOH HOH A . 
C 3 HOH 4   150 4   HOH HOH A . 
C 3 HOH 5   151 5   HOH HOH A . 
C 3 HOH 6   152 6   HOH HOH A . 
C 3 HOH 7   153 7   HOH HOH A . 
C 3 HOH 8   154 8   HOH HOH A . 
C 3 HOH 9   155 9   HOH HOH A . 
C 3 HOH 10  156 10  HOH HOH A . 
C 3 HOH 11  157 11  HOH HOH A . 
C 3 HOH 12  158 12  HOH HOH A . 
C 3 HOH 13  159 13  HOH HOH A . 
C 3 HOH 14  160 14  HOH HOH A . 
C 3 HOH 15  161 15  HOH HOH A . 
C 3 HOH 16  162 16  HOH HOH A . 
C 3 HOH 17  163 17  HOH HOH A . 
C 3 HOH 18  164 18  HOH HOH A . 
C 3 HOH 19  165 19  HOH HOH A . 
C 3 HOH 20  166 20  HOH HOH A . 
C 3 HOH 21  167 21  HOH HOH A . 
C 3 HOH 22  168 22  HOH HOH A . 
C 3 HOH 23  169 23  HOH HOH A . 
C 3 HOH 24  170 24  HOH HOH A . 
C 3 HOH 25  171 25  HOH HOH A . 
C 3 HOH 26  172 26  HOH HOH A . 
C 3 HOH 27  173 27  HOH HOH A . 
C 3 HOH 28  174 28  HOH HOH A . 
C 3 HOH 29  175 29  HOH HOH A . 
C 3 HOH 30  176 30  HOH HOH A . 
C 3 HOH 31  177 31  HOH HOH A . 
C 3 HOH 32  178 32  HOH HOH A . 
C 3 HOH 33  179 33  HOH HOH A . 
C 3 HOH 34  180 34  HOH HOH A . 
C 3 HOH 35  181 35  HOH HOH A . 
C 3 HOH 36  182 36  HOH HOH A . 
C 3 HOH 37  183 37  HOH HOH A . 
C 3 HOH 38  184 38  HOH HOH A . 
C 3 HOH 39  185 39  HOH HOH A . 
C 3 HOH 40  186 40  HOH HOH A . 
C 3 HOH 41  187 41  HOH HOH A . 
C 3 HOH 42  188 42  HOH HOH A . 
C 3 HOH 43  189 43  HOH HOH A . 
C 3 HOH 44  190 44  HOH HOH A . 
C 3 HOH 45  191 45  HOH HOH A . 
C 3 HOH 46  192 46  HOH HOH A . 
C 3 HOH 47  193 47  HOH HOH A . 
C 3 HOH 48  194 48  HOH HOH A . 
C 3 HOH 49  195 49  HOH HOH A . 
C 3 HOH 50  196 50  HOH HOH A . 
C 3 HOH 51  197 51  HOH HOH A . 
C 3 HOH 52  198 52  HOH HOH A . 
C 3 HOH 53  199 53  HOH HOH A . 
C 3 HOH 54  200 54  HOH HOH A . 
C 3 HOH 55  201 55  HOH HOH A . 
C 3 HOH 56  202 56  HOH HOH A . 
C 3 HOH 57  203 57  HOH HOH A . 
C 3 HOH 58  204 58  HOH HOH A . 
C 3 HOH 59  205 59  HOH HOH A . 
C 3 HOH 60  206 60  HOH HOH A . 
C 3 HOH 61  207 61  HOH HOH A . 
C 3 HOH 62  208 62  HOH HOH A . 
C 3 HOH 63  209 63  HOH HOH A . 
C 3 HOH 64  210 64  HOH HOH A . 
C 3 HOH 65  211 65  HOH HOH A . 
C 3 HOH 66  212 66  HOH HOH A . 
C 3 HOH 67  213 67  HOH HOH A . 
C 3 HOH 68  214 68  HOH HOH A . 
C 3 HOH 69  215 69  HOH HOH A . 
C 3 HOH 70  216 70  HOH HOH A . 
C 3 HOH 71  217 71  HOH HOH A . 
C 3 HOH 72  218 72  HOH HOH A . 
C 3 HOH 73  219 73  HOH HOH A . 
C 3 HOH 74  220 74  HOH HOH A . 
C 3 HOH 75  221 75  HOH HOH A . 
C 3 HOH 76  222 76  HOH HOH A . 
C 3 HOH 77  223 77  HOH HOH A . 
C 3 HOH 78  224 78  HOH HOH A . 
C 3 HOH 79  225 79  HOH HOH A . 
C 3 HOH 80  226 80  HOH HOH A . 
C 3 HOH 81  227 81  HOH HOH A . 
C 3 HOH 82  228 82  HOH HOH A . 
C 3 HOH 83  229 83  HOH HOH A . 
C 3 HOH 84  230 84  HOH HOH A . 
C 3 HOH 85  231 85  HOH HOH A . 
C 3 HOH 86  232 86  HOH HOH A . 
C 3 HOH 87  233 87  HOH HOH A . 
C 3 HOH 88  234 88  HOH HOH A . 
C 3 HOH 89  235 89  HOH HOH A . 
C 3 HOH 90  236 90  HOH HOH A . 
C 3 HOH 91  237 91  HOH HOH A . 
C 3 HOH 92  238 92  HOH HOH A . 
C 3 HOH 93  239 93  HOH HOH A . 
C 3 HOH 94  240 94  HOH HOH A . 
C 3 HOH 95  241 95  HOH HOH A . 
C 3 HOH 96  242 96  HOH HOH A . 
C 3 HOH 97  243 97  HOH HOH A . 
C 3 HOH 98  244 98  HOH HOH A . 
C 3 HOH 99  245 99  HOH HOH A . 
C 3 HOH 100 246 100 HOH HOH A . 
C 3 HOH 101 247 101 HOH HOH A . 
C 3 HOH 102 248 102 HOH HOH A . 
C 3 HOH 103 249 103 HOH HOH A . 
C 3 HOH 104 250 104 HOH HOH A . 
C 3 HOH 105 251 105 HOH HOH A . 
C 3 HOH 106 252 106 HOH HOH A . 
C 3 HOH 107 253 107 HOH HOH A . 
C 3 HOH 108 254 108 HOH HOH A . 
C 3 HOH 109 255 109 HOH HOH A . 
C 3 HOH 110 256 110 HOH HOH A . 
C 3 HOH 111 257 111 HOH HOH A . 
C 3 HOH 112 258 112 HOH HOH A . 
C 3 HOH 113 259 113 HOH HOH A . 
C 3 HOH 114 260 114 HOH HOH A . 
C 3 HOH 115 261 115 HOH HOH A . 
C 3 HOH 116 262 116 HOH HOH A . 
C 3 HOH 117 263 117 HOH HOH A . 
C 3 HOH 118 264 118 HOH HOH A . 
C 3 HOH 119 265 119 HOH HOH A . 
C 3 HOH 120 266 120 HOH HOH A . 
C 3 HOH 121 267 121 HOH HOH A . 
C 3 HOH 122 268 122 HOH HOH A . 
C 3 HOH 123 269 123 HOH HOH A . 
C 3 HOH 124 270 124 HOH HOH A . 
C 3 HOH 125 271 125 HOH HOH A . 
C 3 HOH 126 272 126 HOH HOH A . 
C 3 HOH 127 273 127 HOH HOH A . 
C 3 HOH 128 274 128 HOH HOH A . 
C 3 HOH 129 275 129 HOH HOH A . 
C 3 HOH 130 276 130 HOH HOH A . 
C 3 HOH 131 277 131 HOH HOH A . 
C 3 HOH 132 278 132 HOH HOH A . 
C 3 HOH 133 279 133 HOH HOH A . 
C 3 HOH 134 280 134 HOH HOH A . 
C 3 HOH 135 281 135 HOH HOH A . 
C 3 HOH 136 282 136 HOH HOH A . 
C 3 HOH 137 283 137 HOH HOH A . 
C 3 HOH 138 284 138 HOH HOH A . 
C 3 HOH 139 285 139 HOH HOH A . 
C 3 HOH 140 286 140 HOH HOH A . 
C 3 HOH 141 287 141 HOH HOH A . 
# 
loop_
_software.name 
_software.classification 
_software.version 
_software.citation_id 
_software.pdbx_ordinal 
CNS       refinement        1.1 ? 1 
HKL-2000  'data collection' .   ? 2 
HKL-2000  'data reduction'  .   ? 3 
SCALEPACK 'data scaling'    .   ? 4 
CNS       phasing           .   ? 5 
# 
_cell.entry_id           2YSK 
_cell.length_a           35.457 
_cell.length_b           35.457 
_cell.length_c           211.966 
_cell.angle_alpha        90.00 
_cell.angle_beta         90.00 
_cell.angle_gamma        90.00 
_cell.Z_PDB              8 
_cell.pdbx_unique_axis   ? 
_cell.length_a_esd       ? 
_cell.length_b_esd       ? 
_cell.length_c_esd       ? 
_cell.angle_alpha_esd    ? 
_cell.angle_beta_esd     ? 
_cell.angle_gamma_esd    ? 
# 
_symmetry.entry_id                         2YSK 
_symmetry.space_group_name_H-M             'P 41 21 2' 
_symmetry.pdbx_full_space_group_name_H-M   ? 
_symmetry.cell_setting                     ? 
_symmetry.Int_Tables_number                92 
_symmetry.space_group_name_Hall            ? 
# 
_exptl.entry_id          2YSK 
_exptl.method            'X-RAY DIFFRACTION' 
_exptl.crystals_number   1 
# 
_exptl_crystal.id                    1 
_exptl_crystal.density_meas          ? 
_exptl_crystal.density_Matthews      2.04 
_exptl_crystal.density_percent_sol   39.85 
_exptl_crystal.description           ? 
_exptl_crystal.F_000                 ? 
_exptl_crystal.preparation           ? 
# 
_exptl_crystal_grow.crystal_id      1 
_exptl_crystal_grow.method          'VAPOR DIFFUSION, SITTING DROP' 
_exptl_crystal_grow.temp            293.15 
_exptl_crystal_grow.temp_details    ? 
_exptl_crystal_grow.pH              4.6 
_exptl_crystal_grow.pdbx_details    
'0.1M Sodium acetate, 0.08M Ammonium sulfate, 12%w/v PEG4000, pH 4.6, VAPOR DIFFUSION, SITTING DROP, temperature 293.15K' 
_exptl_crystal_grow.pdbx_pH_range   . 
# 
_diffrn.id                     1 
_diffrn.ambient_temp           100 
_diffrn.ambient_temp_details   ? 
_diffrn.crystal_id             1 
# 
_diffrn_detector.diffrn_id              1 
_diffrn_detector.detector               'IMAGE PLATE' 
_diffrn_detector.type                   'RIGAKU RAXIS V' 
_diffrn_detector.pdbx_collection_date   2003-03-14 
_diffrn_detector.details                ? 
# 
_diffrn_radiation.diffrn_id                        1 
_diffrn_radiation.wavelength_id                    1 
_diffrn_radiation.pdbx_monochromatic_or_laue_m_l   M 
_diffrn_radiation.monochromator                    ? 
_diffrn_radiation.pdbx_diffrn_protocol             'SINGLE WAVELENGTH' 
_diffrn_radiation.pdbx_scattering_type             x-ray 
# 
_diffrn_radiation_wavelength.id           1 
_diffrn_radiation_wavelength.wavelength   1.0 
_diffrn_radiation_wavelength.wt           1.0 
# 
_diffrn_source.diffrn_id                   1 
_diffrn_source.source                      SYNCHROTRON 
_diffrn_source.type                        'SPRING-8 BEAMLINE BL45XU' 
_diffrn_source.pdbx_synchrotron_site       SPring-8 
_diffrn_source.pdbx_synchrotron_beamline   BL45XU 
_diffrn_source.pdbx_wavelength             ? 
_diffrn_source.pdbx_wavelength_list        1.0 
# 
_reflns.entry_id                     2YSK 
_reflns.observed_criterion_sigma_I   ? 
_reflns.observed_criterion_sigma_F   ? 
_reflns.d_resolution_low             34.971 
_reflns.d_resolution_high            1.9 
_reflns.number_obs                   11677 
_reflns.number_all                   ? 
_reflns.percent_possible_obs         99.8 
_reflns.pdbx_Rmerge_I_obs            0.072 
_reflns.pdbx_Rsym_value              ? 
_reflns.pdbx_netI_over_sigmaI        24.68 
_reflns.B_iso_Wilson_estimate        7.6 
_reflns.pdbx_redundancy              ? 
_reflns.R_free_details               ? 
_reflns.limit_h_max                  ? 
_reflns.limit_h_min                  ? 
_reflns.limit_k_max                  ? 
_reflns.limit_k_min                  ? 
_reflns.limit_l_max                  ? 
_reflns.limit_l_min                  ? 
_reflns.observed_criterion_F_max     ? 
_reflns.observed_criterion_F_min     ? 
_reflns.pdbx_chi_squared             ? 
_reflns.pdbx_scaling_rejects         ? 
_reflns.pdbx_ordinal                 1 
_reflns.pdbx_diffrn_id               1 
# 
_reflns_shell.d_res_high             1.90 
_reflns_shell.d_res_low              1.97 
_reflns_shell.percent_possible_all   100.0 
_reflns_shell.Rmerge_I_obs           0.104 
_reflns_shell.pdbx_Rsym_value        ? 
_reflns_shell.meanI_over_sigI_obs    17.66 
_reflns_shell.pdbx_redundancy        ? 
_reflns_shell.percent_possible_obs   ? 
_reflns_shell.number_unique_all      1153 
_reflns_shell.number_measured_all    ? 
_reflns_shell.number_measured_obs    ? 
_reflns_shell.number_unique_obs      ? 
_reflns_shell.pdbx_chi_squared       ? 
_reflns_shell.pdbx_ordinal           1 
_reflns_shell.pdbx_diffrn_id         1 
# 
_refine.entry_id                                 2YSK 
_refine.ls_number_reflns_obs                     11587 
_refine.ls_number_reflns_all                     ? 
_refine.pdbx_ls_sigma_I                          ? 
_refine.pdbx_ls_sigma_F                          .0 
_refine.pdbx_data_cutoff_high_absF               1644090.23 
_refine.pdbx_data_cutoff_low_absF                .000000 
_refine.pdbx_data_cutoff_high_rms_absF           ? 
_refine.ls_d_res_low                             34.97 
_refine.ls_d_res_high                            1.90 
_refine.ls_percent_reflns_obs                    99.8 
_refine.ls_R_factor_obs                          0.206 
_refine.ls_R_factor_all                          ? 
_refine.ls_R_factor_R_work                       0.206 
_refine.ls_R_factor_R_free                       0.241 
_refine.ls_R_factor_R_free_error                 .010 
_refine.ls_R_factor_R_free_error_details         ? 
_refine.ls_percent_reflns_R_free                 5.0 
_refine.ls_number_reflns_R_free                  579 
_refine.ls_number_parameters                     ? 
_refine.ls_number_restraints                     ? 
_refine.occupancy_min                            ? 
_refine.occupancy_max                            ? 
_refine.correlation_coeff_Fo_to_Fc               ? 
_refine.correlation_coeff_Fo_to_Fc_free          ? 
_refine.B_iso_mean                               9.9 
_refine.aniso_B[1][1]                            1.65 
_refine.aniso_B[2][2]                            -2.03 
_refine.aniso_B[3][3]                            .38 
_refine.aniso_B[1][2]                            .00 
_refine.aniso_B[1][3]                            .00 
_refine.aniso_B[2][3]                            .00 
_refine.solvent_model_details                    'FLAT MODEL' 
_refine.solvent_model_param_ksol                 .384938 
_refine.solvent_model_param_bsol                 23.6056 
_refine.pdbx_solvent_vdw_probe_radii             ? 
_refine.pdbx_solvent_ion_probe_radii             ? 
_refine.pdbx_solvent_shrinkage_radii             ? 
_refine.pdbx_ls_cross_valid_method               THROUGHOUT 
_refine.details                                  'BULK SOLVENT MODEL USED' 
_refine.pdbx_starting_model                      ? 
_refine.pdbx_method_to_determine_struct          'MOLECULAR REPLACEMENT' 
_refine.pdbx_isotropic_thermal_model             RESTRAINED 
_refine.pdbx_stereochemistry_target_values       'Engh & Huber' 
_refine.pdbx_stereochem_target_val_spec_case     ? 
_refine.pdbx_R_Free_selection_details            RANDOM 
_refine.pdbx_overall_ESU_R                       ? 
_refine.pdbx_overall_ESU_R_Free                  ? 
_refine.overall_SU_ML                            ? 
_refine.overall_SU_B                             ? 
_refine.ls_redundancy_reflns_obs                 ? 
_refine.B_iso_min                                ? 
_refine.B_iso_max                                ? 
_refine.overall_SU_R_Cruickshank_DPI             ? 
_refine.overall_SU_R_free                        ? 
_refine.ls_wR_factor_R_free                      ? 
_refine.ls_wR_factor_R_work                      ? 
_refine.overall_FOM_free_R_set                   ? 
_refine.overall_FOM_work_R_set                   ? 
_refine.pdbx_overall_phase_error                 ? 
_refine.pdbx_refine_id                           'X-RAY DIFFRACTION' 
_refine.pdbx_diffrn_id                           1 
_refine.pdbx_TLS_residual_ADP_flag               ? 
_refine.pdbx_overall_SU_R_free_Cruickshank_DPI   ? 
_refine.pdbx_overall_SU_R_Blow_DPI               ? 
_refine.pdbx_overall_SU_R_free_Blow_DPI          ? 
# 
_refine_analyze.entry_id                        2YSK 
_refine_analyze.Luzzati_coordinate_error_obs    .21 
_refine_analyze.Luzzati_sigma_a_obs             .04 
_refine_analyze.Luzzati_d_res_low_obs           5.00 
_refine_analyze.Luzzati_coordinate_error_free   .26 
_refine_analyze.Luzzati_sigma_a_free            .11 
_refine_analyze.Luzzati_d_res_low_free          ? 
_refine_analyze.number_disordered_residues      ? 
_refine_analyze.occupancy_sum_hydrogen          ? 
_refine_analyze.occupancy_sum_non_hydrogen      ? 
_refine_analyze.pdbx_Luzzati_d_res_high_obs     ? 
_refine_analyze.pdbx_refine_id                  'X-RAY DIFFRACTION' 
# 
_refine_hist.pdbx_refine_id                   'X-RAY DIFFRACTION' 
_refine_hist.cycle_id                         LAST 
_refine_hist.pdbx_number_atoms_protein        1139 
_refine_hist.pdbx_number_atoms_nucleic_acid   0 
_refine_hist.pdbx_number_atoms_ligand         5 
_refine_hist.number_atoms_solvent             141 
_refine_hist.number_atoms_total               1285 
_refine_hist.d_res_high                       1.90 
_refine_hist.d_res_low                        34.97 
# 
loop_
_refine_ls_restr.type 
_refine_ls_restr.dev_ideal 
_refine_ls_restr.dev_ideal_target 
_refine_ls_restr.weight 
_refine_ls_restr.number 
_refine_ls_restr.pdbx_refine_id 
_refine_ls_restr.pdbx_restraint_function 
c_bond_d                .005 ?    ? ? 'X-RAY DIFFRACTION' ? 
c_bond_d_na             ?    ?    ? ? 'X-RAY DIFFRACTION' ? 
c_bond_d_prot           ?    ?    ? ? 'X-RAY DIFFRACTION' ? 
c_angle_d               ?    ?    ? ? 'X-RAY DIFFRACTION' ? 
c_angle_d_na            ?    ?    ? ? 'X-RAY DIFFRACTION' ? 
c_angle_d_prot          ?    ?    ? ? 'X-RAY DIFFRACTION' ? 
c_angle_deg             1.0  ?    ? ? 'X-RAY DIFFRACTION' ? 
c_angle_deg_na          ?    ?    ? ? 'X-RAY DIFFRACTION' ? 
c_angle_deg_prot        ?    ?    ? ? 'X-RAY DIFFRACTION' ? 
c_dihedral_angle_d      19.8 ?    ? ? 'X-RAY DIFFRACTION' ? 
c_dihedral_angle_d_na   ?    ?    ? ? 'X-RAY DIFFRACTION' ? 
c_dihedral_angle_d_prot ?    ?    ? ? 'X-RAY DIFFRACTION' ? 
c_improper_angle_d      1.01 ?    ? ? 'X-RAY DIFFRACTION' ? 
c_improper_angle_d_na   ?    ?    ? ? 'X-RAY DIFFRACTION' ? 
c_improper_angle_d_prot ?    ?    ? ? 'X-RAY DIFFRACTION' ? 
c_mcbond_it             1.27 1.50 ? ? 'X-RAY DIFFRACTION' ? 
c_mcangle_it            1.96 2.00 ? ? 'X-RAY DIFFRACTION' ? 
c_scbond_it             2.23 2.00 ? ? 'X-RAY DIFFRACTION' ? 
c_scangle_it            3.39 2.50 ? ? 'X-RAY DIFFRACTION' ? 
# 
_refine_ls_shell.pdbx_total_number_of_bins_used   6 
_refine_ls_shell.d_res_high                       1.90 
_refine_ls_shell.d_res_low                        2.02 
_refine_ls_shell.number_reflns_R_work             1770 
_refine_ls_shell.R_factor_R_work                  0.207 
_refine_ls_shell.percent_reflns_obs               100.0 
_refine_ls_shell.R_factor_R_free                  0.269 
_refine_ls_shell.R_factor_R_free_error            .028 
_refine_ls_shell.percent_reflns_R_free            4.9 
_refine_ls_shell.number_reflns_R_free             91 
_refine_ls_shell.number_reflns_all                ? 
_refine_ls_shell.R_factor_all                     ? 
_refine_ls_shell.number_reflns_obs                ? 
_refine_ls_shell.redundancy_reflns_obs            ? 
_refine_ls_shell.pdbx_refine_id                   'X-RAY DIFFRACTION' 
# 
loop_
_pdbx_xplor_file.serial_no 
_pdbx_xplor_file.param_file 
_pdbx_xplor_file.topol_file 
_pdbx_xplor_file.pdbx_refine_id 
1 protein.param protein.top 'X-RAY DIFFRACTION' 
2 water.param   water.top   'X-RAY DIFFRACTION' 
3 ion.param     ion.top     'X-RAY DIFFRACTION' 
# 
_struct.entry_id                  2YSK 
_struct.title                     'Crystal structure of a hypothetical protein TTHA1432 from Thermus thermophilus' 
_struct.pdbx_model_details        ? 
_struct.pdbx_CASP_flag            ? 
_struct.pdbx_model_type_details   ? 
# 
_struct_keywords.entry_id        2YSK 
_struct_keywords.pdbx_keywords   'STRUCTURAL GENOMICS, UNKNOWN FUNCTION' 
_struct_keywords.text            
;conserved hypothetical, NPPSFA, National Project on Protein Structural and Functional Analyses, RIKEN Structural Genomics/Proteomics Initiative, RSGI, STRUCTURAL GENOMICS, UNKNOWN FUNCTION
;
# 
loop_
_struct_asym.id 
_struct_asym.pdbx_blank_PDB_chainid_flag 
_struct_asym.pdbx_modified 
_struct_asym.entity_id 
_struct_asym.details 
A N N 1 ? 
B N N 2 ? 
C N N 3 ? 
# 
_struct_ref.id                         1 
_struct_ref.db_name                    UNP 
_struct_ref.db_code                    Q5SIE2_THET8 
_struct_ref.pdbx_db_accession          Q5SIE2 
_struct_ref.entity_id                  1 
_struct_ref.pdbx_seq_one_letter_code   
;MSATGLEVFDRTLHKTHAWLKAIMEELGTEDRHKAYLALRAVLHALRDRLTVEEVAQLAAQLPMLVRGLYYEGWDPTGKP
LKERHKEAFLAHVAEELKTPSGPAVDPEAATRAVFKVLSREISQGELEDVLGLLPKELRALWPQG
;
_struct_ref.pdbx_align_begin           1 
_struct_ref.pdbx_db_isoform            ? 
# 
_struct_ref_seq.align_id                      1 
_struct_ref_seq.ref_id                        1 
_struct_ref_seq.pdbx_PDB_id_code              2YSK 
_struct_ref_seq.pdbx_strand_id                A 
_struct_ref_seq.seq_align_beg                 1 
_struct_ref_seq.pdbx_seq_align_beg_ins_code   ? 
_struct_ref_seq.seq_align_end                 145 
_struct_ref_seq.pdbx_seq_align_end_ins_code   ? 
_struct_ref_seq.pdbx_db_accession             Q5SIE2 
_struct_ref_seq.db_align_beg                  1 
_struct_ref_seq.pdbx_db_align_beg_ins_code    ? 
_struct_ref_seq.db_align_end                  145 
_struct_ref_seq.pdbx_db_align_end_ins_code    ? 
_struct_ref_seq.pdbx_auth_seq_align_beg       1 
_struct_ref_seq.pdbx_auth_seq_align_end       145 
# 
_pdbx_struct_assembly.id                   1 
_pdbx_struct_assembly.details              author_and_software_defined_assembly 
_pdbx_struct_assembly.method_details       PISA 
_pdbx_struct_assembly.oligomeric_details   dimeric 
_pdbx_struct_assembly.oligomeric_count     2 
# 
loop_
_pdbx_struct_assembly_prop.biol_id 
_pdbx_struct_assembly_prop.type 
_pdbx_struct_assembly_prop.value 
_pdbx_struct_assembly_prop.details 
1 'ABSA (A^2)' 2740  ? 
1 MORE         -62.3 ? 
1 'SSA (A^2)'  13970 ? 
# 
_pdbx_struct_assembly_gen.assembly_id       1 
_pdbx_struct_assembly_gen.oper_expression   1,2 
_pdbx_struct_assembly_gen.asym_id_list      A,B,C 
# 
loop_
_pdbx_struct_oper_list.id 
_pdbx_struct_oper_list.type 
_pdbx_struct_oper_list.name 
_pdbx_struct_oper_list.symmetry_operation 
_pdbx_struct_oper_list.matrix[1][1] 
_pdbx_struct_oper_list.matrix[1][2] 
_pdbx_struct_oper_list.matrix[1][3] 
_pdbx_struct_oper_list.vector[1] 
_pdbx_struct_oper_list.matrix[2][1] 
_pdbx_struct_oper_list.matrix[2][2] 
_pdbx_struct_oper_list.matrix[2][3] 
_pdbx_struct_oper_list.vector[2] 
_pdbx_struct_oper_list.matrix[3][1] 
_pdbx_struct_oper_list.matrix[3][2] 
_pdbx_struct_oper_list.matrix[3][3] 
_pdbx_struct_oper_list.vector[3] 
1 'identity operation'         1_555 x,y,z    1.0000000000  0.0000000000  0.0000000000 0.0000000000 0.0000000000  1.0000000000  0.0000000000  0.0000000000  0.0000000000 0.0000000000  1.0000000000 0.0000000000 
2 'crystal symmetry operation' 7_556 y,x,-z+1 -0.9571397565 -0.0537820938 0.2845891300 7.0198781114 -0.0537820938 -0.9325128983 -0.3571094803 25.2397841856 0.2845891300 -0.3571094803 0.8896526548 3.7126321555 
# 
_struct_biol.id        1 
_struct_biol.details   ? 
# 
loop_
_struct_conf.conf_type_id 
_struct_conf.id 
_struct_conf.pdbx_PDB_helix_id 
_struct_conf.beg_label_comp_id 
_struct_conf.beg_label_asym_id 
_struct_conf.beg_label_seq_id 
_struct_conf.pdbx_beg_PDB_ins_code 
_struct_conf.end_label_comp_id 
_struct_conf.end_label_asym_id 
_struct_conf.end_label_seq_id 
_struct_conf.pdbx_end_PDB_ins_code 
_struct_conf.beg_auth_comp_id 
_struct_conf.beg_auth_asym_id 
_struct_conf.beg_auth_seq_id 
_struct_conf.end_auth_comp_id 
_struct_conf.end_auth_asym_id 
_struct_conf.end_auth_seq_id 
_struct_conf.pdbx_PDB_helix_class 
_struct_conf.details 
_struct_conf.pdbx_PDB_helix_length 
HELX_P HELX_P1 1 LEU A 6   ? GLY A 28  ? LEU A 6   GLY A 28  1 ? 23 
HELX_P HELX_P2 2 ASP A 31  ? ASP A 48  ? ASP A 31  ASP A 48  1 ? 18 
HELX_P HELX_P3 3 THR A 51  ? ALA A 60  ? THR A 51  ALA A 60  1 ? 10 
HELX_P HELX_P4 4 PRO A 63  ? GLU A 72  ? PRO A 63  GLU A 72  1 ? 10 
HELX_P HELX_P5 5 HIS A 85  ? GLU A 96  ? HIS A 85  GLU A 96  1 ? 12 
HELX_P HELX_P6 6 ASP A 106 ? ILE A 122 ? ASP A 106 ILE A 122 1 ? 17 
HELX_P HELX_P7 7 SER A 123 ? LEU A 133 ? SER A 123 LEU A 133 1 ? 11 
HELX_P HELX_P8 8 PRO A 135 ? ALA A 140 ? PRO A 135 ALA A 140 1 ? 6  
# 
_struct_conf_type.id          HELX_P 
_struct_conf_type.criteria    ? 
_struct_conf_type.reference   ? 
# 
_struct_sheet.id               A 
_struct_sheet.type             ? 
_struct_sheet.number_strands   2 
_struct_sheet.details          ? 
# 
_struct_sheet_order.sheet_id     A 
_struct_sheet_order.range_id_1   1 
_struct_sheet_order.range_id_2   2 
_struct_sheet_order.offset       ? 
_struct_sheet_order.sense        anti-parallel 
# 
loop_
_struct_sheet_range.sheet_id 
_struct_sheet_range.id 
_struct_sheet_range.beg_label_comp_id 
_struct_sheet_range.beg_label_asym_id 
_struct_sheet_range.beg_label_seq_id 
_struct_sheet_range.pdbx_beg_PDB_ins_code 
_struct_sheet_range.end_label_comp_id 
_struct_sheet_range.end_label_asym_id 
_struct_sheet_range.end_label_seq_id 
_struct_sheet_range.pdbx_end_PDB_ins_code 
_struct_sheet_range.beg_auth_comp_id 
_struct_sheet_range.beg_auth_asym_id 
_struct_sheet_range.beg_auth_seq_id 
_struct_sheet_range.end_auth_comp_id 
_struct_sheet_range.end_auth_asym_id 
_struct_sheet_range.end_auth_seq_id 
A 1 LYS A 98  ? THR A 99  ? LYS A 98  THR A 99  
A 2 GLY A 102 ? PRO A 103 ? GLY A 102 PRO A 103 
# 
_pdbx_struct_sheet_hbond.sheet_id                A 
_pdbx_struct_sheet_hbond.range_id_1              1 
_pdbx_struct_sheet_hbond.range_id_2              2 
_pdbx_struct_sheet_hbond.range_1_label_atom_id   N 
_pdbx_struct_sheet_hbond.range_1_label_comp_id   THR 
_pdbx_struct_sheet_hbond.range_1_label_asym_id   A 
_pdbx_struct_sheet_hbond.range_1_label_seq_id    99 
_pdbx_struct_sheet_hbond.range_1_PDB_ins_code    ? 
_pdbx_struct_sheet_hbond.range_1_auth_atom_id    N 
_pdbx_struct_sheet_hbond.range_1_auth_comp_id    THR 
_pdbx_struct_sheet_hbond.range_1_auth_asym_id    A 
_pdbx_struct_sheet_hbond.range_1_auth_seq_id     99 
_pdbx_struct_sheet_hbond.range_2_label_atom_id   O 
_pdbx_struct_sheet_hbond.range_2_label_comp_id   GLY 
_pdbx_struct_sheet_hbond.range_2_label_asym_id   A 
_pdbx_struct_sheet_hbond.range_2_label_seq_id    102 
_pdbx_struct_sheet_hbond.range_2_PDB_ins_code    ? 
_pdbx_struct_sheet_hbond.range_2_auth_atom_id    O 
_pdbx_struct_sheet_hbond.range_2_auth_comp_id    GLY 
_pdbx_struct_sheet_hbond.range_2_auth_asym_id    A 
_pdbx_struct_sheet_hbond.range_2_auth_seq_id     102 
# 
_struct_site.id                   AC1 
_struct_site.pdbx_evidence_code   Software 
_struct_site.pdbx_auth_asym_id    A 
_struct_site.pdbx_auth_comp_id    SO4 
_struct_site.pdbx_auth_seq_id     146 
_struct_site.pdbx_auth_ins_code   ? 
_struct_site.pdbx_num_residues    8 
_struct_site.details              'BINDING SITE FOR RESIDUE SO4 A 146' 
# 
loop_
_struct_site_gen.id 
_struct_site_gen.site_id 
_struct_site_gen.pdbx_num_res 
_struct_site_gen.label_comp_id 
_struct_site_gen.label_asym_id 
_struct_site_gen.label_seq_id 
_struct_site_gen.pdbx_auth_ins_code 
_struct_site_gen.auth_comp_id 
_struct_site_gen.auth_asym_id 
_struct_site_gen.auth_seq_id 
_struct_site_gen.label_atom_id 
_struct_site_gen.label_alt_id 
_struct_site_gen.symmetry 
_struct_site_gen.details 
1 AC1 8 ARG A 11 ? ARG A 11  . ? 1_555 ? 
2 AC1 8 THR A 12 ? THR A 12  . ? 1_555 ? 
3 AC1 8 LYS A 15 ? LYS A 15  . ? 1_555 ? 
4 AC1 8 PRO A 63 ? PRO A 63  . ? 1_555 ? 
5 AC1 8 MET A 64 ? MET A 64  . ? 1_555 ? 
6 AC1 8 HOH C .  ? HOH A 195 . ? 1_555 ? 
7 AC1 8 HOH C .  ? HOH A 238 . ? 1_555 ? 
8 AC1 8 HOH C .  ? HOH A 242 . ? 1_555 ? 
# 
_pdbx_validate_torsion.id              1 
_pdbx_validate_torsion.PDB_model_num   1 
_pdbx_validate_torsion.auth_comp_id    ALA 
_pdbx_validate_torsion.auth_asym_id    A 
_pdbx_validate_torsion.auth_seq_id     3 
_pdbx_validate_torsion.PDB_ins_code    ? 
_pdbx_validate_torsion.label_alt_id    ? 
_pdbx_validate_torsion.phi             -164.16 
_pdbx_validate_torsion.psi             -60.39 
# 
_pdbx_SG_project.id                    1 
_pdbx_SG_project.project_name          'NPPSFA, National Project on Protein Structural and Functional Analyses' 
_pdbx_SG_project.full_name_of_center   'RIKEN Structural Genomics/Proteomics Initiative' 
_pdbx_SG_project.initial_of_center     RSGI 
# 
_pdbx_unobs_or_zero_occ_residues.id               1 
_pdbx_unobs_or_zero_occ_residues.PDB_model_num    1 
_pdbx_unobs_or_zero_occ_residues.polymer_flag     Y 
_pdbx_unobs_or_zero_occ_residues.occupancy_flag   1 
_pdbx_unobs_or_zero_occ_residues.auth_asym_id     A 
_pdbx_unobs_or_zero_occ_residues.auth_comp_id     MET 
_pdbx_unobs_or_zero_occ_residues.auth_seq_id      1 
_pdbx_unobs_or_zero_occ_residues.PDB_ins_code     ? 
_pdbx_unobs_or_zero_occ_residues.label_asym_id    A 
_pdbx_unobs_or_zero_occ_residues.label_comp_id    MET 
_pdbx_unobs_or_zero_occ_residues.label_seq_id     1 
# 
loop_
_chem_comp_atom.comp_id 
_chem_comp_atom.atom_id 
_chem_comp_atom.type_symbol 
_chem_comp_atom.pdbx_aromatic_flag 
_chem_comp_atom.pdbx_stereo_config 
_chem_comp_atom.pdbx_ordinal 
ALA N    N N N 1   
ALA CA   C N S 2   
ALA C    C N N 3   
ALA O    O N N 4   
ALA CB   C N N 5   
ALA OXT  O N N 6   
ALA H    H N N 7   
ALA H2   H N N 8   
ALA HA   H N N 9   
ALA HB1  H N N 10  
ALA HB2  H N N 11  
ALA HB3  H N N 12  
ALA HXT  H N N 13  
ARG N    N N N 14  
ARG CA   C N S 15  
ARG C    C N N 16  
ARG O    O N N 17  
ARG CB   C N N 18  
ARG CG   C N N 19  
ARG CD   C N N 20  
ARG NE   N N N 21  
ARG CZ   C N N 22  
ARG NH1  N N N 23  
ARG NH2  N N N 24  
ARG OXT  O N N 25  
ARG H    H N N 26  
ARG H2   H N N 27  
ARG HA   H N N 28  
ARG HB2  H N N 29  
ARG HB3  H N N 30  
ARG HG2  H N N 31  
ARG HG3  H N N 32  
ARG HD2  H N N 33  
ARG HD3  H N N 34  
ARG HE   H N N 35  
ARG HH11 H N N 36  
ARG HH12 H N N 37  
ARG HH21 H N N 38  
ARG HH22 H N N 39  
ARG HXT  H N N 40  
ASP N    N N N 41  
ASP CA   C N S 42  
ASP C    C N N 43  
ASP O    O N N 44  
ASP CB   C N N 45  
ASP CG   C N N 46  
ASP OD1  O N N 47  
ASP OD2  O N N 48  
ASP OXT  O N N 49  
ASP H    H N N 50  
ASP H2   H N N 51  
ASP HA   H N N 52  
ASP HB2  H N N 53  
ASP HB3  H N N 54  
ASP HD2  H N N 55  
ASP HXT  H N N 56  
GLN N    N N N 57  
GLN CA   C N S 58  
GLN C    C N N 59  
GLN O    O N N 60  
GLN CB   C N N 61  
GLN CG   C N N 62  
GLN CD   C N N 63  
GLN OE1  O N N 64  
GLN NE2  N N N 65  
GLN OXT  O N N 66  
GLN H    H N N 67  
GLN H2   H N N 68  
GLN HA   H N N 69  
GLN HB2  H N N 70  
GLN HB3  H N N 71  
GLN HG2  H N N 72  
GLN HG3  H N N 73  
GLN HE21 H N N 74  
GLN HE22 H N N 75  
GLN HXT  H N N 76  
GLU N    N N N 77  
GLU CA   C N S 78  
GLU C    C N N 79  
GLU O    O N N 80  
GLU CB   C N N 81  
GLU CG   C N N 82  
GLU CD   C N N 83  
GLU OE1  O N N 84  
GLU OE2  O N N 85  
GLU OXT  O N N 86  
GLU H    H N N 87  
GLU H2   H N N 88  
GLU HA   H N N 89  
GLU HB2  H N N 90  
GLU HB3  H N N 91  
GLU HG2  H N N 92  
GLU HG3  H N N 93  
GLU HE2  H N N 94  
GLU HXT  H N N 95  
GLY N    N N N 96  
GLY CA   C N N 97  
GLY C    C N N 98  
GLY O    O N N 99  
GLY OXT  O N N 100 
GLY H    H N N 101 
GLY H2   H N N 102 
GLY HA2  H N N 103 
GLY HA3  H N N 104 
GLY HXT  H N N 105 
HIS N    N N N 106 
HIS CA   C N S 107 
HIS C    C N N 108 
HIS O    O N N 109 
HIS CB   C N N 110 
HIS CG   C Y N 111 
HIS ND1  N Y N 112 
HIS CD2  C Y N 113 
HIS CE1  C Y N 114 
HIS NE2  N Y N 115 
HIS OXT  O N N 116 
HIS H    H N N 117 
HIS H2   H N N 118 
HIS HA   H N N 119 
HIS HB2  H N N 120 
HIS HB3  H N N 121 
HIS HD1  H N N 122 
HIS HD2  H N N 123 
HIS HE1  H N N 124 
HIS HE2  H N N 125 
HIS HXT  H N N 126 
HOH O    O N N 127 
HOH H1   H N N 128 
HOH H2   H N N 129 
ILE N    N N N 130 
ILE CA   C N S 131 
ILE C    C N N 132 
ILE O    O N N 133 
ILE CB   C N S 134 
ILE CG1  C N N 135 
ILE CG2  C N N 136 
ILE CD1  C N N 137 
ILE OXT  O N N 138 
ILE H    H N N 139 
ILE H2   H N N 140 
ILE HA   H N N 141 
ILE HB   H N N 142 
ILE HG12 H N N 143 
ILE HG13 H N N 144 
ILE HG21 H N N 145 
ILE HG22 H N N 146 
ILE HG23 H N N 147 
ILE HD11 H N N 148 
ILE HD12 H N N 149 
ILE HD13 H N N 150 
ILE HXT  H N N 151 
LEU N    N N N 152 
LEU CA   C N S 153 
LEU C    C N N 154 
LEU O    O N N 155 
LEU CB   C N N 156 
LEU CG   C N N 157 
LEU CD1  C N N 158 
LEU CD2  C N N 159 
LEU OXT  O N N 160 
LEU H    H N N 161 
LEU H2   H N N 162 
LEU HA   H N N 163 
LEU HB2  H N N 164 
LEU HB3  H N N 165 
LEU HG   H N N 166 
LEU HD11 H N N 167 
LEU HD12 H N N 168 
LEU HD13 H N N 169 
LEU HD21 H N N 170 
LEU HD22 H N N 171 
LEU HD23 H N N 172 
LEU HXT  H N N 173 
LYS N    N N N 174 
LYS CA   C N S 175 
LYS C    C N N 176 
LYS O    O N N 177 
LYS CB   C N N 178 
LYS CG   C N N 179 
LYS CD   C N N 180 
LYS CE   C N N 181 
LYS NZ   N N N 182 
LYS OXT  O N N 183 
LYS H    H N N 184 
LYS H2   H N N 185 
LYS HA   H N N 186 
LYS HB2  H N N 187 
LYS HB3  H N N 188 
LYS HG2  H N N 189 
LYS HG3  H N N 190 
LYS HD2  H N N 191 
LYS HD3  H N N 192 
LYS HE2  H N N 193 
LYS HE3  H N N 194 
LYS HZ1  H N N 195 
LYS HZ2  H N N 196 
LYS HZ3  H N N 197 
LYS HXT  H N N 198 
MET N    N N N 199 
MET CA   C N S 200 
MET C    C N N 201 
MET O    O N N 202 
MET CB   C N N 203 
MET CG   C N N 204 
MET SD   S N N 205 
MET CE   C N N 206 
MET OXT  O N N 207 
MET H    H N N 208 
MET H2   H N N 209 
MET HA   H N N 210 
MET HB2  H N N 211 
MET HB3  H N N 212 
MET HG2  H N N 213 
MET HG3  H N N 214 
MET HE1  H N N 215 
MET HE2  H N N 216 
MET HE3  H N N 217 
MET HXT  H N N 218 
PHE N    N N N 219 
PHE CA   C N S 220 
PHE C    C N N 221 
PHE O    O N N 222 
PHE CB   C N N 223 
PHE CG   C Y N 224 
PHE CD1  C Y N 225 
PHE CD2  C Y N 226 
PHE CE1  C Y N 227 
PHE CE2  C Y N 228 
PHE CZ   C Y N 229 
PHE OXT  O N N 230 
PHE H    H N N 231 
PHE H2   H N N 232 
PHE HA   H N N 233 
PHE HB2  H N N 234 
PHE HB3  H N N 235 
PHE HD1  H N N 236 
PHE HD2  H N N 237 
PHE HE1  H N N 238 
PHE HE2  H N N 239 
PHE HZ   H N N 240 
PHE HXT  H N N 241 
PRO N    N N N 242 
PRO CA   C N S 243 
PRO C    C N N 244 
PRO O    O N N 245 
PRO CB   C N N 246 
PRO CG   C N N 247 
PRO CD   C N N 248 
PRO OXT  O N N 249 
PRO H    H N N 250 
PRO HA   H N N 251 
PRO HB2  H N N 252 
PRO HB3  H N N 253 
PRO HG2  H N N 254 
PRO HG3  H N N 255 
PRO HD2  H N N 256 
PRO HD3  H N N 257 
PRO HXT  H N N 258 
SER N    N N N 259 
SER CA   C N S 260 
SER C    C N N 261 
SER O    O N N 262 
SER CB   C N N 263 
SER OG   O N N 264 
SER OXT  O N N 265 
SER H    H N N 266 
SER H2   H N N 267 
SER HA   H N N 268 
SER HB2  H N N 269 
SER HB3  H N N 270 
SER HG   H N N 271 
SER HXT  H N N 272 
SO4 S    S N N 273 
SO4 O1   O N N 274 
SO4 O2   O N N 275 
SO4 O3   O N N 276 
SO4 O4   O N N 277 
THR N    N N N 278 
THR CA   C N S 279 
THR C    C N N 280 
THR O    O N N 281 
THR CB   C N R 282 
THR OG1  O N N 283 
THR CG2  C N N 284 
THR OXT  O N N 285 
THR H    H N N 286 
THR H2   H N N 287 
THR HA   H N N 288 
THR HB   H N N 289 
THR HG1  H N N 290 
THR HG21 H N N 291 
THR HG22 H N N 292 
THR HG23 H N N 293 
THR HXT  H N N 294 
TRP N    N N N 295 
TRP CA   C N S 296 
TRP C    C N N 297 
TRP O    O N N 298 
TRP CB   C N N 299 
TRP CG   C Y N 300 
TRP CD1  C Y N 301 
TRP CD2  C Y N 302 
TRP NE1  N Y N 303 
TRP CE2  C Y N 304 
TRP CE3  C Y N 305 
TRP CZ2  C Y N 306 
TRP CZ3  C Y N 307 
TRP CH2  C Y N 308 
TRP OXT  O N N 309 
TRP H    H N N 310 
TRP H2   H N N 311 
TRP HA   H N N 312 
TRP HB2  H N N 313 
TRP HB3  H N N 314 
TRP HD1  H N N 315 
TRP HE1  H N N 316 
TRP HE3  H N N 317 
TRP HZ2  H N N 318 
TRP HZ3  H N N 319 
TRP HH2  H N N 320 
TRP HXT  H N N 321 
TYR N    N N N 322 
TYR CA   C N S 323 
TYR C    C N N 324 
TYR O    O N N 325 
TYR CB   C N N 326 
TYR CG   C Y N 327 
TYR CD1  C Y N 328 
TYR CD2  C Y N 329 
TYR CE1  C Y N 330 
TYR CE2  C Y N 331 
TYR CZ   C Y N 332 
TYR OH   O N N 333 
TYR OXT  O N N 334 
TYR H    H N N 335 
TYR H2   H N N 336 
TYR HA   H N N 337 
TYR HB2  H N N 338 
TYR HB3  H N N 339 
TYR HD1  H N N 340 
TYR HD2  H N N 341 
TYR HE1  H N N 342 
TYR HE2  H N N 343 
TYR HH   H N N 344 
TYR HXT  H N N 345 
VAL N    N N N 346 
VAL CA   C N S 347 
VAL C    C N N 348 
VAL O    O N N 349 
VAL CB   C N N 350 
VAL CG1  C N N 351 
VAL CG2  C N N 352 
VAL OXT  O N N 353 
VAL H    H N N 354 
VAL H2   H N N 355 
VAL HA   H N N 356 
VAL HB   H N N 357 
VAL HG11 H N N 358 
VAL HG12 H N N 359 
VAL HG13 H N N 360 
VAL HG21 H N N 361 
VAL HG22 H N N 362 
VAL HG23 H N N 363 
VAL HXT  H N N 364 
# 
loop_
_chem_comp_bond.comp_id 
_chem_comp_bond.atom_id_1 
_chem_comp_bond.atom_id_2 
_chem_comp_bond.value_order 
_chem_comp_bond.pdbx_aromatic_flag 
_chem_comp_bond.pdbx_stereo_config 
_chem_comp_bond.pdbx_ordinal 
ALA N   CA   sing N N 1   
ALA N   H    sing N N 2   
ALA N   H2   sing N N 3   
ALA CA  C    sing N N 4   
ALA CA  CB   sing N N 5   
ALA CA  HA   sing N N 6   
ALA C   O    doub N N 7   
ALA C   OXT  sing N N 8   
ALA CB  HB1  sing N N 9   
ALA CB  HB2  sing N N 10  
ALA CB  HB3  sing N N 11  
ALA OXT HXT  sing N N 12  
ARG N   CA   sing N N 13  
ARG N   H    sing N N 14  
ARG N   H2   sing N N 15  
ARG CA  C    sing N N 16  
ARG CA  CB   sing N N 17  
ARG CA  HA   sing N N 18  
ARG C   O    doub N N 19  
ARG C   OXT  sing N N 20  
ARG CB  CG   sing N N 21  
ARG CB  HB2  sing N N 22  
ARG CB  HB3  sing N N 23  
ARG CG  CD   sing N N 24  
ARG CG  HG2  sing N N 25  
ARG CG  HG3  sing N N 26  
ARG CD  NE   sing N N 27  
ARG CD  HD2  sing N N 28  
ARG CD  HD3  sing N N 29  
ARG NE  CZ   sing N N 30  
ARG NE  HE   sing N N 31  
ARG CZ  NH1  sing N N 32  
ARG CZ  NH2  doub N N 33  
ARG NH1 HH11 sing N N 34  
ARG NH1 HH12 sing N N 35  
ARG NH2 HH21 sing N N 36  
ARG NH2 HH22 sing N N 37  
ARG OXT HXT  sing N N 38  
ASP N   CA   sing N N 39  
ASP N   H    sing N N 40  
ASP N   H2   sing N N 41  
ASP CA  C    sing N N 42  
ASP CA  CB   sing N N 43  
ASP CA  HA   sing N N 44  
ASP C   O    doub N N 45  
ASP C   OXT  sing N N 46  
ASP CB  CG   sing N N 47  
ASP CB  HB2  sing N N 48  
ASP CB  HB3  sing N N 49  
ASP CG  OD1  doub N N 50  
ASP CG  OD2  sing N N 51  
ASP OD2 HD2  sing N N 52  
ASP OXT HXT  sing N N 53  
GLN N   CA   sing N N 54  
GLN N   H    sing N N 55  
GLN N   H2   sing N N 56  
GLN CA  C    sing N N 57  
GLN CA  CB   sing N N 58  
GLN CA  HA   sing N N 59  
GLN C   O    doub N N 60  
GLN C   OXT  sing N N 61  
GLN CB  CG   sing N N 62  
GLN CB  HB2  sing N N 63  
GLN CB  HB3  sing N N 64  
GLN CG  CD   sing N N 65  
GLN CG  HG2  sing N N 66  
GLN CG  HG3  sing N N 67  
GLN CD  OE1  doub N N 68  
GLN CD  NE2  sing N N 69  
GLN NE2 HE21 sing N N 70  
GLN NE2 HE22 sing N N 71  
GLN OXT HXT  sing N N 72  
GLU N   CA   sing N N 73  
GLU N   H    sing N N 74  
GLU N   H2   sing N N 75  
GLU CA  C    sing N N 76  
GLU CA  CB   sing N N 77  
GLU CA  HA   sing N N 78  
GLU C   O    doub N N 79  
GLU C   OXT  sing N N 80  
GLU CB  CG   sing N N 81  
GLU CB  HB2  sing N N 82  
GLU CB  HB3  sing N N 83  
GLU CG  CD   sing N N 84  
GLU CG  HG2  sing N N 85  
GLU CG  HG3  sing N N 86  
GLU CD  OE1  doub N N 87  
GLU CD  OE2  sing N N 88  
GLU OE2 HE2  sing N N 89  
GLU OXT HXT  sing N N 90  
GLY N   CA   sing N N 91  
GLY N   H    sing N N 92  
GLY N   H2   sing N N 93  
GLY CA  C    sing N N 94  
GLY CA  HA2  sing N N 95  
GLY CA  HA3  sing N N 96  
GLY C   O    doub N N 97  
GLY C   OXT  sing N N 98  
GLY OXT HXT  sing N N 99  
HIS N   CA   sing N N 100 
HIS N   H    sing N N 101 
HIS N   H2   sing N N 102 
HIS CA  C    sing N N 103 
HIS CA  CB   sing N N 104 
HIS CA  HA   sing N N 105 
HIS C   O    doub N N 106 
HIS C   OXT  sing N N 107 
HIS CB  CG   sing N N 108 
HIS CB  HB2  sing N N 109 
HIS CB  HB3  sing N N 110 
HIS CG  ND1  sing Y N 111 
HIS CG  CD2  doub Y N 112 
HIS ND1 CE1  doub Y N 113 
HIS ND1 HD1  sing N N 114 
HIS CD2 NE2  sing Y N 115 
HIS CD2 HD2  sing N N 116 
HIS CE1 NE2  sing Y N 117 
HIS CE1 HE1  sing N N 118 
HIS NE2 HE2  sing N N 119 
HIS OXT HXT  sing N N 120 
HOH O   H1   sing N N 121 
HOH O   H2   sing N N 122 
ILE N   CA   sing N N 123 
ILE N   H    sing N N 124 
ILE N   H2   sing N N 125 
ILE CA  C    sing N N 126 
ILE CA  CB   sing N N 127 
ILE CA  HA   sing N N 128 
ILE C   O    doub N N 129 
ILE C   OXT  sing N N 130 
ILE CB  CG1  sing N N 131 
ILE CB  CG2  sing N N 132 
ILE CB  HB   sing N N 133 
ILE CG1 CD1  sing N N 134 
ILE CG1 HG12 sing N N 135 
ILE CG1 HG13 sing N N 136 
ILE CG2 HG21 sing N N 137 
ILE CG2 HG22 sing N N 138 
ILE CG2 HG23 sing N N 139 
ILE CD1 HD11 sing N N 140 
ILE CD1 HD12 sing N N 141 
ILE CD1 HD13 sing N N 142 
ILE OXT HXT  sing N N 143 
LEU N   CA   sing N N 144 
LEU N   H    sing N N 145 
LEU N   H2   sing N N 146 
LEU CA  C    sing N N 147 
LEU CA  CB   sing N N 148 
LEU CA  HA   sing N N 149 
LEU C   O    doub N N 150 
LEU C   OXT  sing N N 151 
LEU CB  CG   sing N N 152 
LEU CB  HB2  sing N N 153 
LEU CB  HB3  sing N N 154 
LEU CG  CD1  sing N N 155 
LEU CG  CD2  sing N N 156 
LEU CG  HG   sing N N 157 
LEU CD1 HD11 sing N N 158 
LEU CD1 HD12 sing N N 159 
LEU CD1 HD13 sing N N 160 
LEU CD2 HD21 sing N N 161 
LEU CD2 HD22 sing N N 162 
LEU CD2 HD23 sing N N 163 
LEU OXT HXT  sing N N 164 
LYS N   CA   sing N N 165 
LYS N   H    sing N N 166 
LYS N   H2   sing N N 167 
LYS CA  C    sing N N 168 
LYS CA  CB   sing N N 169 
LYS CA  HA   sing N N 170 
LYS C   O    doub N N 171 
LYS C   OXT  sing N N 172 
LYS CB  CG   sing N N 173 
LYS CB  HB2  sing N N 174 
LYS CB  HB3  sing N N 175 
LYS CG  CD   sing N N 176 
LYS CG  HG2  sing N N 177 
LYS CG  HG3  sing N N 178 
LYS CD  CE   sing N N 179 
LYS CD  HD2  sing N N 180 
LYS CD  HD3  sing N N 181 
LYS CE  NZ   sing N N 182 
LYS CE  HE2  sing N N 183 
LYS CE  HE3  sing N N 184 
LYS NZ  HZ1  sing N N 185 
LYS NZ  HZ2  sing N N 186 
LYS NZ  HZ3  sing N N 187 
LYS OXT HXT  sing N N 188 
MET N   CA   sing N N 189 
MET N   H    sing N N 190 
MET N   H2   sing N N 191 
MET CA  C    sing N N 192 
MET CA  CB   sing N N 193 
MET CA  HA   sing N N 194 
MET C   O    doub N N 195 
MET C   OXT  sing N N 196 
MET CB  CG   sing N N 197 
MET CB  HB2  sing N N 198 
MET CB  HB3  sing N N 199 
MET CG  SD   sing N N 200 
MET CG  HG2  sing N N 201 
MET CG  HG3  sing N N 202 
MET SD  CE   sing N N 203 
MET CE  HE1  sing N N 204 
MET CE  HE2  sing N N 205 
MET CE  HE3  sing N N 206 
MET OXT HXT  sing N N 207 
PHE N   CA   sing N N 208 
PHE N   H    sing N N 209 
PHE N   H2   sing N N 210 
PHE CA  C    sing N N 211 
PHE CA  CB   sing N N 212 
PHE CA  HA   sing N N 213 
PHE C   O    doub N N 214 
PHE C   OXT  sing N N 215 
PHE CB  CG   sing N N 216 
PHE CB  HB2  sing N N 217 
PHE CB  HB3  sing N N 218 
PHE CG  CD1  doub Y N 219 
PHE CG  CD2  sing Y N 220 
PHE CD1 CE1  sing Y N 221 
PHE CD1 HD1  sing N N 222 
PHE CD2 CE2  doub Y N 223 
PHE CD2 HD2  sing N N 224 
PHE CE1 CZ   doub Y N 225 
PHE CE1 HE1  sing N N 226 
PHE CE2 CZ   sing Y N 227 
PHE CE2 HE2  sing N N 228 
PHE CZ  HZ   sing N N 229 
PHE OXT HXT  sing N N 230 
PRO N   CA   sing N N 231 
PRO N   CD   sing N N 232 
PRO N   H    sing N N 233 
PRO CA  C    sing N N 234 
PRO CA  CB   sing N N 235 
PRO CA  HA   sing N N 236 
PRO C   O    doub N N 237 
PRO C   OXT  sing N N 238 
PRO CB  CG   sing N N 239 
PRO CB  HB2  sing N N 240 
PRO CB  HB3  sing N N 241 
PRO CG  CD   sing N N 242 
PRO CG  HG2  sing N N 243 
PRO CG  HG3  sing N N 244 
PRO CD  HD2  sing N N 245 
PRO CD  HD3  sing N N 246 
PRO OXT HXT  sing N N 247 
SER N   CA   sing N N 248 
SER N   H    sing N N 249 
SER N   H2   sing N N 250 
SER CA  C    sing N N 251 
SER CA  CB   sing N N 252 
SER CA  HA   sing N N 253 
SER C   O    doub N N 254 
SER C   OXT  sing N N 255 
SER CB  OG   sing N N 256 
SER CB  HB2  sing N N 257 
SER CB  HB3  sing N N 258 
SER OG  HG   sing N N 259 
SER OXT HXT  sing N N 260 
SO4 S   O1   doub N N 261 
SO4 S   O2   doub N N 262 
SO4 S   O3   sing N N 263 
SO4 S   O4   sing N N 264 
THR N   CA   sing N N 265 
THR N   H    sing N N 266 
THR N   H2   sing N N 267 
THR CA  C    sing N N 268 
THR CA  CB   sing N N 269 
THR CA  HA   sing N N 270 
THR C   O    doub N N 271 
THR C   OXT  sing N N 272 
THR CB  OG1  sing N N 273 
THR CB  CG2  sing N N 274 
THR CB  HB   sing N N 275 
THR OG1 HG1  sing N N 276 
THR CG2 HG21 sing N N 277 
THR CG2 HG22 sing N N 278 
THR CG2 HG23 sing N N 279 
THR OXT HXT  sing N N 280 
TRP N   CA   sing N N 281 
TRP N   H    sing N N 282 
TRP N   H2   sing N N 283 
TRP CA  C    sing N N 284 
TRP CA  CB   sing N N 285 
TRP CA  HA   sing N N 286 
TRP C   O    doub N N 287 
TRP C   OXT  sing N N 288 
TRP CB  CG   sing N N 289 
TRP CB  HB2  sing N N 290 
TRP CB  HB3  sing N N 291 
TRP CG  CD1  doub Y N 292 
TRP CG  CD2  sing Y N 293 
TRP CD1 NE1  sing Y N 294 
TRP CD1 HD1  sing N N 295 
TRP CD2 CE2  doub Y N 296 
TRP CD2 CE3  sing Y N 297 
TRP NE1 CE2  sing Y N 298 
TRP NE1 HE1  sing N N 299 
TRP CE2 CZ2  sing Y N 300 
TRP CE3 CZ3  doub Y N 301 
TRP CE3 HE3  sing N N 302 
TRP CZ2 CH2  doub Y N 303 
TRP CZ2 HZ2  sing N N 304 
TRP CZ3 CH2  sing Y N 305 
TRP CZ3 HZ3  sing N N 306 
TRP CH2 HH2  sing N N 307 
TRP OXT HXT  sing N N 308 
TYR N   CA   sing N N 309 
TYR N   H    sing N N 310 
TYR N   H2   sing N N 311 
TYR CA  C    sing N N 312 
TYR CA  CB   sing N N 313 
TYR CA  HA   sing N N 314 
TYR C   O    doub N N 315 
TYR C   OXT  sing N N 316 
TYR CB  CG   sing N N 317 
TYR CB  HB2  sing N N 318 
TYR CB  HB3  sing N N 319 
TYR CG  CD1  doub Y N 320 
TYR CG  CD2  sing Y N 321 
TYR CD1 CE1  sing Y N 322 
TYR CD1 HD1  sing N N 323 
TYR CD2 CE2  doub Y N 324 
TYR CD2 HD2  sing N N 325 
TYR CE1 CZ   doub Y N 326 
TYR CE1 HE1  sing N N 327 
TYR CE2 CZ   sing Y N 328 
TYR CE2 HE2  sing N N 329 
TYR CZ  OH   sing N N 330 
TYR OH  HH   sing N N 331 
TYR OXT HXT  sing N N 332 
VAL N   CA   sing N N 333 
VAL N   H    sing N N 334 
VAL N   H2   sing N N 335 
VAL CA  C    sing N N 336 
VAL CA  CB   sing N N 337 
VAL CA  HA   sing N N 338 
VAL C   O    doub N N 339 
VAL C   OXT  sing N N 340 
VAL CB  CG1  sing N N 341 
VAL CB  CG2  sing N N 342 
VAL CB  HB   sing N N 343 
VAL CG1 HG11 sing N N 344 
VAL CG1 HG12 sing N N 345 
VAL CG1 HG13 sing N N 346 
VAL CG2 HG21 sing N N 347 
VAL CG2 HG22 sing N N 348 
VAL CG2 HG23 sing N N 349 
VAL OXT HXT  sing N N 350 
# 
_atom_sites.entry_id                    2YSK 
_atom_sites.fract_transf_matrix[1][1]   -0.01520367 
_atom_sites.fract_transf_matrix[1][2]   0.00357986 
_atom_sites.fract_transf_matrix[1][3]   0.02348281 
_atom_sites.fract_transf_matrix[2][1]   0.02104245 
_atom_sites.fract_transf_matrix[2][2]   -0.01090652 
_atom_sites.fract_transf_matrix[2][3]   0.01528634 
_atom_sites.fract_transf_matrix[3][1]   0.00184375 
_atom_sites.fract_transf_matrix[3][2]   0.00430953 
_atom_sites.fract_transf_matrix[3][3]   0.00053674 
_atom_sites.fract_transf_vector[1]      0.825497 
_atom_sites.fract_transf_vector[2]      0.896307 
_atom_sites.fract_transf_vector[3]      0.438174 
# 
loop_
_atom_type.symbol 
C 
N 
O 
S 
# 
loop_
_atom_site.group_PDB 
_atom_site.id 
_atom_site.type_symbol 
_atom_site.label_atom_id 
_atom_site.label_alt_id 
_atom_site.label_comp_id 
_atom_site.label_asym_id 
_atom_site.label_entity_id 
_atom_site.label_seq_id 
_atom_site.pdbx_PDB_ins_code 
_atom_site.Cartn_x 
_atom_site.Cartn_y 
_atom_site.Cartn_z 
_atom_site.occupancy 
_atom_site.B_iso_or_equiv 
_atom_site.pdbx_formal_charge 
_atom_site.auth_seq_id 
_atom_site.auth_comp_id 
_atom_site.auth_asym_id 
_atom_site.auth_atom_id 
_atom_site.pdbx_PDB_model_num 
ATOM   1    N N   . SER A 1 2   ? 5.881   20.026  -20.398 1.00 39.43 ? 2   SER A N   1 
ATOM   2    C CA  . SER A 1 2   ? 5.972   18.549  -20.581 1.00 37.93 ? 2   SER A CA  1 
ATOM   3    C C   . SER A 1 2   ? 4.930   17.809  -19.745 1.00 36.89 ? 2   SER A C   1 
ATOM   4    O O   . SER A 1 2   ? 4.355   16.817  -20.200 1.00 38.41 ? 2   SER A O   1 
ATOM   5    C CB  . SER A 1 2   ? 7.379   18.052  -20.234 1.00 38.97 ? 2   SER A CB  1 
ATOM   6    O OG  . SER A 1 2   ? 8.350   18.628  -21.093 1.00 39.98 ? 2   SER A OG  1 
ATOM   7    N N   . ALA A 1 3   ? 4.682   18.298  -18.532 1.00 34.47 ? 3   ALA A N   1 
ATOM   8    C CA  . ALA A 1 3   ? 3.702   17.685  -17.638 1.00 31.47 ? 3   ALA A CA  1 
ATOM   9    C C   . ALA A 1 3   ? 3.305   18.609  -16.489 1.00 29.15 ? 3   ALA A C   1 
ATOM   10   O O   . ALA A 1 3   ? 2.131   18.951  -16.343 1.00 29.79 ? 3   ALA A O   1 
ATOM   11   C CB  . ALA A 1 3   ? 4.231   16.369  -17.094 1.00 33.19 ? 3   ALA A CB  1 
ATOM   12   N N   . THR A 1 4   ? 4.280   18.997  -15.671 1.00 25.12 ? 4   THR A N   1 
ATOM   13   C CA  . THR A 1 4   ? 4.025   19.881  -14.533 1.00 19.83 ? 4   THR A CA  1 
ATOM   14   C C   . THR A 1 4   ? 4.885   21.137  -14.608 1.00 18.31 ? 4   THR A C   1 
ATOM   15   O O   . THR A 1 4   ? 4.665   22.095  -13.869 1.00 17.13 ? 4   THR A O   1 
ATOM   16   C CB  . THR A 1 4   ? 4.349   19.195  -13.182 1.00 19.32 ? 4   THR A CB  1 
ATOM   17   O OG1 . THR A 1 4   ? 5.770   19.062  -13.038 1.00 14.76 ? 4   THR A OG1 1 
ATOM   18   C CG2 . THR A 1 4   ? 3.702   17.821  -13.100 1.00 16.74 ? 4   THR A CG2 1 
ATOM   19   N N   . GLY A 1 5   ? 5.880   21.116  -15.490 1.00 15.73 ? 5   GLY A N   1 
ATOM   20   C CA  . GLY A 1 5   ? 6.774   22.250  -15.616 1.00 13.08 ? 5   GLY A CA  1 
ATOM   21   C C   . GLY A 1 5   ? 7.961   22.097  -14.682 1.00 11.28 ? 5   GLY A C   1 
ATOM   22   O O   . GLY A 1 5   ? 8.856   22.949  -14.661 1.00 10.59 ? 5   GLY A O   1 
ATOM   23   N N   . LEU A 1 6   ? 7.951   21.027  -13.886 1.00 8.39  ? 6   LEU A N   1 
ATOM   24   C CA  . LEU A 1 6   ? 9.033   20.738  -12.944 1.00 9.03  ? 6   LEU A CA  1 
ATOM   25   C C   . LEU A 1 6   ? 9.522   19.307  -13.115 1.00 7.92  ? 6   LEU A C   1 
ATOM   26   O O   . LEU A 1 6   ? 8.738   18.362  -13.046 1.00 6.94  ? 6   LEU A O   1 
ATOM   27   C CB  . LEU A 1 6   ? 8.586   20.947  -11.494 1.00 10.29 ? 6   LEU A CB  1 
ATOM   28   C CG  . LEU A 1 6   ? 8.431   22.375  -10.965 1.00 13.93 ? 6   LEU A CG  1 
ATOM   29   C CD1 . LEU A 1 6   ? 7.148   23.000  -11.490 1.00 15.19 ? 6   LEU A CD1 1 
ATOM   30   C CD2 . LEU A 1 6   ? 8.403   22.339  -9.448  1.00 16.55 ? 6   LEU A CD2 1 
ATOM   31   N N   . GLU A 1 7   ? 10.823  19.152  -13.340 1.00 9.19  ? 7   GLU A N   1 
ATOM   32   C CA  . GLU A 1 7   ? 11.418  17.831  -13.527 1.00 9.49  ? 7   GLU A CA  1 
ATOM   33   C C   . GLU A 1 7   ? 11.194  16.916  -12.328 1.00 8.13  ? 7   GLU A C   1 
ATOM   34   O O   . GLU A 1 7   ? 10.921  15.725  -12.491 1.00 5.77  ? 7   GLU A O   1 
ATOM   35   C CB  . GLU A 1 7   ? 12.915  17.962  -13.810 1.00 9.61  ? 7   GLU A CB  1 
ATOM   36   C CG  . GLU A 1 7   ? 13.234  18.618  -15.147 1.00 11.19 ? 7   GLU A CG  1 
ATOM   37   C CD  . GLU A 1 7   ? 12.776  17.790  -16.338 1.00 14.72 ? 7   GLU A CD  1 
ATOM   38   O OE1 . GLU A 1 7   ? 13.048  16.568  -16.361 1.00 12.80 ? 7   GLU A OE1 1 
ATOM   39   O OE2 . GLU A 1 7   ? 12.147  18.364  -17.253 1.00 15.45 ? 7   GLU A OE2 1 
ATOM   40   N N   . VAL A 1 8   ? 11.301  17.478  -11.126 1.00 7.89  ? 8   VAL A N   1 
ATOM   41   C CA  . VAL A 1 8   ? 11.109  16.706  -9.902  1.00 9.41  ? 8   VAL A CA  1 
ATOM   42   C C   . VAL A 1 8   ? 9.704   16.102  -9.827  1.00 8.17  ? 8   VAL A C   1 
ATOM   43   O O   . VAL A 1 8   ? 9.544   14.930  -9.452  1.00 7.45  ? 8   VAL A O   1 
ATOM   44   C CB  . VAL A 1 8   ? 11.427  17.560  -8.635  1.00 11.46 ? 8   VAL A CB  1 
ATOM   45   C CG1 . VAL A 1 8   ? 10.558  18.815  -8.596  1.00 12.80 ? 8   VAL A CG1 1 
ATOM   46   C CG2 . VAL A 1 8   ? 11.245  16.729  -7.370  1.00 13.19 ? 8   VAL A CG2 1 
ATOM   47   N N   . PHE A 1 9   ? 8.692   16.878  -10.217 1.00 7.60  ? 9   PHE A N   1 
ATOM   48   C CA  . PHE A 1 9   ? 7.318   16.379  -10.199 1.00 6.16  ? 9   PHE A CA  1 
ATOM   49   C C   . PHE A 1 9   ? 7.049   15.421  -11.357 1.00 5.44  ? 9   PHE A C   1 
ATOM   50   O O   . PHE A 1 9   ? 6.336   14.439  -11.187 1.00 5.51  ? 9   PHE A O   1 
ATOM   51   C CB  . PHE A 1 9   ? 6.304   17.524  -10.200 1.00 7.04  ? 9   PHE A CB  1 
ATOM   52   C CG  . PHE A 1 9   ? 6.247   18.290  -8.905  1.00 6.57  ? 9   PHE A CG  1 
ATOM   53   C CD1 . PHE A 1 9   ? 6.745   17.738  -7.728  1.00 7.32  ? 9   PHE A CD1 1 
ATOM   54   C CD2 . PHE A 1 9   ? 5.692   19.564  -8.864  1.00 5.75  ? 9   PHE A CD2 1 
ATOM   55   C CE1 . PHE A 1 9   ? 6.689   18.446  -6.527  1.00 7.32  ? 9   PHE A CE1 1 
ATOM   56   C CE2 . PHE A 1 9   ? 5.632   20.279  -7.673  1.00 6.58  ? 9   PHE A CE2 1 
ATOM   57   C CZ  . PHE A 1 9   ? 6.131   19.719  -6.502  1.00 6.23  ? 9   PHE A CZ  1 
ATOM   58   N N   . ASP A 1 10  ? 7.627   15.700  -12.525 1.00 6.28  ? 10  ASP A N   1 
ATOM   59   C CA  . ASP A 1 10  ? 7.458   14.828  -13.692 1.00 6.26  ? 10  ASP A CA  1 
ATOM   60   C C   . ASP A 1 10  ? 8.024   13.451  -13.355 1.00 6.47  ? 10  ASP A C   1 
ATOM   61   O O   . ASP A 1 10  ? 7.475   12.420  -13.751 1.00 5.92  ? 10  ASP A O   1 
ATOM   62   C CB  . ASP A 1 10  ? 8.204   15.390  -14.913 1.00 7.87  ? 10  ASP A CB  1 
ATOM   63   C CG  . ASP A 1 10  ? 7.587   16.671  -15.451 1.00 11.45 ? 10  ASP A CG  1 
ATOM   64   O OD1 . ASP A 1 10  ? 6.528   17.106  -14.948 1.00 13.83 ? 10  ASP A OD1 1 
ATOM   65   O OD2 . ASP A 1 10  ? 8.172   17.252  -16.389 1.00 13.34 ? 10  ASP A OD2 1 
ATOM   66   N N   . ARG A 1 11  ? 9.131   13.454  -12.617 1.00 5.01  ? 11  ARG A N   1 
ATOM   67   C CA  . ARG A 1 11  ? 9.803   12.232  -12.198 1.00 6.45  ? 11  ARG A CA  1 
ATOM   68   C C   . ARG A 1 11  ? 8.946   11.402  -11.243 1.00 5.95  ? 11  ARG A C   1 
ATOM   69   O O   . ARG A 1 11  ? 8.829   10.186  -11.405 1.00 5.49  ? 11  ARG A O   1 
ATOM   70   C CB  . ARG A 1 11  ? 11.136  12.572  -11.527 1.00 9.34  ? 11  ARG A CB  1 
ATOM   71   C CG  . ARG A 1 11  ? 11.817  11.392  -10.865 1.00 12.94 ? 11  ARG A CG  1 
ATOM   72   C CD  . ARG A 1 11  ? 13.062  11.828  -10.113 1.00 20.09 ? 11  ARG A CD  1 
ATOM   73   N NE  . ARG A 1 11  ? 13.715  10.706  -9.441  1.00 25.40 ? 11  ARG A NE  1 
ATOM   74   C CZ  . ARG A 1 11  ? 14.352  9.720   -10.065 1.00 29.02 ? 11  ARG A CZ  1 
ATOM   75   N NH1 . ARG A 1 11  ? 14.438  9.707   -11.392 1.00 31.75 ? 11  ARG A NH1 1 
ATOM   76   N NH2 . ARG A 1 11  ? 14.913  8.744   -9.360  1.00 30.51 ? 11  ARG A NH2 1 
ATOM   77   N N   . THR A 1 12  ? 8.361   12.045  -10.236 1.00 3.76  ? 12  THR A N   1 
ATOM   78   C CA  . THR A 1 12  ? 7.535   11.300  -9.292  1.00 4.29  ? 12  THR A CA  1 
ATOM   79   C C   . THR A 1 12  ? 6.244   10.814  -9.952  1.00 4.29  ? 12  THR A C   1 
ATOM   80   O O   . THR A 1 12  ? 5.725   9.761   -9.589  1.00 3.10  ? 12  THR A O   1 
ATOM   81   C CB  . THR A 1 12  ? 7.253   12.089  -7.979  1.00 3.86  ? 12  THR A CB  1 
ATOM   82   O OG1 . THR A 1 12  ? 6.779   11.180  -6.977  1.00 1.13  ? 12  THR A OG1 1 
ATOM   83   C CG2 . THR A 1 12  ? 6.209   13.173  -8.194  1.00 3.88  ? 12  THR A CG2 1 
ATOM   84   N N   . LEU A 1 13  ? 5.742   11.563  -10.933 1.00 4.60  ? 13  LEU A N   1 
ATOM   85   C CA  . LEU A 1 13  ? 4.531   11.158  -11.649 1.00 5.54  ? 13  LEU A CA  1 
ATOM   86   C C   . LEU A 1 13  ? 4.849   9.921   -12.483 1.00 7.52  ? 13  LEU A C   1 
ATOM   87   O O   . LEU A 1 13  ? 4.038   9.001   -12.579 1.00 8.02  ? 13  LEU A O   1 
ATOM   88   C CB  . LEU A 1 13  ? 4.024   12.273  -12.569 1.00 7.74  ? 13  LEU A CB  1 
ATOM   89   C CG  . LEU A 1 13  ? 3.311   13.478  -11.958 1.00 8.20  ? 13  LEU A CG  1 
ATOM   90   C CD1 . LEU A 1 13  ? 2.881   14.414  -13.079 1.00 11.70 ? 13  LEU A CD1 1 
ATOM   91   C CD2 . LEU A 1 13  ? 2.098   13.021  -11.162 1.00 11.56 ? 13  LEU A CD2 1 
ATOM   92   N N   . HIS A 1 14  ? 6.037   9.906   -13.085 1.00 7.42  ? 14  HIS A N   1 
ATOM   93   C CA  . HIS A 1 14  ? 6.468   8.773   -13.898 1.00 8.03  ? 14  HIS A CA  1 
ATOM   94   C C   . HIS A 1 14  ? 6.584   7.508   -13.043 1.00 6.73  ? 14  HIS A C   1 
ATOM   95   O O   . HIS A 1 14  ? 6.149   6.433   -13.455 1.00 4.82  ? 14  HIS A O   1 
ATOM   96   C CB  . HIS A 1 14  ? 7.810   9.074   -14.571 1.00 11.39 ? 14  HIS A CB  1 
ATOM   97   C CG  . HIS A 1 14  ? 8.318   7.957   -15.429 1.00 16.81 ? 14  HIS A CG  1 
ATOM   98   N ND1 . HIS A 1 14  ? 7.795   7.679   -16.674 1.00 19.41 ? 14  HIS A ND1 1 
ATOM   99   C CD2 . HIS A 1 14  ? 9.293   7.042   -15.218 1.00 17.76 ? 14  HIS A CD2 1 
ATOM   100  C CE1 . HIS A 1 14  ? 8.428   6.640   -17.193 1.00 20.36 ? 14  HIS A CE1 1 
ATOM   101  N NE2 . HIS A 1 14  ? 9.342   6.236   -16.328 1.00 19.55 ? 14  HIS A NE2 1 
ATOM   102  N N   . LYS A 1 15  ? 7.178   7.642   -11.859 1.00 4.48  ? 15  LYS A N   1 
ATOM   103  C CA  . LYS A 1 15  ? 7.341   6.508   -10.953 1.00 5.77  ? 15  LYS A CA  1 
ATOM   104  C C   . LYS A 1 15  ? 5.988   6.012   -10.451 1.00 4.54  ? 15  LYS A C   1 
ATOM   105  O O   . LYS A 1 15  ? 5.723   4.812   -10.436 1.00 3.58  ? 15  LYS A O   1 
ATOM   106  C CB  . LYS A 1 15  ? 8.216   6.889   -9.757  1.00 6.09  ? 15  LYS A CB  1 
ATOM   107  C CG  . LYS A 1 15  ? 9.694   7.056   -10.078 1.00 11.26 ? 15  LYS A CG  1 
ATOM   108  C CD  . LYS A 1 15  ? 10.489  7.268   -8.800  1.00 14.99 ? 15  LYS A CD  1 
ATOM   109  C CE  . LYS A 1 15  ? 11.975  7.359   -9.084  1.00 18.15 ? 15  LYS A CE  1 
ATOM   110  N NZ  . LYS A 1 15  ? 12.755  7.619   -7.841  1.00 21.81 ? 15  LYS A NZ  1 
ATOM   111  N N   . THR A 1 16  ? 5.136   6.947   -10.045 1.00 3.90  ? 16  THR A N   1 
ATOM   112  C CA  . THR A 1 16  ? 3.808   6.609   -9.541  1.00 3.62  ? 16  THR A CA  1 
ATOM   113  C C   . THR A 1 16  ? 2.982   5.906   -10.619 1.00 5.76  ? 16  THR A C   1 
ATOM   114  O O   . THR A 1 16  ? 2.251   4.955   -10.335 1.00 5.51  ? 16  THR A O   1 
ATOM   115  C CB  . THR A 1 16  ? 3.076   7.863   -9.046  1.00 3.84  ? 16  THR A CB  1 
ATOM   116  O OG1 . THR A 1 16  ? 3.868   8.491   -8.031  1.00 2.21  ? 16  THR A OG1 1 
ATOM   117  C CG2 . THR A 1 16  ? 1.712   7.495   -8.457  1.00 1.77  ? 16  THR A CG2 1 
ATOM   118  N N   . HIS A 1 17  ? 3.117   6.366   -11.858 1.00 5.41  ? 17  HIS A N   1 
ATOM   119  C CA  . HIS A 1 17  ? 2.402   5.758   -12.973 1.00 6.91  ? 17  HIS A CA  1 
ATOM   120  C C   . HIS A 1 17  ? 2.873   4.313   -13.142 1.00 7.18  ? 17  HIS A C   1 
ATOM   121  O O   . HIS A 1 17  ? 2.069   3.422   -13.420 1.00 6.51  ? 17  HIS A O   1 
ATOM   122  C CB  . HIS A 1 17  ? 2.647   6.546   -14.262 1.00 9.79  ? 17  HIS A CB  1 
ATOM   123  C CG  . HIS A 1 17  ? 1.870   6.038   -15.437 1.00 12.66 ? 17  HIS A CG  1 
ATOM   124  N ND1 . HIS A 1 17  ? 2.339   5.042   -16.265 1.00 15.77 ? 17  HIS A ND1 1 
ATOM   125  C CD2 . HIS A 1 17  ? 0.647   6.377   -15.910 1.00 13.02 ? 17  HIS A CD2 1 
ATOM   126  C CE1 . HIS A 1 17  ? 1.438   4.786   -17.197 1.00 14.41 ? 17  HIS A CE1 1 
ATOM   127  N NE2 . HIS A 1 17  ? 0.403   5.584   -17.005 1.00 16.05 ? 17  HIS A NE2 1 
ATOM   128  N N   . ALA A 1 18  ? 4.175   4.089   -12.960 1.00 4.78  ? 18  ALA A N   1 
ATOM   129  C CA  . ALA A 1 18  ? 4.752   2.747   -13.081 1.00 5.22  ? 18  ALA A CA  1 
ATOM   130  C C   . ALA A 1 18  ? 4.175   1.831   -12.008 1.00 5.41  ? 18  ALA A C   1 
ATOM   131  O O   . ALA A 1 18  ? 3.834   0.678   -12.278 1.00 6.41  ? 18  ALA A O   1 
ATOM   132  C CB  . ALA A 1 18  ? 6.277   2.808   -12.966 1.00 5.92  ? 18  ALA A CB  1 
ATOM   133  N N   . TRP A 1 19  ? 4.065   2.350   -10.789 1.00 3.97  ? 19  TRP A N   1 
ATOM   134  C CA  . TRP A 1 19  ? 3.509   1.584   -9.681  1.00 2.41  ? 19  TRP A CA  1 
ATOM   135  C C   . TRP A 1 19  ? 2.064   1.186   -9.952  1.00 2.74  ? 19  TRP A C   1 
ATOM   136  O O   . TRP A 1 19  ? 1.694   0.026   -9.775  1.00 3.54  ? 19  TRP A O   1 
ATOM   137  C CB  . TRP A 1 19  ? 3.538   2.403   -8.395  1.00 2.30  ? 19  TRP A CB  1 
ATOM   138  C CG  . TRP A 1 19  ? 4.842   2.422   -7.697  1.00 3.78  ? 19  TRP A CG  1 
ATOM   139  C CD1 . TRP A 1 19  ? 6.073   2.660   -8.242  1.00 5.13  ? 19  TRP A CD1 1 
ATOM   140  C CD2 . TRP A 1 19  ? 5.049   2.226   -6.300  1.00 6.85  ? 19  TRP A CD2 1 
ATOM   141  N NE1 . TRP A 1 19  ? 7.036   2.628   -7.262  1.00 5.43  ? 19  TRP A NE1 1 
ATOM   142  C CE2 . TRP A 1 19  ? 6.434   2.364   -6.060  1.00 6.45  ? 19  TRP A CE2 1 
ATOM   143  C CE3 . TRP A 1 19  ? 4.197   1.946   -5.222  1.00 6.54  ? 19  TRP A CE3 1 
ATOM   144  C CZ2 . TRP A 1 19  ? 6.987   2.230   -4.784  1.00 8.25  ? 19  TRP A CZ2 1 
ATOM   145  C CZ3 . TRP A 1 19  ? 4.749   1.813   -3.955  1.00 7.63  ? 19  TRP A CZ3 1 
ATOM   146  C CH2 . TRP A 1 19  ? 6.131   1.955   -3.748  1.00 7.85  ? 19  TRP A CH2 1 
ATOM   147  N N   . LEU A 1 20  ? 1.248   2.165   -10.340 1.00 1.52  ? 20  LEU A N   1 
ATOM   148  C CA  . LEU A 1 20  ? -0.166  1.923   -10.623 1.00 2.12  ? 20  LEU A CA  1 
ATOM   149  C C   . LEU A 1 20  ? -0.367  0.955   -11.778 1.00 2.82  ? 20  LEU A C   1 
ATOM   150  O O   . LEU A 1 20  ? -1.257  0.109   -11.726 1.00 4.90  ? 20  LEU A O   1 
ATOM   151  C CB  . LEU A 1 20  ? -0.899  3.235   -10.896 1.00 3.74  ? 20  LEU A CB  1 
ATOM   152  C CG  . LEU A 1 20  ? -1.144  4.102   -9.660  1.00 6.60  ? 20  LEU A CG  1 
ATOM   153  C CD1 . LEU A 1 20  ? -1.746  5.429   -10.081 1.00 9.95  ? 20  LEU A CD1 1 
ATOM   154  C CD2 . LEU A 1 20  ? -2.073  3.377   -8.696  1.00 5.98  ? 20  LEU A CD2 1 
ATOM   155  N N   . LYS A 1 21  ? 0.458   1.086   -12.814 1.00 3.42  ? 21  LYS A N   1 
ATOM   156  C CA  . LYS A 1 21  ? 0.390   0.204   -13.977 1.00 4.99  ? 21  LYS A CA  1 
ATOM   157  C C   . LYS A 1 21  ? 0.669   -1.242  -13.555 1.00 4.50  ? 21  LYS A C   1 
ATOM   158  O O   . LYS A 1 21  ? 0.012   -2.175  -14.025 1.00 3.63  ? 21  LYS A O   1 
ATOM   159  C CB  . LYS A 1 21  ? 1.398   0.655   -15.043 1.00 6.69  ? 21  LYS A CB  1 
ATOM   160  C CG  . LYS A 1 21  ? 1.436   -0.221  -16.291 1.00 12.63 ? 21  LYS A CG  1 
ATOM   161  C CD  . LYS A 1 21  ? 2.358   0.369   -17.356 1.00 15.37 ? 21  LYS A CD  1 
ATOM   162  C CE  . LYS A 1 21  ? 2.477   -0.551  -18.568 1.00 19.28 ? 21  LYS A CE  1 
ATOM   163  N NZ  . LYS A 1 21  ? 1.166   -0.803  -19.227 1.00 22.13 ? 21  LYS A NZ  1 
ATOM   164  N N   . ALA A 1 22  ? 1.635   -1.418  -12.654 1.00 2.99  ? 22  ALA A N   1 
ATOM   165  C CA  . ALA A 1 22  ? 1.997   -2.743  -12.155 1.00 2.22  ? 22  ALA A CA  1 
ATOM   166  C C   . ALA A 1 22  ? 0.859   -3.316  -11.310 1.00 2.11  ? 22  ALA A C   1 
ATOM   167  O O   . ALA A 1 22  ? 0.564   -4.508  -11.377 1.00 2.28  ? 22  ALA A O   1 
ATOM   168  C CB  . ALA A 1 22  ? 3.282   -2.667  -11.336 1.00 5.23  ? 22  ALA A CB  1 
ATOM   169  N N   . ILE A 1 23  ? 0.222   -2.457  -10.516 1.00 1.68  ? 23  ILE A N   1 
ATOM   170  C CA  . ILE A 1 23  ? -0.897  -2.872  -9.680  1.00 2.08  ? 23  ILE A CA  1 
ATOM   171  C C   . ILE A 1 23  ? -2.076  -3.279  -10.575 1.00 1.95  ? 23  ILE A C   1 
ATOM   172  O O   . ILE A 1 23  ? -2.748  -4.277  -10.311 1.00 0.89  ? 23  ILE A O   1 
ATOM   173  C CB  . ILE A 1 23  ? -1.304  -1.745  -8.686  1.00 1.94  ? 23  ILE A CB  1 
ATOM   174  C CG1 . ILE A 1 23  ? -0.165  -1.512  -7.684  1.00 3.41  ? 23  ILE A CG1 1 
ATOM   175  C CG2 . ILE A 1 23  ? -2.582  -2.124  -7.944  1.00 2.01  ? 23  ILE A CG2 1 
ATOM   176  C CD1 . ILE A 1 23  ? -0.329  -0.288  -6.799  1.00 3.28  ? 23  ILE A CD1 1 
ATOM   177  N N   . MET A 1 24  ? -2.300  -2.526  -11.651 1.00 1.67  ? 24  MET A N   1 
ATOM   178  C CA  . MET A 1 24  ? -3.379  -2.830  -12.595 1.00 3.55  ? 24  MET A CA  1 
ATOM   179  C C   . MET A 1 24  ? -3.199  -4.205  -13.234 1.00 4.55  ? 24  MET A C   1 
ATOM   180  O O   . MET A 1 24  ? -4.170  -4.948  -13.401 1.00 4.23  ? 24  MET A O   1 
ATOM   181  C CB  . MET A 1 24  ? -3.441  -1.769  -13.696 1.00 4.42  ? 24  MET A CB  1 
ATOM   182  C CG  . MET A 1 24  ? -3.990  -0.438  -13.238 1.00 6.26  ? 24  MET A CG  1 
ATOM   183  S SD  . MET A 1 24  ? -3.743  0.846   -14.469 1.00 11.25 ? 24  MET A SD  1 
ATOM   184  C CE  . MET A 1 24  ? -4.922  0.321   -15.701 1.00 9.05  ? 24  MET A CE  1 
ATOM   185  N N   . GLU A 1 25  ? -1.961  -4.531  -13.599 1.00 5.47  ? 25  GLU A N   1 
ATOM   186  C CA  . GLU A 1 25  ? -1.646  -5.820  -14.219 1.00 7.41  ? 25  GLU A CA  1 
ATOM   187  C C   . GLU A 1 25  ? -1.882  -6.973  -13.251 1.00 7.59  ? 25  GLU A C   1 
ATOM   188  O O   . GLU A 1 25  ? -2.384  -8.031  -13.639 1.00 7.77  ? 25  GLU A O   1 
ATOM   189  C CB  . GLU A 1 25  ? -0.193  -5.854  -14.706 1.00 10.18 ? 25  GLU A CB  1 
ATOM   190  C CG  . GLU A 1 25  ? 0.192   -7.170  -15.394 1.00 15.97 ? 25  GLU A CG  1 
ATOM   191  C CD  . GLU A 1 25  ? 1.657   -7.248  -15.804 1.00 21.60 ? 25  GLU A CD  1 
ATOM   192  O OE1 . GLU A 1 25  ? 2.353   -6.209  -15.788 1.00 25.14 ? 25  GLU A OE1 1 
ATOM   193  O OE2 . GLU A 1 25  ? 2.115   -8.360  -16.150 1.00 24.97 ? 25  GLU A OE2 1 
ATOM   194  N N   . GLU A 1 26  ? -1.510  -6.760  -11.991 1.00 6.30  ? 26  GLU A N   1 
ATOM   195  C CA  . GLU A 1 26  ? -1.675  -7.770  -10.954 1.00 8.60  ? 26  GLU A CA  1 
ATOM   196  C C   . GLU A 1 26  ? -3.163  -8.019  -10.707 1.00 6.99  ? 26  GLU A C   1 
ATOM   197  O O   . GLU A 1 26  ? -3.594  -9.163  -10.560 1.00 5.78  ? 26  GLU A O   1 
ATOM   198  C CB  . GLU A 1 26  ? -0.984  -7.310  -9.669  1.00 13.09 ? 26  GLU A CB  1 
ATOM   199  C CG  . GLU A 1 26  ? -0.190  -8.395  -8.969  1.00 21.34 ? 26  GLU A CG  1 
ATOM   200  C CD  . GLU A 1 26  ? 0.799   -9.081  -9.892  1.00 22.53 ? 26  GLU A CD  1 
ATOM   201  O OE1 . GLU A 1 26  ? 1.870   -8.499  -10.165 1.00 25.70 ? 26  GLU A OE1 1 
ATOM   202  O OE2 . GLU A 1 26  ? 0.501   -10.202 -10.350 1.00 24.89 ? 26  GLU A OE2 1 
ATOM   203  N N   . LEU A 1 27  ? -3.945  -6.942  -10.697 1.00 3.18  ? 27  LEU A N   1 
ATOM   204  C CA  . LEU A 1 27  ? -5.388  -7.033  -10.487 1.00 2.40  ? 27  LEU A CA  1 
ATOM   205  C C   . LEU A 1 27  ? -6.126  -7.533  -11.729 1.00 3.01  ? 27  LEU A C   1 
ATOM   206  O O   . LEU A 1 27  ? -7.260  -8.011  -11.630 1.00 5.41  ? 27  LEU A O   1 
ATOM   207  C CB  . LEU A 1 27  ? -5.956  -5.665  -10.080 1.00 1.61  ? 27  LEU A CB  1 
ATOM   208  C CG  . LEU A 1 27  ? -5.623  -5.137  -8.682  1.00 3.71  ? 27  LEU A CG  1 
ATOM   209  C CD1 . LEU A 1 27  ? -6.161  -3.721  -8.535  1.00 5.76  ? 27  LEU A CD1 1 
ATOM   210  C CD2 . LEU A 1 27  ? -6.218  -6.046  -7.616  1.00 4.08  ? 27  LEU A CD2 1 
ATOM   211  N N   . GLY A 1 28  ? -5.479  -7.415  -12.887 1.00 3.18  ? 28  GLY A N   1 
ATOM   212  C CA  . GLY A 1 28  ? -6.077  -7.839  -14.148 1.00 4.09  ? 28  GLY A CA  1 
ATOM   213  C C   . GLY A 1 28  ? -7.157  -6.879  -14.615 1.00 5.96  ? 28  GLY A C   1 
ATOM   214  O O   . GLY A 1 28  ? -8.083  -7.262  -15.334 1.00 4.08  ? 28  GLY A O   1 
ATOM   215  N N   . THR A 1 29  ? -7.010  -5.610  -14.247 1.00 6.40  ? 29  THR A N   1 
ATOM   216  C CA  . THR A 1 29  ? -7.996  -4.594  -14.591 1.00 7.09  ? 29  THR A CA  1 
ATOM   217  C C   . THR A 1 29  ? -7.478  -3.489  -15.503 1.00 7.47  ? 29  THR A C   1 
ATOM   218  O O   . THR A 1 29  ? -6.271  -3.267  -15.619 1.00 7.05  ? 29  THR A O   1 
ATOM   219  C CB  . THR A 1 29  ? -8.566  -3.941  -13.304 1.00 7.42  ? 29  THR A CB  1 
ATOM   220  O OG1 . THR A 1 29  ? -9.627  -3.040  -13.642 1.00 8.83  ? 29  THR A OG1 1 
ATOM   221  C CG2 . THR A 1 29  ? -7.478  -3.164  -12.563 1.00 6.04  ? 29  THR A CG2 1 
ATOM   222  N N   . GLU A 1 30  ? -8.410  -2.819  -16.176 1.00 9.41  ? 30  GLU A N   1 
ATOM   223  C CA  . GLU A 1 30  ? -8.074  -1.697  -17.043 1.00 10.63 ? 30  GLU A CA  1 
ATOM   224  C C   . GLU A 1 30  ? -8.504  -0.392  -16.369 1.00 9.53  ? 30  GLU A C   1 
ATOM   225  O O   . GLU A 1 30  ? -8.283  0.698   -16.903 1.00 10.59 ? 30  GLU A O   1 
ATOM   226  C CB  . GLU A 1 30  ? -8.746  -1.832  -18.415 1.00 15.56 ? 30  GLU A CB  1 
ATOM   227  C CG  . GLU A 1 30  ? -8.052  -2.815  -19.357 1.00 18.14 ? 30  GLU A CG  1 
ATOM   228  C CD  . GLU A 1 30  ? -6.570  -2.514  -19.530 1.00 23.08 ? 30  GLU A CD  1 
ATOM   229  O OE1 . GLU A 1 30  ? -6.227  -1.394  -19.968 1.00 26.25 ? 30  GLU A OE1 1 
ATOM   230  O OE2 . GLU A 1 30  ? -5.740  -3.397  -19.218 1.00 23.93 ? 30  GLU A OE2 1 
ATOM   231  N N   . ASP A 1 31  ? -9.104  -0.516  -15.187 1.00 7.53  ? 31  ASP A N   1 
ATOM   232  C CA  . ASP A 1 31  ? -9.581  0.634   -14.421 1.00 5.32  ? 31  ASP A CA  1 
ATOM   233  C C   . ASP A 1 31  ? -8.460  1.182   -13.537 1.00 5.17  ? 31  ASP A C   1 
ATOM   234  O O   . ASP A 1 31  ? -8.118  0.588   -12.512 1.00 3.56  ? 31  ASP A O   1 
ATOM   235  C CB  . ASP A 1 31  ? -10.784 0.225   -13.558 1.00 4.80  ? 31  ASP A CB  1 
ATOM   236  C CG  . ASP A 1 31  ? -11.543 1.420   -12.989 1.00 6.54  ? 31  ASP A CG  1 
ATOM   237  O OD1 . ASP A 1 31  ? -10.915 2.352   -12.442 1.00 2.60  ? 31  ASP A OD1 1 
ATOM   238  O OD2 . ASP A 1 31  ? -12.785 1.418   -13.080 1.00 4.77  ? 31  ASP A OD2 1 
ATOM   239  N N   . ARG A 1 32  ? -7.931  2.341   -13.922 1.00 4.27  ? 32  ARG A N   1 
ATOM   240  C CA  . ARG A 1 32  ? -6.847  2.992   -13.186 1.00 5.81  ? 32  ARG A CA  1 
ATOM   241  C C   . ARG A 1 32  ? -7.273  3.388   -11.776 1.00 5.66  ? 32  ARG A C   1 
ATOM   242  O O   . ARG A 1 32  ? -6.501  3.259   -10.824 1.00 4.34  ? 32  ARG A O   1 
ATOM   243  C CB  . ARG A 1 32  ? -6.389  4.251   -13.926 1.00 8.55  ? 32  ARG A CB  1 
ATOM   244  C CG  . ARG A 1 32  ? -6.066  4.069   -15.401 1.00 9.67  ? 32  ARG A CG  1 
ATOM   245  C CD  . ARG A 1 32  ? -5.893  5.435   -16.048 1.00 12.53 ? 32  ARG A CD  1 
ATOM   246  N NE  . ARG A 1 32  ? -5.628  5.367   -17.482 1.00 14.17 ? 32  ARG A NE  1 
ATOM   247  C CZ  . ARG A 1 32  ? -5.982  6.313   -18.349 1.00 15.68 ? 32  ARG A CZ  1 
ATOM   248  N NH1 . ARG A 1 32  ? -6.621  7.398   -17.930 1.00 14.81 ? 32  ARG A NH1 1 
ATOM   249  N NH2 . ARG A 1 32  ? -5.679  6.184   -19.634 1.00 17.88 ? 32  ARG A NH2 1 
ATOM   250  N N   . HIS A 1 33  ? -8.509  3.866   -11.645 1.00 4.98  ? 33  HIS A N   1 
ATOM   251  C CA  . HIS A 1 33  ? -9.023  4.296   -10.348 1.00 5.27  ? 33  HIS A CA  1 
ATOM   252  C C   . HIS A 1 33  ? -9.109  3.135   -9.360  1.00 4.39  ? 33  HIS A C   1 
ATOM   253  O O   . HIS A 1 33  ? -8.915  3.329   -8.163  1.00 2.33  ? 33  HIS A O   1 
ATOM   254  C CB  . HIS A 1 33  ? -10.386 4.983   -10.501 1.00 5.82  ? 33  HIS A CB  1 
ATOM   255  C CG  . HIS A 1 33  ? -10.839 5.700   -9.266  1.00 7.57  ? 33  HIS A CG  1 
ATOM   256  N ND1 . HIS A 1 33  ? -11.908 5.275   -8.509  1.00 8.51  ? 33  HIS A ND1 1 
ATOM   257  C CD2 . HIS A 1 33  ? -10.353 6.803   -8.648  1.00 9.62  ? 33  HIS A CD2 1 
ATOM   258  C CE1 . HIS A 1 33  ? -12.063 6.086   -7.477  1.00 10.41 ? 33  HIS A CE1 1 
ATOM   259  N NE2 . HIS A 1 33  ? -11.132 7.021   -7.538  1.00 8.23  ? 33  HIS A NE2 1 
ATOM   260  N N   . LYS A 1 34  ? -9.393  1.931   -9.855  1.00 3.29  ? 34  LYS A N   1 
ATOM   261  C CA  . LYS A 1 34  ? -9.463  0.762   -8.976  1.00 3.54  ? 34  LYS A CA  1 
ATOM   262  C C   . LYS A 1 34  ? -8.078  0.471   -8.398  1.00 2.58  ? 34  LYS A C   1 
ATOM   263  O O   . LYS A 1 34  ? -7.942  0.169   -7.208  1.00 2.30  ? 34  LYS A O   1 
ATOM   264  C CB  . LYS A 1 34  ? -10.018 -0.455  -9.725  1.00 3.50  ? 34  LYS A CB  1 
ATOM   265  C CG  . LYS A 1 34  ? -11.524 -0.393  -9.949  1.00 7.65  ? 34  LYS A CG  1 
ATOM   266  C CD  . LYS A 1 34  ? -12.062 -1.670  -10.599 1.00 10.33 ? 34  LYS A CD  1 
ATOM   267  C CE  . LYS A 1 34  ? -13.582 -1.632  -10.697 1.00 13.21 ? 34  LYS A CE  1 
ATOM   268  N NZ  . LYS A 1 34  ? -14.137 -2.843  -11.364 1.00 13.58 ? 34  LYS A NZ  1 
ATOM   269  N N   . ALA A 1 35  ? -7.048  0.598   -9.232  1.00 1.90  ? 35  ALA A N   1 
ATOM   270  C CA  . ALA A 1 35  ? -5.672  0.369   -8.791  1.00 1.59  ? 35  ALA A CA  1 
ATOM   271  C C   . ALA A 1 35  ? -5.267  1.421   -7.760  1.00 2.88  ? 35  ALA A C   1 
ATOM   272  O O   . ALA A 1 35  ? -4.551  1.121   -6.804  1.00 2.92  ? 35  ALA A O   1 
ATOM   273  C CB  . ALA A 1 35  ? -4.720  0.391   -9.973  1.00 1.75  ? 35  ALA A CB  1 
ATOM   274  N N   . TYR A 1 36  ? -5.724  2.658   -7.960  1.00 3.13  ? 36  TYR A N   1 
ATOM   275  C CA  . TYR A 1 36  ? -5.431  3.740   -7.024  1.00 2.21  ? 36  TYR A CA  1 
ATOM   276  C C   . TYR A 1 36  ? -6.073  3.438   -5.666  1.00 0.89  ? 36  TYR A C   1 
ATOM   277  O O   . TYR A 1 36  ? -5.425  3.541   -4.620  1.00 0.89  ? 36  TYR A O   1 
ATOM   278  C CB  . TYR A 1 36  ? -5.951  5.079   -7.573  1.00 4.54  ? 36  TYR A CB  1 
ATOM   279  C CG  . TYR A 1 36  ? -6.102  6.156   -6.518  1.00 4.17  ? 36  TYR A CG  1 
ATOM   280  C CD1 . TYR A 1 36  ? -4.992  6.821   -6.004  1.00 5.95  ? 36  TYR A CD1 1 
ATOM   281  C CD2 . TYR A 1 36  ? -7.357  6.468   -5.995  1.00 7.77  ? 36  TYR A CD2 1 
ATOM   282  C CE1 . TYR A 1 36  ? -5.125  7.764   -4.988  1.00 8.05  ? 36  TYR A CE1 1 
ATOM   283  C CE2 . TYR A 1 36  ? -7.500  7.409   -4.979  1.00 9.04  ? 36  TYR A CE2 1 
ATOM   284  C CZ  . TYR A 1 36  ? -6.381  8.050   -4.479  1.00 10.28 ? 36  TYR A CZ  1 
ATOM   285  O OH  . TYR A 1 36  ? -6.520  8.963   -3.456  1.00 12.54 ? 36  TYR A OH  1 
ATOM   286  N N   . LEU A 1 37  ? -7.350  3.066   -5.687  1.00 0.89  ? 37  LEU A N   1 
ATOM   287  C CA  . LEU A 1 37  ? -8.072  2.748   -4.458  1.00 0.89  ? 37  LEU A CA  1 
ATOM   288  C C   . LEU A 1 37  ? -7.392  1.613   -3.698  1.00 1.21  ? 37  LEU A C   1 
ATOM   289  O O   . LEU A 1 37  ? -7.318  1.638   -2.469  1.00 2.01  ? 37  LEU A O   1 
ATOM   290  C CB  . LEU A 1 37  ? -9.526  2.370   -4.766  1.00 1.25  ? 37  LEU A CB  1 
ATOM   291  C CG  . LEU A 1 37  ? -10.437 3.494   -5.268  1.00 2.59  ? 37  LEU A CG  1 
ATOM   292  C CD1 . LEU A 1 37  ? -11.832 2.926   -5.560  1.00 1.20  ? 37  LEU A CD1 1 
ATOM   293  C CD2 . LEU A 1 37  ? -10.511 4.605   -4.232  1.00 4.98  ? 37  LEU A CD2 1 
ATOM   294  N N   . ALA A 1 38  ? -6.890  0.630   -4.440  1.00 0.89  ? 38  ALA A N   1 
ATOM   295  C CA  . ALA A 1 38  ? -6.198  -0.513  -3.850  1.00 1.17  ? 38  ALA A CA  1 
ATOM   296  C C   . ALA A 1 38  ? -4.916  -0.043  -3.167  1.00 1.68  ? 38  ALA A C   1 
ATOM   297  O O   . ALA A 1 38  ? -4.663  -0.391  -2.016  1.00 1.10  ? 38  ALA A O   1 
ATOM   298  C CB  . ALA A 1 38  ? -5.873  -1.553  -4.924  1.00 1.55  ? 38  ALA A CB  1 
ATOM   299  N N   . LEU A 1 39  ? -4.124  0.761   -3.877  1.00 0.89  ? 39  LEU A N   1 
ATOM   300  C CA  . LEU A 1 39  ? -2.870  1.284   -3.333  1.00 0.89  ? 39  LEU A CA  1 
ATOM   301  C C   . LEU A 1 39  ? -3.128  2.072   -2.057  1.00 0.89  ? 39  LEU A C   1 
ATOM   302  O O   . LEU A 1 39  ? -2.450  1.875   -1.051  1.00 1.08  ? 39  LEU A O   1 
ATOM   303  C CB  . LEU A 1 39  ? -2.169  2.182   -4.356  1.00 0.91  ? 39  LEU A CB  1 
ATOM   304  C CG  . LEU A 1 39  ? -0.863  2.850   -3.898  1.00 0.96  ? 39  LEU A CG  1 
ATOM   305  C CD1 . LEU A 1 39  ? 0.199   1.799   -3.610  1.00 2.38  ? 39  LEU A CD1 1 
ATOM   306  C CD2 . LEU A 1 39  ? -0.380  3.809   -4.972  1.00 0.89  ? 39  LEU A CD2 1 
ATOM   307  N N   . ARG A 1 40  ? -4.128  2.944   -2.110  1.00 0.89  ? 40  ARG A N   1 
ATOM   308  C CA  . ARG A 1 40  ? -4.511  3.784   -0.985  1.00 0.89  ? 40  ARG A CA  1 
ATOM   309  C C   . ARG A 1 40  ? -4.962  2.971   0.230   1.00 1.26  ? 40  ARG A C   1 
ATOM   310  O O   . ARG A 1 40  ? -4.423  3.136   1.328   1.00 0.89  ? 40  ARG A O   1 
ATOM   311  C CB  . ARG A 1 40  ? -5.621  4.747   -1.424  1.00 0.89  ? 40  ARG A CB  1 
ATOM   312  C CG  . ARG A 1 40  ? -6.176  5.622   -0.314  1.00 0.89  ? 40  ARG A CG  1 
ATOM   313  C CD  . ARG A 1 40  ? -7.279  6.534   -0.831  1.00 3.01  ? 40  ARG A CD  1 
ATOM   314  N NE  . ARG A 1 40  ? -7.893  7.314   0.241   1.00 3.72  ? 40  ARG A NE  1 
ATOM   315  C CZ  . ARG A 1 40  ? -9.012  6.969   0.872   1.00 7.78  ? 40  ARG A CZ  1 
ATOM   316  N NH1 . ARG A 1 40  ? -9.649  5.852   0.540   1.00 5.30  ? 40  ARG A NH1 1 
ATOM   317  N NH2 . ARG A 1 40  ? -9.500  7.744   1.835   1.00 7.92  ? 40  ARG A NH2 1 
ATOM   318  N N   . ALA A 1 41  ? -5.932  2.084   0.026   1.00 0.89  ? 41  ALA A N   1 
ATOM   319  C CA  . ALA A 1 41  ? -6.466  1.261   1.111   1.00 1.58  ? 41  ALA A CA  1 
ATOM   320  C C   . ALA A 1 41  ? -5.434  0.344   1.761   1.00 1.22  ? 41  ALA A C   1 
ATOM   321  O O   . ALA A 1 41  ? -5.411  0.205   2.985   1.00 2.23  ? 41  ALA A O   1 
ATOM   322  C CB  . ALA A 1 41  ? -7.652  0.444   0.621   1.00 0.89  ? 41  ALA A CB  1 
ATOM   323  N N   . VAL A 1 42  ? -4.592  -0.284  0.944   1.00 0.89  ? 42  VAL A N   1 
ATOM   324  C CA  . VAL A 1 42  ? -3.569  -1.193  1.460   1.00 0.89  ? 42  VAL A CA  1 
ATOM   325  C C   . VAL A 1 42  ? -2.430  -0.476  2.177   1.00 1.58  ? 42  VAL A C   1 
ATOM   326  O O   . VAL A 1 42  ? -1.986  -0.926  3.233   1.00 0.89  ? 42  VAL A O   1 
ATOM   327  C CB  . VAL A 1 42  ? -3.020  -2.110  0.352   1.00 1.42  ? 42  VAL A CB  1 
ATOM   328  C CG1 . VAL A 1 42  ? -1.917  -3.005  0.899   1.00 2.07  ? 42  VAL A CG1 1 
ATOM   329  C CG2 . VAL A 1 42  ? -4.150  -2.961  -0.206  1.00 2.04  ? 42  VAL A CG2 1 
ATOM   330  N N   . LEU A 1 43  ? -1.954  0.634   1.614   1.00 1.11  ? 43  LEU A N   1 
ATOM   331  C CA  . LEU A 1 43  ? -0.881  1.392   2.260   1.00 1.47  ? 43  LEU A CA  1 
ATOM   332  C C   . LEU A 1 43  ? -1.330  1.875   3.637   1.00 1.14  ? 43  LEU A C   1 
ATOM   333  O O   . LEU A 1 43  ? -0.574  1.809   4.599   1.00 1.09  ? 43  LEU A O   1 
ATOM   334  C CB  . LEU A 1 43  ? -0.463  2.603   1.419   1.00 1.71  ? 43  LEU A CB  1 
ATOM   335  C CG  . LEU A 1 43  ? 0.398   2.382   0.172   1.00 3.76  ? 43  LEU A CG  1 
ATOM   336  C CD1 . LEU A 1 43  ? 0.618   3.716   -0.518  1.00 2.53  ? 43  LEU A CD1 1 
ATOM   337  C CD2 . LEU A 1 43  ? 1.729   1.745   0.550   1.00 3.65  ? 43  LEU A CD2 1 
ATOM   338  N N   . HIS A 1 44  ? -2.571  2.341   3.731   1.00 1.49  ? 44  HIS A N   1 
ATOM   339  C CA  . HIS A 1 44  ? -3.091  2.839   5.001   1.00 0.89  ? 44  HIS A CA  1 
ATOM   340  C C   . HIS A 1 44  ? -3.246  1.750   6.053   1.00 0.90  ? 44  HIS A C   1 
ATOM   341  O O   . HIS A 1 44  ? -2.923  1.961   7.225   1.00 1.43  ? 44  HIS A O   1 
ATOM   342  C CB  . HIS A 1 44  ? -4.397  3.599   4.784   1.00 0.89  ? 44  HIS A CB  1 
ATOM   343  C CG  . HIS A 1 44  ? -4.222  4.878   4.027   1.00 1.98  ? 44  HIS A CG  1 
ATOM   344  N ND1 . HIS A 1 44  ? -5.278  5.579   3.489   1.00 1.70  ? 44  HIS A ND1 1 
ATOM   345  C CD2 . HIS A 1 44  ? -3.105  5.573   3.705   1.00 0.89  ? 44  HIS A CD2 1 
ATOM   346  C CE1 . HIS A 1 44  ? -4.820  6.650   2.865   1.00 3.55  ? 44  HIS A CE1 1 
ATOM   347  N NE2 . HIS A 1 44  ? -3.504  6.671   2.983   1.00 3.04  ? 44  HIS A NE2 1 
ATOM   348  N N   . ALA A 1 45  ? -3.697  0.573   5.632   1.00 1.36  ? 45  ALA A N   1 
ATOM   349  C CA  . ALA A 1 45  ? -3.865  -0.545  6.554   1.00 1.29  ? 45  ALA A CA  1 
ATOM   350  C C   . ALA A 1 45  ? -2.502  -1.014  7.067   1.00 1.54  ? 45  ALA A C   1 
ATOM   351  O O   . ALA A 1 45  ? -2.336  -1.288  8.256   1.00 2.25  ? 45  ALA A O   1 
ATOM   352  C CB  . ALA A 1 45  ? -4.597  -1.688  5.865   1.00 1.92  ? 45  ALA A CB  1 
ATOM   353  N N   . LEU A 1 46  ? -1.520  -1.072  6.171   1.00 1.84  ? 46  LEU A N   1 
ATOM   354  C CA  . LEU A 1 46  ? -0.168  -1.495  6.534   1.00 2.04  ? 46  LEU A CA  1 
ATOM   355  C C   . LEU A 1 46  ? 0.489   -0.464  7.453   1.00 1.65  ? 46  LEU A C   1 
ATOM   356  O O   . LEU A 1 46  ? 1.093   -0.813  8.470   1.00 2.42  ? 46  LEU A O   1 
ATOM   357  C CB  . LEU A 1 46  ? 0.680   -1.682  5.276   1.00 2.87  ? 46  LEU A CB  1 
ATOM   358  C CG  . LEU A 1 46  ? 2.143   -2.053  5.510   1.00 3.33  ? 46  LEU A CG  1 
ATOM   359  C CD1 . LEU A 1 46  ? 2.238   -3.350  6.309   1.00 3.67  ? 46  LEU A CD1 1 
ATOM   360  C CD2 . LEU A 1 46  ? 2.863   -2.187  4.181   1.00 3.27  ? 46  LEU A CD2 1 
ATOM   361  N N   . ARG A 1 47  ? 0.359   0.804   7.080   1.00 1.88  ? 47  ARG A N   1 
ATOM   362  C CA  . ARG A 1 47  ? 0.912   1.928   7.840   1.00 2.76  ? 47  ARG A CA  1 
ATOM   363  C C   . ARG A 1 47  ? 0.451   1.929   9.299   1.00 3.49  ? 47  ARG A C   1 
ATOM   364  O O   . ARG A 1 47  ? 1.244   2.179   10.211  1.00 4.24  ? 47  ARG A O   1 
ATOM   365  C CB  . ARG A 1 47  ? 0.484   3.242   7.178   1.00 2.52  ? 47  ARG A CB  1 
ATOM   366  C CG  . ARG A 1 47  ? 0.856   4.508   7.941   1.00 1.70  ? 47  ARG A CG  1 
ATOM   367  C CD  . ARG A 1 47  ? -0.005  5.672   7.475   1.00 0.89  ? 47  ARG A CD  1 
ATOM   368  N NE  . ARG A 1 47  ? -1.399  5.490   7.884   1.00 2.34  ? 47  ARG A NE  1 
ATOM   369  C CZ  . ARG A 1 47  ? -2.421  6.205   7.426   1.00 3.03  ? 47  ARG A CZ  1 
ATOM   370  N NH1 . ARG A 1 47  ? -2.224  7.162   6.528   1.00 2.95  ? 47  ARG A NH1 1 
ATOM   371  N NH2 . ARG A 1 47  ? -3.644  5.978   7.891   1.00 2.92  ? 47  ARG A NH2 1 
ATOM   372  N N   . ASP A 1 48  ? -0.836  1.657   9.509   1.00 2.69  ? 48  ASP A N   1 
ATOM   373  C CA  . ASP A 1 48  ? -1.423  1.651   10.848  1.00 4.87  ? 48  ASP A CA  1 
ATOM   374  C C   . ASP A 1 48  ? -0.926  0.561   11.791  1.00 4.83  ? 48  ASP A C   1 
ATOM   375  O O   . ASP A 1 48  ? -1.223  0.593   12.986  1.00 7.43  ? 48  ASP A O   1 
ATOM   376  C CB  . ASP A 1 48  ? -2.949  1.616   10.764  1.00 5.34  ? 48  ASP A CB  1 
ATOM   377  C CG  . ASP A 1 48  ? -3.535  2.893   10.193  1.00 6.87  ? 48  ASP A CG  1 
ATOM   378  O OD1 . ASP A 1 48  ? -2.779  3.849   9.906   1.00 6.18  ? 48  ASP A OD1 1 
ATOM   379  O OD2 . ASP A 1 48  ? -4.765  2.934   10.031  1.00 9.21  ? 48  ASP A OD2 1 
ATOM   380  N N   . ARG A 1 49  ? -0.187  -0.407  11.261  1.00 3.47  ? 49  ARG A N   1 
ATOM   381  C CA  . ARG A 1 49  ? 0.362   -1.480  12.087  1.00 3.27  ? 49  ARG A CA  1 
ATOM   382  C C   . ARG A 1 49  ? 1.811   -1.181  12.474  1.00 4.20  ? 49  ARG A C   1 
ATOM   383  O O   . ARG A 1 49  ? 2.452   -1.971  13.168  1.00 4.07  ? 49  ARG A O   1 
ATOM   384  C CB  . ARG A 1 49  ? 0.315   -2.811  11.340  1.00 4.68  ? 49  ARG A CB  1 
ATOM   385  C CG  . ARG A 1 49  ? -1.082  -3.275  10.969  1.00 4.60  ? 49  ARG A CG  1 
ATOM   386  C CD  . ARG A 1 49  ? -1.031  -4.675  10.396  1.00 7.25  ? 49  ARG A CD  1 
ATOM   387  N NE  . ARG A 1 49  ? -0.505  -5.633  11.363  1.00 5.49  ? 49  ARG A NE  1 
ATOM   388  C CZ  . ARG A 1 49  ? -1.260  -6.404  12.141  1.00 6.20  ? 49  ARG A CZ  1 
ATOM   389  N NH1 . ARG A 1 49  ? -2.583  -6.337  12.070  1.00 3.95  ? 49  ARG A NH1 1 
ATOM   390  N NH2 . ARG A 1 49  ? -0.688  -7.258  12.979  1.00 5.02  ? 49  ARG A NH2 1 
ATOM   391  N N   . LEU A 1 50  ? 2.310   -0.026  12.047  1.00 2.87  ? 50  LEU A N   1 
ATOM   392  C CA  . LEU A 1 50  ? 3.691   0.354   12.315  1.00 4.29  ? 50  LEU A CA  1 
ATOM   393  C C   . LEU A 1 50  ? 3.829   1.479   13.336  1.00 5.92  ? 50  LEU A C   1 
ATOM   394  O O   . LEU A 1 50  ? 2.934   2.312   13.480  1.00 4.66  ? 50  LEU A O   1 
ATOM   395  C CB  . LEU A 1 50  ? 4.362   0.793   11.006  1.00 4.42  ? 50  LEU A CB  1 
ATOM   396  C CG  . LEU A 1 50  ? 4.358   -0.165  9.809   1.00 6.30  ? 50  LEU A CG  1 
ATOM   397  C CD1 . LEU A 1 50  ? 4.943   0.532   8.585   1.00 6.34  ? 50  LEU A CD1 1 
ATOM   398  C CD2 . LEU A 1 50  ? 5.153   -1.420  10.133  1.00 5.33  ? 50  LEU A CD2 1 
ATOM   399  N N   . THR A 1 51  ? 4.952   1.484   14.052  1.00 5.17  ? 51  THR A N   1 
ATOM   400  C CA  . THR A 1 51  ? 5.233   2.542   15.020  1.00 5.12  ? 51  THR A CA  1 
ATOM   401  C C   . THR A 1 51  ? 5.596   3.777   14.195  1.00 4.61  ? 51  THR A C   1 
ATOM   402  O O   . THR A 1 51  ? 5.865   3.669   12.999  1.00 3.22  ? 51  THR A O   1 
ATOM   403  C CB  . THR A 1 51  ? 6.452   2.211   15.896  1.00 6.81  ? 51  THR A CB  1 
ATOM   404  O OG1 . THR A 1 51  ? 7.611   2.074   15.063  1.00 6.38  ? 51  THR A OG1 1 
ATOM   405  C CG2 . THR A 1 51  ? 6.228   0.927   16.676  1.00 6.36  ? 51  THR A CG2 1 
ATOM   406  N N   . VAL A 1 52  ? 5.628   4.943   14.836  1.00 4.61  ? 52  VAL A N   1 
ATOM   407  C CA  . VAL A 1 52  ? 5.966   6.188   14.148  1.00 3.50  ? 52  VAL A CA  1 
ATOM   408  C C   . VAL A 1 52  ? 7.308   6.082   13.414  1.00 4.61  ? 52  VAL A C   1 
ATOM   409  O O   . VAL A 1 52  ? 7.432   6.505   12.262  1.00 0.89  ? 52  VAL A O   1 
ATOM   410  C CB  . VAL A 1 52  ? 5.977   7.381   15.144  1.00 3.62  ? 52  VAL A CB  1 
ATOM   411  C CG1 . VAL A 1 52  ? 6.540   8.628   14.489  1.00 4.38  ? 52  VAL A CG1 1 
ATOM   412  C CG2 . VAL A 1 52  ? 4.565   7.656   15.635  1.00 3.56  ? 52  VAL A CG2 1 
ATOM   413  N N   . GLU A 1 53  ? 8.301   5.478   14.063  1.00 5.20  ? 53  GLU A N   1 
ATOM   414  C CA  . GLU A 1 53  ? 9.618   5.318   13.450  1.00 5.59  ? 53  GLU A CA  1 
ATOM   415  C C   . GLU A 1 53  ? 9.539   4.425   12.211  1.00 4.82  ? 53  GLU A C   1 
ATOM   416  O O   . GLU A 1 53  ? 10.127  4.736   11.173  1.00 2.64  ? 53  GLU A O   1 
ATOM   417  C CB  . GLU A 1 53  ? 10.606  4.713   14.452  1.00 9.41  ? 53  GLU A CB  1 
ATOM   418  C CG  . GLU A 1 53  ? 12.039  4.656   13.944  1.00 13.83 ? 53  GLU A CG  1 
ATOM   419  C CD  . GLU A 1 53  ? 12.999  4.031   14.942  1.00 18.57 ? 53  GLU A CD  1 
ATOM   420  O OE1 . GLU A 1 53  ? 12.830  4.242   16.163  1.00 20.38 ? 53  GLU A OE1 1 
ATOM   421  O OE2 . GLU A 1 53  ? 13.928  3.325   14.500  1.00 23.94 ? 53  GLU A OE2 1 
ATOM   422  N N   . GLU A 1 54  ? 8.816   3.314   12.339  1.00 4.46  ? 54  GLU A N   1 
ATOM   423  C CA  . GLU A 1 54  ? 8.647   2.358   11.246  1.00 5.56  ? 54  GLU A CA  1 
ATOM   424  C C   . GLU A 1 54  ? 7.863   2.961   10.069  1.00 3.72  ? 54  GLU A C   1 
ATOM   425  O O   . GLU A 1 54  ? 8.140   2.649   8.908   1.00 4.22  ? 54  GLU A O   1 
ATOM   426  C CB  . GLU A 1 54  ? 7.964   1.085   11.771  1.00 5.82  ? 54  GLU A CB  1 
ATOM   427  C CG  . GLU A 1 54  ? 8.814   0.312   12.794  1.00 6.85  ? 54  GLU A CG  1 
ATOM   428  C CD  . GLU A 1 54  ? 8.009   -0.596  13.734  1.00 9.41  ? 54  GLU A CD  1 
ATOM   429  O OE1 . GLU A 1 54  ? 6.781   -0.766  13.544  1.00 7.14  ? 54  GLU A OE1 1 
ATOM   430  O OE2 . GLU A 1 54  ? 8.619   -1.138  14.686  1.00 10.27 ? 54  GLU A OE2 1 
ATOM   431  N N   . VAL A 1 55  ? 6.898   3.825   10.380  1.00 3.16  ? 55  VAL A N   1 
ATOM   432  C CA  . VAL A 1 55  ? 6.080   4.499   9.367   1.00 3.00  ? 55  VAL A CA  1 
ATOM   433  C C   . VAL A 1 55  ? 6.957   5.373   8.471   1.00 3.72  ? 55  VAL A C   1 
ATOM   434  O O   . VAL A 1 55  ? 6.857   5.323   7.241   1.00 2.24  ? 55  VAL A O   1 
ATOM   435  C CB  . VAL A 1 55  ? 4.973   5.392   10.028  1.00 2.07  ? 55  VAL A CB  1 
ATOM   436  C CG1 . VAL A 1 55  ? 4.371   6.370   9.012   1.00 0.89  ? 55  VAL A CG1 1 
ATOM   437  C CG2 . VAL A 1 55  ? 3.866   4.520   10.599  1.00 0.89  ? 55  VAL A CG2 1 
ATOM   438  N N   . ALA A 1 56  ? 7.820   6.171   9.096   1.00 3.21  ? 56  ALA A N   1 
ATOM   439  C CA  . ALA A 1 56  ? 8.714   7.061   8.361   1.00 2.62  ? 56  ALA A CA  1 
ATOM   440  C C   . ALA A 1 56  ? 9.766   6.281   7.579   1.00 2.70  ? 56  ALA A C   1 
ATOM   441  O O   . ALA A 1 56  ? 10.168  6.685   6.488   1.00 3.59  ? 56  ALA A O   1 
ATOM   442  C CB  . ALA A 1 56  ? 9.383   8.039   9.318   1.00 2.60  ? 56  ALA A CB  1 
ATOM   443  N N   . GLN A 1 57  ? 10.204  5.158   8.134   1.00 2.31  ? 57  GLN A N   1 
ATOM   444  C CA  . GLN A 1 57  ? 11.213  4.330   7.474   1.00 2.15  ? 57  GLN A CA  1 
ATOM   445  C C   . GLN A 1 57  ? 10.667  3.776   6.159   1.00 1.53  ? 57  GLN A C   1 
ATOM   446  O O   . GLN A 1 57  ? 11.380  3.712   5.153   1.00 2.24  ? 57  GLN A O   1 
ATOM   447  C CB  . GLN A 1 57  ? 11.642  3.191   8.400   1.00 4.30  ? 57  GLN A CB  1 
ATOM   448  C CG  . GLN A 1 57  ? 12.854  2.426   7.911   1.00 5.57  ? 57  GLN A CG  1 
ATOM   449  C CD  . GLN A 1 57  ? 13.401  1.492   8.967   1.00 9.96  ? 57  GLN A CD  1 
ATOM   450  O OE1 . GLN A 1 57  ? 14.056  1.927   9.919   1.00 10.21 ? 57  GLN A OE1 1 
ATOM   451  N NE2 . GLN A 1 57  ? 13.116  0.204   8.821   1.00 8.96  ? 57  GLN A NE2 1 
ATOM   452  N N   . LEU A 1 58  ? 9.397   3.379   6.170   1.00 0.89  ? 58  LEU A N   1 
ATOM   453  C CA  . LEU A 1 58  ? 8.763   2.860   4.965   1.00 1.85  ? 58  LEU A CA  1 
ATOM   454  C C   . LEU A 1 58  ? 8.527   4.009   3.987   1.00 1.29  ? 58  LEU A C   1 
ATOM   455  O O   . LEU A 1 58  ? 8.730   3.857   2.787   1.00 2.96  ? 58  LEU A O   1 
ATOM   456  C CB  . LEU A 1 58  ? 7.442   2.162   5.303   1.00 0.89  ? 58  LEU A CB  1 
ATOM   457  C CG  . LEU A 1 58  ? 6.632   1.596   4.129   1.00 1.77  ? 58  LEU A CG  1 
ATOM   458  C CD1 . LEU A 1 58  ? 7.489   0.658   3.283   1.00 4.15  ? 58  LEU A CD1 1 
ATOM   459  C CD2 . LEU A 1 58  ? 5.412   0.865   4.660   1.00 3.33  ? 58  LEU A CD2 1 
ATOM   460  N N   . ALA A 1 59  ? 8.145   5.171   4.518   1.00 1.04  ? 59  ALA A N   1 
ATOM   461  C CA  . ALA A 1 59  ? 7.883   6.355   3.699   1.00 1.36  ? 59  ALA A CA  1 
ATOM   462  C C   . ALA A 1 59  ? 9.082   6.758   2.843   1.00 1.69  ? 59  ALA A C   1 
ATOM   463  O O   . ALA A 1 59  ? 8.921   7.273   1.731   1.00 2.37  ? 59  ALA A O   1 
ATOM   464  C CB  . ALA A 1 59  ? 7.468   7.521   4.591   1.00 0.89  ? 59  ALA A CB  1 
ATOM   465  N N   . ALA A 1 60  ? 10.284  6.523   3.362   1.00 3.15  ? 60  ALA A N   1 
ATOM   466  C CA  . ALA A 1 60  ? 11.511  6.864   2.644   1.00 5.61  ? 60  ALA A CA  1 
ATOM   467  C C   . ALA A 1 60  ? 11.691  6.044   1.363   1.00 6.43  ? 60  ALA A C   1 
ATOM   468  O O   . ALA A 1 60  ? 12.442  6.434   0.469   1.00 6.79  ? 60  ALA A O   1 
ATOM   469  C CB  . ALA A 1 60  ? 12.714  6.686   3.555   1.00 5.02  ? 60  ALA A CB  1 
ATOM   470  N N   . GLN A 1 61  ? 10.984  4.917   1.283   1.00 6.92  ? 61  GLN A N   1 
ATOM   471  C CA  . GLN A 1 61  ? 11.044  4.015   0.130   1.00 7.43  ? 61  GLN A CA  1 
ATOM   472  C C   . GLN A 1 61  ? 9.938   4.280   -0.895  1.00 7.05  ? 61  GLN A C   1 
ATOM   473  O O   . GLN A 1 61  ? 9.844   3.589   -1.912  1.00 8.08  ? 61  GLN A O   1 
ATOM   474  C CB  . GLN A 1 61  ? 10.926  2.563   0.606   1.00 10.75 ? 61  GLN A CB  1 
ATOM   475  C CG  . GLN A 1 61  ? 12.024  2.113   1.550   1.00 14.04 ? 61  GLN A CG  1 
ATOM   476  C CD  . GLN A 1 61  ? 13.363  1.983   0.856   1.00 14.42 ? 61  GLN A CD  1 
ATOM   477  O OE1 . GLN A 1 61  ? 13.473  1.338   -0.186  1.00 13.17 ? 61  GLN A OE1 1 
ATOM   478  N NE2 . GLN A 1 61  ? 14.391  2.595   1.432   1.00 18.39 ? 61  GLN A NE2 1 
ATOM   479  N N   . LEU A 1 62  ? 9.082   5.255   -0.611  1.00 3.55  ? 62  LEU A N   1 
ATOM   480  C CA  . LEU A 1 62  ? 7.978   5.575   -1.506  1.00 4.76  ? 62  LEU A CA  1 
ATOM   481  C C   . LEU A 1 62  ? 8.225   6.838   -2.315  1.00 4.89  ? 62  LEU A C   1 
ATOM   482  O O   . LEU A 1 62  ? 8.796   7.803   -1.808  1.00 5.15  ? 62  LEU A O   1 
ATOM   483  C CB  . LEU A 1 62  ? 6.697   5.772   -0.697  1.00 2.74  ? 62  LEU A CB  1 
ATOM   484  C CG  . LEU A 1 62  ? 6.317   4.686   0.309   1.00 4.54  ? 62  LEU A CG  1 
ATOM   485  C CD1 . LEU A 1 62  ? 5.072   5.127   1.043   1.00 3.01  ? 62  LEU A CD1 1 
ATOM   486  C CD2 . LEU A 1 62  ? 6.090   3.352   -0.391  1.00 4.21  ? 62  LEU A CD2 1 
ATOM   487  N N   . PRO A 1 63  ? 7.818   6.835   -3.600  1.00 4.92  ? 63  PRO A N   1 
ATOM   488  C CA  . PRO A 1 63  ? 7.980   7.995   -4.484  1.00 4.03  ? 63  PRO A CA  1 
ATOM   489  C C   . PRO A 1 63  ? 7.222   9.155   -3.829  1.00 4.09  ? 63  PRO A C   1 
ATOM   490  O O   . PRO A 1 63  ? 6.212   8.926   -3.165  1.00 2.35  ? 63  PRO A O   1 
ATOM   491  C CB  . PRO A 1 63  ? 7.277   7.540   -5.760  1.00 5.79  ? 63  PRO A CB  1 
ATOM   492  C CG  . PRO A 1 63  ? 7.562   6.074   -5.788  1.00 6.69  ? 63  PRO A CG  1 
ATOM   493  C CD  . PRO A 1 63  ? 7.312   5.672   -4.351  1.00 5.03  ? 63  PRO A CD  1 
ATOM   494  N N   . MET A 1 64  ? 7.690   10.385  -4.036  1.00 2.86  ? 64  MET A N   1 
ATOM   495  C CA  . MET A 1 64  ? 7.077   11.574  -3.433  1.00 3.63  ? 64  MET A CA  1 
ATOM   496  C C   . MET A 1 64  ? 5.545   11.610  -3.424  1.00 3.71  ? 64  MET A C   1 
ATOM   497  O O   . MET A 1 64  ? 4.934   11.805  -2.371  1.00 6.21  ? 64  MET A O   1 
ATOM   498  C CB  . MET A 1 64  ? 7.620   12.843  -4.093  1.00 4.64  ? 64  MET A CB  1 
ATOM   499  C CG  . MET A 1 64  ? 7.238   14.134  -3.373  1.00 3.45  ? 64  MET A CG  1 
ATOM   500  S SD  . MET A 1 64  ? 7.704   15.600  -4.314  1.00 7.04  ? 64  MET A SD  1 
ATOM   501  C CE  . MET A 1 64  ? 9.469   15.622  -4.020  1.00 9.07  ? 64  MET A CE  1 
ATOM   502  N N   . LEU A 1 65  ? 4.927   11.431  -4.589  1.00 3.81  ? 65  LEU A N   1 
ATOM   503  C CA  . LEU A 1 65  ? 3.471   11.452  -4.693  1.00 1.82  ? 65  LEU A CA  1 
ATOM   504  C C   . LEU A 1 65  ? 2.813   10.313  -3.910  1.00 1.79  ? 65  LEU A C   1 
ATOM   505  O O   . LEU A 1 65  ? 1.789   10.518  -3.255  1.00 2.34  ? 65  LEU A O   1 
ATOM   506  C CB  . LEU A 1 65  ? 3.044   11.425  -6.163  1.00 1.47  ? 65  LEU A CB  1 
ATOM   507  C CG  . LEU A 1 65  ? 1.543   11.431  -6.470  1.00 3.41  ? 65  LEU A CG  1 
ATOM   508  C CD1 . LEU A 1 65  ? 0.844   12.598  -5.772  1.00 2.53  ? 65  LEU A CD1 1 
ATOM   509  C CD2 . LEU A 1 65  ? 1.357   11.507  -7.969  1.00 2.57  ? 65  LEU A CD2 1 
ATOM   510  N N   . VAL A 1 66  ? 3.400   9.120   -3.975  1.00 0.89  ? 66  VAL A N   1 
ATOM   511  C CA  . VAL A 1 66  ? 2.877   7.965   -3.251  1.00 0.89  ? 66  VAL A CA  1 
ATOM   512  C C   . VAL A 1 66  ? 3.018   8.183   -1.743  1.00 2.24  ? 66  VAL A C   1 
ATOM   513  O O   . VAL A 1 66  ? 2.188   7.722   -0.957  1.00 2.02  ? 66  VAL A O   1 
ATOM   514  C CB  . VAL A 1 66  ? 3.620   6.666   -3.647  1.00 2.62  ? 66  VAL A CB  1 
ATOM   515  C CG1 . VAL A 1 66  ? 3.113   5.483   -2.815  1.00 0.89  ? 66  VAL A CG1 1 
ATOM   516  C CG2 . VAL A 1 66  ? 3.434   6.385   -5.128  1.00 0.95  ? 66  VAL A CG2 1 
ATOM   517  N N   . ARG A 1 67  ? 4.069   8.900   -1.348  1.00 2.39  ? 67  ARG A N   1 
ATOM   518  C CA  . ARG A 1 67  ? 4.324   9.183   0.063   1.00 1.81  ? 67  ARG A CA  1 
ATOM   519  C C   . ARG A 1 67  ? 3.226   10.097  0.609   1.00 1.69  ? 67  ARG A C   1 
ATOM   520  O O   . ARG A 1 67  ? 2.815   9.960   1.762   1.00 1.59  ? 67  ARG A O   1 
ATOM   521  C CB  . ARG A 1 67  ? 5.698   9.841   0.229   1.00 1.92  ? 67  ARG A CB  1 
ATOM   522  C CG  . ARG A 1 67  ? 6.184   9.935   1.675   1.00 2.74  ? 67  ARG A CG  1 
ATOM   523  C CD  . ARG A 1 67  ? 7.527   10.647  1.759   1.00 3.21  ? 67  ARG A CD  1 
ATOM   524  N NE  . ARG A 1 67  ? 8.530   10.025  0.893   1.00 4.89  ? 67  ARG A NE  1 
ATOM   525  C CZ  . ARG A 1 67  ? 9.278   10.680  0.008   1.00 5.02  ? 67  ARG A CZ  1 
ATOM   526  N NH1 . ARG A 1 67  ? 9.143   11.988  -0.151  1.00 2.41  ? 67  ARG A NH1 1 
ATOM   527  N NH2 . ARG A 1 67  ? 10.162  10.024  -0.729  1.00 6.18  ? 67  ARG A NH2 1 
ATOM   528  N N   . GLY A 1 68  ? 2.771   11.033  -0.224  1.00 1.37  ? 68  GLY A N   1 
ATOM   529  C CA  . GLY A 1 68  ? 1.705   11.939  0.178   1.00 1.30  ? 68  GLY A CA  1 
ATOM   530  C C   . GLY A 1 68  ? 0.414   11.167  0.391   1.00 1.74  ? 68  GLY A C   1 
ATOM   531  O O   . GLY A 1 68  ? -0.336  11.434  1.332   1.00 1.63  ? 68  GLY A O   1 
ATOM   532  N N   . LEU A 1 69  ? 0.157   10.199  -0.487  1.00 1.18  ? 69  LEU A N   1 
ATOM   533  C CA  . LEU A 1 69  ? -1.033  9.354   -0.389  1.00 2.02  ? 69  LEU A CA  1 
ATOM   534  C C   . LEU A 1 69  ? -0.932  8.501   0.877   1.00 1.98  ? 69  LEU A C   1 
ATOM   535  O O   . LEU A 1 69  ? -1.875  8.412   1.660   1.00 2.62  ? 69  LEU A O   1 
ATOM   536  C CB  . LEU A 1 69  ? -1.146  8.449   -1.625  1.00 0.89  ? 69  LEU A CB  1 
ATOM   537  C CG  . LEU A 1 69  ? -2.275  7.411   -1.656  1.00 2.10  ? 69  LEU A CG  1 
ATOM   538  C CD1 . LEU A 1 69  ? -3.629  8.102   -1.568  1.00 2.78  ? 69  LEU A CD1 1 
ATOM   539  C CD2 . LEU A 1 69  ? -2.186  6.582   -2.932  1.00 2.38  ? 69  LEU A CD2 1 
ATOM   540  N N   . TYR A 1 70  ? 0.237   7.895   1.063   1.00 2.14  ? 70  TYR A N   1 
ATOM   541  C CA  . TYR A 1 70  ? 0.554   7.047   2.208   1.00 1.47  ? 70  TYR A CA  1 
ATOM   542  C C   . TYR A 1 70  ? 0.242   7.715   3.548   1.00 2.81  ? 70  TYR A C   1 
ATOM   543  O O   . TYR A 1 70  ? -0.359  7.098   4.427   1.00 2.23  ? 70  TYR A O   1 
ATOM   544  C CB  . TYR A 1 70  ? 2.040   6.685   2.137   1.00 1.10  ? 70  TYR A CB  1 
ATOM   545  C CG  . TYR A 1 70  ? 2.619   5.977   3.341   1.00 0.89  ? 70  TYR A CG  1 
ATOM   546  C CD1 . TYR A 1 70  ? 2.402   4.616   3.544   1.00 1.50  ? 70  TYR A CD1 1 
ATOM   547  C CD2 . TYR A 1 70  ? 3.471   6.650   4.223   1.00 1.87  ? 70  TYR A CD2 1 
ATOM   548  C CE1 . TYR A 1 70  ? 3.030   3.936   4.588   1.00 0.89  ? 70  TYR A CE1 1 
ATOM   549  C CE2 . TYR A 1 70  ? 4.101   5.981   5.269   1.00 3.05  ? 70  TYR A CE2 1 
ATOM   550  C CZ  . TYR A 1 70  ? 3.880   4.625   5.443   1.00 4.26  ? 70  TYR A CZ  1 
ATOM   551  O OH  . TYR A 1 70  ? 4.518   3.958   6.464   1.00 3.13  ? 70  TYR A OH  1 
ATOM   552  N N   . TYR A 1 71  ? 0.650   8.973   3.695   1.00 3.46  ? 71  TYR A N   1 
ATOM   553  C CA  . TYR A 1 71  ? 0.424   9.717   4.933   1.00 3.07  ? 71  TYR A CA  1 
ATOM   554  C C   . TYR A 1 71  ? -0.976  10.304  5.120   1.00 3.56  ? 71  TYR A C   1 
ATOM   555  O O   . TYR A 1 71  ? -1.301  10.781  6.206   1.00 2.89  ? 71  TYR A O   1 
ATOM   556  C CB  . TYR A 1 71  ? 1.463   10.830  5.076   1.00 2.87  ? 71  TYR A CB  1 
ATOM   557  C CG  . TYR A 1 71  ? 2.790   10.372  5.643   1.00 3.10  ? 71  TYR A CG  1 
ATOM   558  C CD1 . TYR A 1 71  ? 2.899   9.983   6.975   1.00 0.89  ? 71  TYR A CD1 1 
ATOM   559  C CD2 . TYR A 1 71  ? 3.944   10.378  4.865   1.00 3.23  ? 71  TYR A CD2 1 
ATOM   560  C CE1 . TYR A 1 71  ? 4.126   9.619   7.525   1.00 2.00  ? 71  TYR A CE1 1 
ATOM   561  C CE2 . TYR A 1 71  ? 5.179   10.016  5.405   1.00 3.89  ? 71  TYR A CE2 1 
ATOM   562  C CZ  . TYR A 1 71  ? 5.261   9.642   6.738   1.00 2.79  ? 71  TYR A CZ  1 
ATOM   563  O OH  . TYR A 1 71  ? 6.484   9.330   7.294   1.00 2.74  ? 71  TYR A OH  1 
ATOM   564  N N   . GLU A 1 72  ? -1.802  10.254  4.079   1.00 3.05  ? 72  GLU A N   1 
ATOM   565  C CA  . GLU A 1 72  ? -3.163  10.798  4.140   1.00 4.87  ? 72  GLU A CA  1 
ATOM   566  C C   . GLU A 1 72  ? -3.998  10.212  5.287   1.00 4.52  ? 72  GLU A C   1 
ATOM   567  O O   . GLU A 1 72  ? -4.143  8.996   5.398   1.00 4.55  ? 72  GLU A O   1 
ATOM   568  C CB  . GLU A 1 72  ? -3.871  10.560  2.801   1.00 6.55  ? 72  GLU A CB  1 
ATOM   569  C CG  . GLU A 1 72  ? -5.302  11.069  2.725   1.00 9.67  ? 72  GLU A CG  1 
ATOM   570  C CD  . GLU A 1 72  ? -6.047  10.492  1.533   1.00 13.28 ? 72  GLU A CD  1 
ATOM   571  O OE1 . GLU A 1 72  ? -6.502  9.335   1.626   1.00 12.09 ? 72  GLU A OE1 1 
ATOM   572  O OE2 . GLU A 1 72  ? -6.171  11.187  0.505   1.00 16.33 ? 72  GLU A OE2 1 
ATOM   573  N N   . GLY A 1 73  ? -4.513  11.090  6.151   1.00 3.34  ? 73  GLY A N   1 
ATOM   574  C CA  . GLY A 1 73  ? -5.342  10.669  7.273   1.00 4.96  ? 73  GLY A CA  1 
ATOM   575  C C   . GLY A 1 73  ? -4.645  9.971   8.429   1.00 5.43  ? 73  GLY A C   1 
ATOM   576  O O   . GLY A 1 73  ? -5.305  9.417   9.311   1.00 5.40  ? 73  GLY A O   1 
ATOM   577  N N   . TRP A 1 74  ? -3.316  10.010  8.443   1.00 3.99  ? 74  TRP A N   1 
ATOM   578  C CA  . TRP A 1 74  ? -2.526  9.359   9.490   1.00 3.78  ? 74  TRP A CA  1 
ATOM   579  C C   . TRP A 1 74  ? -2.704  9.971   10.878  1.00 5.68  ? 74  TRP A C   1 
ATOM   580  O O   . TRP A 1 74  ? -2.683  11.192  11.041  1.00 4.47  ? 74  TRP A O   1 
ATOM   581  C CB  . TRP A 1 74  ? -1.041  9.388   9.111   1.00 3.08  ? 74  TRP A CB  1 
ATOM   582  C CG  . TRP A 1 74  ? -0.128  8.634   10.049  1.00 2.69  ? 74  TRP A CG  1 
ATOM   583  C CD1 . TRP A 1 74  ? -0.308  7.368   10.540  1.00 3.90  ? 74  TRP A CD1 1 
ATOM   584  C CD2 . TRP A 1 74  ? 1.140   9.079   10.546  1.00 4.29  ? 74  TRP A CD2 1 
ATOM   585  N NE1 . TRP A 1 74  ? 0.776   6.995   11.298  1.00 4.60  ? 74  TRP A NE1 1 
ATOM   586  C CE2 . TRP A 1 74  ? 1.680   8.026   11.321  1.00 3.84  ? 74  TRP A CE2 1 
ATOM   587  C CE3 . TRP A 1 74  ? 1.877   10.265  10.408  1.00 3.87  ? 74  TRP A CE3 1 
ATOM   588  C CZ2 . TRP A 1 74  ? 2.924   8.119   11.953  1.00 5.27  ? 74  TRP A CZ2 1 
ATOM   589  C CZ3 . TRP A 1 74  ? 3.120   10.359  11.038  1.00 4.69  ? 74  TRP A CZ3 1 
ATOM   590  C CH2 . TRP A 1 74  ? 3.627   9.288   11.801  1.00 6.04  ? 74  TRP A CH2 1 
ATOM   591  N N   . ASP A 1 75  ? -2.884  9.098   11.866  1.00 6.86  ? 75  ASP A N   1 
ATOM   592  C CA  . ASP A 1 75  ? -3.033  9.489   13.263  1.00 7.60  ? 75  ASP A CA  1 
ATOM   593  C C   . ASP A 1 75  ? -1.886  8.811   14.017  1.00 7.65  ? 75  ASP A C   1 
ATOM   594  O O   . ASP A 1 75  ? -1.993  7.655   14.434  1.00 7.54  ? 75  ASP A O   1 
ATOM   595  C CB  . ASP A 1 75  ? -4.386  9.019   13.813  1.00 12.25 ? 75  ASP A CB  1 
ATOM   596  C CG  . ASP A 1 75  ? -4.586  9.373   15.280  1.00 15.27 ? 75  ASP A CG  1 
ATOM   597  O OD1 . ASP A 1 75  ? -3.757  10.115  15.850  1.00 13.27 ? 75  ASP A OD1 1 
ATOM   598  O OD2 . ASP A 1 75  ? -5.582  8.899   15.866  1.00 19.04 ? 75  ASP A OD2 1 
ATOM   599  N N   . PRO A 1 76  ? -0.776  9.537   14.213  1.00 6.86  ? 76  PRO A N   1 
ATOM   600  C CA  . PRO A 1 76  ? 0.408   9.029   14.908  1.00 9.06  ? 76  PRO A CA  1 
ATOM   601  C C   . PRO A 1 76  ? 0.256   8.793   16.409  1.00 11.49 ? 76  PRO A C   1 
ATOM   602  O O   . PRO A 1 76  ? 1.109   8.147   17.021  1.00 11.54 ? 76  PRO A O   1 
ATOM   603  C CB  . PRO A 1 76  ? 1.447   10.107  14.622  1.00 9.28  ? 76  PRO A CB  1 
ATOM   604  C CG  . PRO A 1 76  ? 0.618   11.362  14.607  1.00 8.70  ? 76  PRO A CG  1 
ATOM   605  C CD  . PRO A 1 76  ? -0.572  10.932  13.780  1.00 8.46  ? 76  PRO A CD  1 
ATOM   606  N N   . THR A 1 77  ? -0.822  9.308   17.000  1.00 11.26 ? 77  THR A N   1 
ATOM   607  C CA  . THR A 1 77  ? -1.049  9.160   18.438  1.00 14.11 ? 77  THR A CA  1 
ATOM   608  C C   . THR A 1 77  ? -1.659  7.817   18.837  1.00 15.98 ? 77  THR A C   1 
ATOM   609  O O   . THR A 1 77  ? -1.536  7.392   19.991  1.00 15.72 ? 77  THR A O   1 
ATOM   610  C CB  . THR A 1 77  ? -1.946  10.286  18.997  1.00 13.12 ? 77  THR A CB  1 
ATOM   611  O OG1 . THR A 1 77  ? -3.290  10.111  18.531  1.00 13.61 ? 77  THR A OG1 1 
ATOM   612  C CG2 . THR A 1 77  ? -1.435  11.645  18.550  1.00 13.62 ? 77  THR A CG2 1 
ATOM   613  N N   . GLY A 1 78  ? -2.324  7.162   17.891  1.00 15.60 ? 78  GLY A N   1 
ATOM   614  C CA  . GLY A 1 78  ? -2.944  5.881   18.172  1.00 18.34 ? 78  GLY A CA  1 
ATOM   615  C C   . GLY A 1 78  ? -1.967  4.721   18.200  1.00 18.53 ? 78  GLY A C   1 
ATOM   616  O O   . GLY A 1 78  ? -1.012  4.689   17.418  1.00 19.52 ? 78  GLY A O   1 
ATOM   617  N N   . LYS A 1 79  ? -2.195  3.775   19.110  1.00 17.96 ? 79  LYS A N   1 
ATOM   618  C CA  . LYS A 1 79  ? -1.336  2.599   19.231  1.00 19.05 ? 79  LYS A CA  1 
ATOM   619  C C   . LYS A 1 79  ? -1.433  1.787   17.944  1.00 16.34 ? 79  LYS A C   1 
ATOM   620  O O   . LYS A 1 79  ? -2.525  1.605   17.404  1.00 16.42 ? 79  LYS A O   1 
ATOM   621  C CB  . LYS A 1 79  ? -1.764  1.730   20.424  1.00 23.09 ? 79  LYS A CB  1 
ATOM   622  C CG  . LYS A 1 79  ? -1.508  2.363   21.789  1.00 26.21 ? 79  LYS A CG  1 
ATOM   623  C CD  . LYS A 1 79  ? -1.826  1.417   22.949  1.00 29.66 ? 79  LYS A CD  1 
ATOM   624  C CE  . LYS A 1 79  ? -3.322  1.332   23.266  1.00 32.15 ? 79  LYS A CE  1 
ATOM   625  N NZ  . LYS A 1 79  ? -4.119  0.595   22.246  1.00 34.12 ? 79  LYS A NZ  1 
ATOM   626  N N   . PRO A 1 80  ? -0.288  1.327   17.409  1.00 15.04 ? 80  PRO A N   1 
ATOM   627  C CA  . PRO A 1 80  ? -0.324  0.539   16.173  1.00 13.59 ? 80  PRO A CA  1 
ATOM   628  C C   . PRO A 1 80  ? -1.201  -0.704  16.292  1.00 12.83 ? 80  PRO A C   1 
ATOM   629  O O   . PRO A 1 80  ? -1.209  -1.379  17.323  1.00 12.53 ? 80  PRO A O   1 
ATOM   630  C CB  . PRO A 1 80  ? 1.152   0.196   15.929  1.00 14.68 ? 80  PRO A CB  1 
ATOM   631  C CG  . PRO A 1 80  ? 1.800   0.356   17.285  1.00 17.16 ? 80  PRO A CG  1 
ATOM   632  C CD  . PRO A 1 80  ? 1.100   1.557   17.844  1.00 15.16 ? 80  PRO A CD  1 
ATOM   633  N N   . LEU A 1 81  ? -1.987  -0.955  15.250  1.00 11.03 ? 81  LEU A N   1 
ATOM   634  C CA  . LEU A 1 81  ? -2.888  -2.103  15.210  1.00 9.90  ? 81  LEU A CA  1 
ATOM   635  C C   . LEU A 1 81  ? -2.079  -3.393  15.145  1.00 9.38  ? 81  LEU A C   1 
ATOM   636  O O   . LEU A 1 81  ? -1.096  -3.483  14.408  1.00 7.97  ? 81  LEU A O   1 
ATOM   637  C CB  . LEU A 1 81  ? -3.838  -1.982  14.014  1.00 10.50 ? 81  LEU A CB  1 
ATOM   638  C CG  . LEU A 1 81  ? -5.048  -1.045  14.165  1.00 14.08 ? 81  LEU A CG  1 
ATOM   639  C CD1 . LEU A 1 81  ? -4.687  0.237   14.885  1.00 15.93 ? 81  LEU A CD1 1 
ATOM   640  C CD2 . LEU A 1 81  ? -5.644  -0.745  12.803  1.00 12.10 ? 81  LEU A CD2 1 
ATOM   641  N N   . LYS A 1 82  ? -2.489  -4.387  15.926  1.00 8.75  ? 82  LYS A N   1 
ATOM   642  C CA  . LYS A 1 82  ? -1.762  -5.644  15.972  1.00 9.97  ? 82  LYS A CA  1 
ATOM   643  C C   . LYS A 1 82  ? -2.614  -6.912  15.920  1.00 8.65  ? 82  LYS A C   1 
ATOM   644  O O   . LYS A 1 82  ? -2.248  -7.921  16.518  1.00 6.80  ? 82  LYS A O   1 
ATOM   645  C CB  . LYS A 1 82  ? -0.867  -5.669  17.216  1.00 11.86 ? 82  LYS A CB  1 
ATOM   646  C CG  . LYS A 1 82  ? -1.619  -5.476  18.523  1.00 15.63 ? 82  LYS A CG  1 
ATOM   647  C CD  . LYS A 1 82  ? -0.673  -5.423  19.708  1.00 19.55 ? 82  LYS A CD  1 
ATOM   648  C CE  . LYS A 1 82  ? -1.442  -5.230  21.007  1.00 22.39 ? 82  LYS A CE  1 
ATOM   649  N NZ  . LYS A 1 82  ? -0.537  -5.229  22.188  1.00 25.87 ? 82  LYS A NZ  1 
ATOM   650  N N   . GLU A 1 83  ? -3.734  -6.870  15.202  1.00 8.50  ? 83  GLU A N   1 
ATOM   651  C CA  . GLU A 1 83  ? -4.587  -8.051  15.079  1.00 9.39  ? 83  GLU A CA  1 
ATOM   652  C C   . GLU A 1 83  ? -3.783  -9.129  14.360  1.00 8.91  ? 83  GLU A C   1 
ATOM   653  O O   . GLU A 1 83  ? -3.072  -8.845  13.400  1.00 8.78  ? 83  GLU A O   1 
ATOM   654  C CB  . GLU A 1 83  ? -5.859  -7.741  14.286  1.00 9.27  ? 83  GLU A CB  1 
ATOM   655  C CG  . GLU A 1 83  ? -6.707  -6.617  14.861  1.00 11.50 ? 83  GLU A CG  1 
ATOM   656  C CD  . GLU A 1 83  ? -6.458  -5.275  14.191  1.00 12.75 ? 83  GLU A CD  1 
ATOM   657  O OE1 . GLU A 1 83  ? -5.328  -5.023  13.720  1.00 13.22 ? 83  GLU A OE1 1 
ATOM   658  O OE2 . GLU A 1 83  ? -7.402  -4.463  14.142  1.00 14.17 ? 83  GLU A OE2 1 
ATOM   659  N N   . ARG A 1 84  ? -3.903  -10.364 14.829  1.00 11.07 ? 84  ARG A N   1 
ATOM   660  C CA  . ARG A 1 84  ? -3.160  -11.488 14.264  1.00 12.73 ? 84  ARG A CA  1 
ATOM   661  C C   . ARG A 1 84  ? -3.748  -12.205 13.045  1.00 11.39 ? 84  ARG A C   1 
ATOM   662  O O   . ARG A 1 84  ? -3.005  -12.792 12.260  1.00 13.36 ? 84  ARG A O   1 
ATOM   663  C CB  . ARG A 1 84  ? -2.863  -12.517 15.368  1.00 17.39 ? 84  ARG A CB  1 
ATOM   664  C CG  . ARG A 1 84  ? -3.769  -12.420 16.599  1.00 24.91 ? 84  ARG A CG  1 
ATOM   665  C CD  . ARG A 1 84  ? -5.240  -12.634 16.259  1.00 26.67 ? 84  ARG A CD  1 
ATOM   666  N NE  . ARG A 1 84  ? -6.102  -11.625 16.877  1.00 29.90 ? 84  ARG A NE  1 
ATOM   667  C CZ  . ARG A 1 84  ? -7.029  -10.923 16.228  1.00 29.21 ? 84  ARG A CZ  1 
ATOM   668  N NH1 . ARG A 1 84  ? -7.229  -11.109 14.929  1.00 27.66 ? 84  ARG A NH1 1 
ATOM   669  N NH2 . ARG A 1 84  ? -7.756  -10.024 16.878  1.00 30.25 ? 84  ARG A NH2 1 
ATOM   670  N N   . HIS A 1 85  ? -5.065  -12.145 12.880  1.00 10.06 ? 85  HIS A N   1 
ATOM   671  C CA  . HIS A 1 85  ? -5.736  -12.837 11.776  1.00 8.89  ? 85  HIS A CA  1 
ATOM   672  C C   . HIS A 1 85  ? -5.889  -12.062 10.471  1.00 8.05  ? 85  HIS A C   1 
ATOM   673  O O   . HIS A 1 85  ? -6.036  -10.842 10.470  1.00 6.99  ? 85  HIS A O   1 
ATOM   674  C CB  . HIS A 1 85  ? -7.103  -13.343 12.242  1.00 10.08 ? 85  HIS A CB  1 
ATOM   675  C CG  . HIS A 1 85  ? -7.034  -14.274 13.412  1.00 12.92 ? 85  HIS A CG  1 
ATOM   676  N ND1 . HIS A 1 85  ? -6.211  -15.380 13.436  1.00 15.46 ? 85  HIS A ND1 1 
ATOM   677  C CD2 . HIS A 1 85  ? -7.670  -14.252 14.607  1.00 14.42 ? 85  HIS A CD2 1 
ATOM   678  C CE1 . HIS A 1 85  ? -6.341  -15.998 14.595  1.00 16.01 ? 85  HIS A CE1 1 
ATOM   679  N NE2 . HIS A 1 85  ? -7.219  -15.335 15.326  1.00 17.51 ? 85  HIS A NE2 1 
ATOM   680  N N   . LYS A 1 86  ? -5.911  -12.798 9.363   1.00 6.81  ? 86  LYS A N   1 
ATOM   681  C CA  . LYS A 1 86  ? -6.055  -12.204 8.035   1.00 6.60  ? 86  LYS A CA  1 
ATOM   682  C C   . LYS A 1 86  ? -7.335  -11.376 7.905   1.00 6.31  ? 86  LYS A C   1 
ATOM   683  O O   . LYS A 1 86  ? -7.308  -10.266 7.370   1.00 4.71  ? 86  LYS A O   1 
ATOM   684  C CB  . LYS A 1 86  ? -6.037  -13.295 6.954   1.00 5.33  ? 86  LYS A CB  1 
ATOM   685  C CG  . LYS A 1 86  ? -5.942  -12.743 5.541   1.00 7.02  ? 86  LYS A CG  1 
ATOM   686  C CD  . LYS A 1 86  ? -5.813  -13.826 4.481   1.00 9.32  ? 86  LYS A CD  1 
ATOM   687  C CE  . LYS A 1 86  ? -7.109  -14.582 4.269   1.00 9.12  ? 86  LYS A CE  1 
ATOM   688  N NZ  . LYS A 1 86  ? -7.026  -15.480 3.070   1.00 8.82  ? 86  LYS A NZ  1 
ATOM   689  N N   . GLU A 1 87  ? -8.448  -11.903 8.414   1.00 6.28  ? 87  GLU A N   1 
ATOM   690  C CA  . GLU A 1 87  ? -9.732  -11.203 8.331   1.00 5.62  ? 87  GLU A CA  1 
ATOM   691  C C   . GLU A 1 87  ? -9.737  -9.806  8.943   1.00 5.77  ? 87  GLU A C   1 
ATOM   692  O O   . GLU A 1 87  ? -10.384 -8.903  8.419   1.00 4.26  ? 87  GLU A O   1 
ATOM   693  C CB  . GLU A 1 87  ? -10.868 -12.038 8.941   1.00 10.13 ? 87  GLU A CB  1 
ATOM   694  C CG  . GLU A 1 87  ? -10.590 -12.585 10.327  1.00 13.24 ? 87  GLU A CG  1 
ATOM   695  C CD  . GLU A 1 87  ? -10.104 -14.020 10.291  1.00 17.31 ? 87  GLU A CD  1 
ATOM   696  O OE1 . GLU A 1 87  ? -9.073  -14.293 9.639   1.00 17.72 ? 87  GLU A OE1 1 
ATOM   697  O OE2 . GLU A 1 87  ? -10.768 -14.881 10.905  1.00 21.83 ? 87  GLU A OE2 1 
ATOM   698  N N   . ALA A 1 88  ? -9.016  -9.630  10.045  1.00 4.88  ? 88  ALA A N   1 
ATOM   699  C CA  . ALA A 1 88  ? -8.945  -8.334  10.709  1.00 5.97  ? 88  ALA A CA  1 
ATOM   700  C C   . ALA A 1 88  ? -8.248  -7.317  9.808   1.00 5.81  ? 88  ALA A C   1 
ATOM   701  O O   . ALA A 1 88  ? -8.733  -6.199  9.620   1.00 6.58  ? 88  ALA A O   1 
ATOM   702  C CB  . ALA A 1 88  ? -8.207  -8.462  12.032  1.00 6.58  ? 88  ALA A CB  1 
ATOM   703  N N   . PHE A 1 89  ? -7.116  -7.715  9.238   1.00 4.82  ? 89  PHE A N   1 
ATOM   704  C CA  . PHE A 1 89  ? -6.374  -6.833  8.352   1.00 4.66  ? 89  PHE A CA  1 
ATOM   705  C C   . PHE A 1 89  ? -7.165  -6.510  7.090   1.00 4.04  ? 89  PHE A C   1 
ATOM   706  O O   . PHE A 1 89  ? -7.216  -5.355  6.668   1.00 5.67  ? 89  PHE A O   1 
ATOM   707  C CB  . PHE A 1 89  ? -5.033  -7.452  7.968   1.00 4.49  ? 89  PHE A CB  1 
ATOM   708  C CG  . PHE A 1 89  ? -4.159  -6.535  7.162   1.00 6.05  ? 89  PHE A CG  1 
ATOM   709  C CD1 . PHE A 1 89  ? -3.555  -5.429  7.759   1.00 4.46  ? 89  PHE A CD1 1 
ATOM   710  C CD2 . PHE A 1 89  ? -3.943  -6.767  5.810   1.00 6.06  ? 89  PHE A CD2 1 
ATOM   711  C CE1 . PHE A 1 89  ? -2.752  -4.568  7.016   1.00 4.91  ? 89  PHE A CE1 1 
ATOM   712  C CE2 . PHE A 1 89  ? -3.142  -5.910  5.058   1.00 6.90  ? 89  PHE A CE2 1 
ATOM   713  C CZ  . PHE A 1 89  ? -2.545  -4.809  5.665   1.00 5.95  ? 89  PHE A CZ  1 
ATOM   714  N N   . LEU A 1 90  ? -7.768  -7.530  6.484   1.00 3.08  ? 90  LEU A N   1 
ATOM   715  C CA  . LEU A 1 90  ? -8.544  -7.325  5.269   1.00 2.14  ? 90  LEU A CA  1 
ATOM   716  C C   . LEU A 1 90  ? -9.759  -6.430  5.505   1.00 2.31  ? 90  LEU A C   1 
ATOM   717  O O   . LEU A 1 90  ? -10.151 -5.667  4.619   1.00 2.15  ? 90  LEU A O   1 
ATOM   718  C CB  . LEU A 1 90  ? -8.944  -8.664  4.634   1.00 0.91  ? 90  LEU A CB  1 
ATOM   719  C CG  . LEU A 1 90  ? -7.766  -9.497  4.114   1.00 2.59  ? 90  LEU A CG  1 
ATOM   720  C CD1 . LEU A 1 90  ? -8.275  -10.738 3.389   1.00 3.40  ? 90  LEU A CD1 1 
ATOM   721  C CD2 . LEU A 1 90  ? -6.900  -8.649  3.179   1.00 2.54  ? 90  LEU A CD2 1 
ATOM   722  N N   . ALA A 1 91  ? -10.323 -6.490  6.711   1.00 4.47  ? 91  ALA A N   1 
ATOM   723  C CA  . ALA A 1 91  ? -11.470 -5.656  7.061   1.00 4.62  ? 91  ALA A CA  1 
ATOM   724  C C   . ALA A 1 91  ? -11.061 -4.177  7.053   1.00 5.46  ? 91  ALA A C   1 
ATOM   725  O O   . ALA A 1 91  ? -11.845 -3.309  6.659   1.00 4.11  ? 91  ALA A O   1 
ATOM   726  C CB  . ALA A 1 91  ? -12.019 -6.049  8.429   1.00 5.50  ? 91  ALA A CB  1 
ATOM   727  N N   . HIS A 1 92  ? -9.831  -3.898  7.484   1.00 4.42  ? 92  HIS A N   1 
ATOM   728  C CA  . HIS A 1 92  ? -9.319  -2.527  7.500   1.00 4.92  ? 92  HIS A CA  1 
ATOM   729  C C   . HIS A 1 92  ? -9.086  -2.041  6.072   1.00 5.61  ? 92  HIS A C   1 
ATOM   730  O O   . HIS A 1 92  ? -9.360  -0.884  5.751   1.00 6.26  ? 92  HIS A O   1 
ATOM   731  C CB  . HIS A 1 92  ? -8.029  -2.440  8.318   1.00 4.83  ? 92  HIS A CB  1 
ATOM   732  C CG  . HIS A 1 92  ? -8.247  -2.552  9.794   1.00 7.99  ? 92  HIS A CG  1 
ATOM   733  N ND1 . HIS A 1 92  ? -9.144  -1.757  10.473  1.00 9.34  ? 92  HIS A ND1 1 
ATOM   734  C CD2 . HIS A 1 92  ? -7.686  -3.363  10.720  1.00 7.40  ? 92  HIS A CD2 1 
ATOM   735  C CE1 . HIS A 1 92  ? -9.126  -2.072  11.756  1.00 8.22  ? 92  HIS A CE1 1 
ATOM   736  N NE2 . HIS A 1 92  ? -8.250  -3.044  11.932  1.00 8.81  ? 92  HIS A NE2 1 
ATOM   737  N N   . VAL A 1 93  ? -8.577  -2.931  5.222   1.00 4.24  ? 93  VAL A N   1 
ATOM   738  C CA  . VAL A 1 93  ? -8.352  -2.601  3.817   1.00 3.86  ? 93  VAL A CA  1 
ATOM   739  C C   . VAL A 1 93  ? -9.726  -2.339  3.190   1.00 3.65  ? 93  VAL A C   1 
ATOM   740  O O   . VAL A 1 93  ? -9.923  -1.345  2.490   1.00 3.27  ? 93  VAL A O   1 
ATOM   741  C CB  . VAL A 1 93  ? -7.658  -3.771  3.063   1.00 3.92  ? 93  VAL A CB  1 
ATOM   742  C CG1 . VAL A 1 93  ? -7.613  -3.495  1.566   1.00 3.25  ? 93  VAL A CG1 1 
ATOM   743  C CG2 . VAL A 1 93  ? -6.240  -3.979  3.589   1.00 3.15  ? 93  VAL A CG2 1 
ATOM   744  N N   . ALA A 1 94  ? -10.685 -3.210  3.502   1.00 4.79  ? 94  ALA A N   1 
ATOM   745  C CA  . ALA A 1 94  ? -12.047 -3.102  2.983   1.00 5.33  ? 94  ALA A CA  1 
ATOM   746  C C   . ALA A 1 94  ? -12.734 -1.791  3.372   1.00 5.88  ? 94  ALA A C   1 
ATOM   747  O O   . ALA A 1 94  ? -13.558 -1.271  2.620   1.00 6.10  ? 94  ALA A O   1 
ATOM   748  C CB  . ALA A 1 94  ? -12.877 -4.290  3.450   1.00 6.42  ? 94  ALA A CB  1 
ATOM   749  N N   . GLU A 1 95  ? -12.386 -1.258  4.541   1.00 6.38  ? 95  GLU A N   1 
ATOM   750  C CA  . GLU A 1 95  ? -12.973 -0.009  5.022   1.00 8.66  ? 95  GLU A CA  1 
ATOM   751  C C   . GLU A 1 95  ? -12.732 1.178   4.094   1.00 9.32  ? 95  GLU A C   1 
ATOM   752  O O   . GLU A 1 95  ? -13.532 2.115   4.063   1.00 9.63  ? 95  GLU A O   1 
ATOM   753  C CB  . GLU A 1 95  ? -12.457 0.322   6.423   1.00 11.88 ? 95  GLU A CB  1 
ATOM   754  C CG  . GLU A 1 95  ? -13.450 0.025   7.540   1.00 19.81 ? 95  GLU A CG  1 
ATOM   755  C CD  . GLU A 1 95  ? -14.712 0.874   7.450   1.00 23.18 ? 95  GLU A CD  1 
ATOM   756  O OE1 . GLU A 1 95  ? -14.605 2.119   7.497   1.00 26.05 ? 95  GLU A OE1 1 
ATOM   757  O OE2 . GLU A 1 95  ? -15.812 0.293   7.334   1.00 26.32 ? 95  GLU A OE2 1 
ATOM   758  N N   . GLU A 1 96  ? -11.621 1.154   3.362   1.00 5.75  ? 96  GLU A N   1 
ATOM   759  C CA  . GLU A 1 96  ? -11.305 2.242   2.439   1.00 5.45  ? 96  GLU A CA  1 
ATOM   760  C C   . GLU A 1 96  ? -11.559 1.899   0.974   1.00 6.46  ? 96  GLU A C   1 
ATOM   761  O O   . GLU A 1 96  ? -11.157 2.634   0.067   1.00 5.52  ? 96  GLU A O   1 
ATOM   762  C CB  . GLU A 1 96  ? -9.879  2.744   2.664   1.00 5.31  ? 96  GLU A CB  1 
ATOM   763  C CG  . GLU A 1 96  ? -9.711  3.441   4.014   1.00 3.44  ? 96  GLU A CG  1 
ATOM   764  C CD  . GLU A 1 96  ? -8.375  4.149   4.171   1.00 6.74  ? 96  GLU A CD  1 
ATOM   765  O OE1 . GLU A 1 96  ? -7.638  4.275   3.173   1.00 4.81  ? 96  GLU A OE1 1 
ATOM   766  O OE2 . GLU A 1 96  ? -8.069  4.590   5.301   1.00 9.66  ? 96  GLU A OE2 1 
ATOM   767  N N   . LEU A 1 97  ? -12.255 0.787   0.755   1.00 9.25  ? 97  LEU A N   1 
ATOM   768  C CA  . LEU A 1 97  ? -12.613 0.329   -0.584  1.00 9.83  ? 97  LEU A CA  1 
ATOM   769  C C   . LEU A 1 97  ? -14.133 0.332   -0.724  1.00 12.48 ? 97  LEU A C   1 
ATOM   770  O O   . LEU A 1 97  ? -14.675 -0.151  -1.718  1.00 14.66 ? 97  LEU A O   1 
ATOM   771  C CB  . LEU A 1 97  ? -12.080 -1.084  -0.837  1.00 8.76  ? 97  LEU A CB  1 
ATOM   772  C CG  . LEU A 1 97  ? -10.567 -1.261  -0.996  1.00 8.07  ? 97  LEU A CG  1 
ATOM   773  C CD1 . LEU A 1 97  ? -10.228 -2.733  -1.130  1.00 8.56  ? 97  LEU A CD1 1 
ATOM   774  C CD2 . LEU A 1 97  ? -10.078 -0.487  -2.215  1.00 7.80  ? 97  LEU A CD2 1 
ATOM   775  N N   . LYS A 1 98  ? -14.817 0.874   0.281   1.00 14.90 ? 98  LYS A N   1 
ATOM   776  C CA  . LYS A 1 98  ? -16.273 0.933   0.278   1.00 17.92 ? 98  LYS A CA  1 
ATOM   777  C C   . LYS A 1 98  ? -16.826 1.827   -0.822  1.00 18.59 ? 98  LYS A C   1 
ATOM   778  O O   . LYS A 1 98  ? -16.323 2.925   -1.056  1.00 17.71 ? 98  LYS A O   1 
ATOM   779  C CB  . LYS A 1 98  ? -16.803 1.430   1.626   1.00 20.64 ? 98  LYS A CB  1 
ATOM   780  C CG  . LYS A 1 98  ? -16.534 0.506   2.799   1.00 25.23 ? 98  LYS A CG  1 
ATOM   781  C CD  . LYS A 1 98  ? -17.231 0.982   4.075   1.00 28.55 ? 98  LYS A CD  1 
ATOM   782  C CE  . LYS A 1 98  ? -16.703 2.324   4.577   1.00 30.11 ? 98  LYS A CE  1 
ATOM   783  N NZ  . LYS A 1 98  ? -17.126 3.490   3.751   1.00 31.94 ? 98  LYS A NZ  1 
ATOM   784  N N   . THR A 1 99  ? -17.844 1.324   -1.511  1.00 20.40 ? 99  THR A N   1 
ATOM   785  C CA  . THR A 1 99  ? -18.522 2.059   -2.577  1.00 23.48 ? 99  THR A CA  1 
ATOM   786  C C   . THR A 1 99  ? -20.018 1.825   -2.353  1.00 24.52 ? 99  THR A C   1 
ATOM   787  O O   . THR A 1 99  ? -20.398 1.037   -1.481  1.00 23.80 ? 99  THR A O   1 
ATOM   788  C CB  . THR A 1 99  ? -18.119 1.555   -3.993  1.00 23.86 ? 99  THR A CB  1 
ATOM   789  O OG1 . THR A 1 99  ? -18.553 0.201   -4.172  1.00 26.13 ? 99  THR A OG1 1 
ATOM   790  C CG2 . THR A 1 99  ? -16.615 1.646   -4.197  1.00 24.47 ? 99  THR A CG2 1 
ATOM   791  N N   . PRO A 1 100 ? -20.889 2.518   -3.112  1.00 26.59 ? 100 PRO A N   1 
ATOM   792  C CA  . PRO A 1 100 ? -22.338 2.347   -2.956  1.00 28.35 ? 100 PRO A CA  1 
ATOM   793  C C   . PRO A 1 100 ? -22.814 0.894   -2.967  1.00 30.35 ? 100 PRO A C   1 
ATOM   794  O O   . PRO A 1 100 ? -23.795 0.554   -2.302  1.00 31.67 ? 100 PRO A O   1 
ATOM   795  C CB  . PRO A 1 100 ? -22.892 3.131   -4.140  1.00 28.27 ? 100 PRO A CB  1 
ATOM   796  C CG  . PRO A 1 100 ? -21.937 4.265   -4.237  1.00 26.93 ? 100 PRO A CG  1 
ATOM   797  C CD  . PRO A 1 100 ? -20.598 3.577   -4.098  1.00 25.99 ? 100 PRO A CD  1 
ATOM   798  N N   . SER A 1 101 ? -22.108 0.040   -3.709  1.00 31.53 ? 101 SER A N   1 
ATOM   799  C CA  . SER A 1 101 ? -22.454 -1.378  -3.799  1.00 32.37 ? 101 SER A CA  1 
ATOM   800  C C   . SER A 1 101 ? -21.251 -2.296  -3.564  1.00 32.01 ? 101 SER A C   1 
ATOM   801  O O   . SER A 1 101 ? -20.601 -2.741  -4.514  1.00 33.60 ? 101 SER A O   1 
ATOM   802  C CB  . SER A 1 101 ? -23.089 -1.692  -5.162  1.00 32.63 ? 101 SER A CB  1 
ATOM   803  O OG  . SER A 1 101 ? -24.378 -1.110  -5.285  1.00 34.16 ? 101 SER A OG  1 
ATOM   804  N N   . GLY A 1 102 ? -20.960 -2.563  -2.291  1.00 30.35 ? 102 GLY A N   1 
ATOM   805  C CA  . GLY A 1 102 ? -19.850 -3.436  -1.930  1.00 27.70 ? 102 GLY A CA  1 
ATOM   806  C C   . GLY A 1 102 ? -18.454 -2.881  -2.161  1.00 24.26 ? 102 GLY A C   1 
ATOM   807  O O   . GLY A 1 102 ? -18.300 -1.749  -2.613  1.00 24.62 ? 102 GLY A O   1 
ATOM   808  N N   . PRO A 1 103 ? -17.405 -3.665  -1.850  1.00 22.00 ? 103 PRO A N   1 
ATOM   809  C CA  . PRO A 1 103 ? -16.002 -3.264  -2.019  1.00 18.44 ? 103 PRO A CA  1 
ATOM   810  C C   . PRO A 1 103 ? -15.650 -3.003  -3.480  1.00 14.95 ? 103 PRO A C   1 
ATOM   811  O O   . PRO A 1 103 ? -16.045 -3.762  -4.365  1.00 14.09 ? 103 PRO A O   1 
ATOM   812  C CB  . PRO A 1 103 ? -15.237 -4.477  -1.483  1.00 20.25 ? 103 PRO A CB  1 
ATOM   813  C CG  . PRO A 1 103 ? -16.180 -5.065  -0.477  1.00 21.20 ? 103 PRO A CG  1 
ATOM   814  C CD  . PRO A 1 103 ? -17.493 -4.988  -1.208  1.00 22.04 ? 103 PRO A CD  1 
ATOM   815  N N   . ALA A 1 104 ? -14.896 -1.933  -3.720  1.00 12.14 ? 104 ALA A N   1 
ATOM   816  C CA  . ALA A 1 104 ? -14.471 -1.554  -5.066  1.00 10.90 ? 104 ALA A CA  1 
ATOM   817  C C   . ALA A 1 104 ? -13.622 -2.651  -5.702  1.00 11.23 ? 104 ALA A C   1 
ATOM   818  O O   . ALA A 1 104 ? -13.673 -2.870  -6.913  1.00 9.96  ? 104 ALA A O   1 
ATOM   819  C CB  . ALA A 1 104 ? -13.679 -0.255  -5.016  1.00 11.31 ? 104 ALA A CB  1 
ATOM   820  N N   . VAL A 1 105 ? -12.813 -3.302  -4.870  1.00 8.80  ? 105 VAL A N   1 
ATOM   821  C CA  . VAL A 1 105 ? -11.927 -4.384  -5.294  1.00 8.08  ? 105 VAL A CA  1 
ATOM   822  C C   . VAL A 1 105 ? -11.951 -5.426  -4.176  1.00 5.83  ? 105 VAL A C   1 
ATOM   823  O O   . VAL A 1 105 ? -12.122 -5.070  -3.010  1.00 7.19  ? 105 VAL A O   1 
ATOM   824  C CB  . VAL A 1 105 ? -10.461 -3.877  -5.447  1.00 8.81  ? 105 VAL A CB  1 
ATOM   825  C CG1 . VAL A 1 105 ? -9.570  -4.974  -6.007  1.00 9.98  ? 105 VAL A CG1 1 
ATOM   826  C CG2 . VAL A 1 105 ? -10.407 -2.639  -6.345  1.00 11.18 ? 105 VAL A CG2 1 
ATOM   827  N N   . ASP A 1 106 ? -11.804 -6.706  -4.518  1.00 4.40  ? 106 ASP A N   1 
ATOM   828  C CA  . ASP A 1 106 ? -11.783 -7.735  -3.480  1.00 4.71  ? 106 ASP A CA  1 
ATOM   829  C C   . ASP A 1 106 ? -10.613 -7.400  -2.555  1.00 2.86  ? 106 ASP A C   1 
ATOM   830  O O   . ASP A 1 106 ? -9.488  -7.256  -3.021  1.00 2.06  ? 106 ASP A O   1 
ATOM   831  C CB  . ASP A 1 106 ? -11.567 -9.122  -4.079  1.00 6.47  ? 106 ASP A CB  1 
ATOM   832  C CG  . ASP A 1 106 ? -11.314 -10.171 -3.018  1.00 6.07  ? 106 ASP A CG  1 
ATOM   833  O OD1 . ASP A 1 106 ? -12.265 -10.532 -2.297  1.00 10.21 ? 106 ASP A OD1 1 
ATOM   834  O OD2 . ASP A 1 106 ? -10.154 -10.603 -2.878  1.00 9.02  ? 106 ASP A OD2 1 
ATOM   835  N N   . PRO A 1 107 ? -10.868 -7.274  -1.238  1.00 3.93  ? 107 PRO A N   1 
ATOM   836  C CA  . PRO A 1 107 ? -9.831  -6.948  -0.248  1.00 4.12  ? 107 PRO A CA  1 
ATOM   837  C C   . PRO A 1 107 ? -8.531  -7.752  -0.346  1.00 4.80  ? 107 PRO A C   1 
ATOM   838  O O   . PRO A 1 107 ? -7.448  -7.164  -0.365  1.00 4.61  ? 107 PRO A O   1 
ATOM   839  C CB  . PRO A 1 107 ? -10.547 -7.178  1.081   1.00 4.37  ? 107 PRO A CB  1 
ATOM   840  C CG  . PRO A 1 107 ? -11.955 -6.766  0.757   1.00 6.25  ? 107 PRO A CG  1 
ATOM   841  C CD  . PRO A 1 107 ? -12.179 -7.434  -0.581  1.00 3.90  ? 107 PRO A CD  1 
ATOM   842  N N   . GLU A 1 108 ? -8.619  -9.081  -0.394  1.00 4.60  ? 108 GLU A N   1 
ATOM   843  C CA  . GLU A 1 108 ? -7.400  -9.884  -0.487  1.00 4.11  ? 108 GLU A CA  1 
ATOM   844  C C   . GLU A 1 108 ? -6.669  -9.658  -1.806  1.00 3.26  ? 108 GLU A C   1 
ATOM   845  O O   . GLU A 1 108 ? -5.445  -9.539  -1.827  1.00 2.81  ? 108 GLU A O   1 
ATOM   846  C CB  . GLU A 1 108 ? -7.673  -11.377 -0.277  1.00 5.79  ? 108 GLU A CB  1 
ATOM   847  C CG  . GLU A 1 108 ? -6.386  -12.205 -0.266  1.00 7.03  ? 108 GLU A CG  1 
ATOM   848  C CD  . GLU A 1 108 ? -6.560  -13.619 0.267   1.00 10.32 ? 108 GLU A CD  1 
ATOM   849  O OE1 . GLU A 1 108 ? -7.655  -13.961 0.754   1.00 12.48 ? 108 GLU A OE1 1 
ATOM   850  O OE2 . GLU A 1 108 ? -5.583  -14.392 0.206   1.00 11.93 ? 108 GLU A OE2 1 
ATOM   851  N N   . ALA A 1 109 ? -7.421  -9.593  -2.903  1.00 5.48  ? 109 ALA A N   1 
ATOM   852  C CA  . ALA A 1 109 ? -6.832  -9.364  -4.220  1.00 5.30  ? 109 ALA A CA  1 
ATOM   853  C C   . ALA A 1 109 ? -6.095  -8.025  -4.238  1.00 4.05  ? 109 ALA A C   1 
ATOM   854  O O   . ALA A 1 109 ? -4.980  -7.923  -4.756  1.00 2.78  ? 109 ALA A O   1 
ATOM   855  C CB  . ALA A 1 109 ? -7.913  -9.384  -5.294  1.00 7.65  ? 109 ALA A CB  1 
ATOM   856  N N   . ALA A 1 110 ? -6.727  -7.005  -3.665  1.00 3.77  ? 110 ALA A N   1 
ATOM   857  C CA  . ALA A 1 110 ? -6.134  -5.672  -3.594  1.00 4.08  ? 110 ALA A CA  1 
ATOM   858  C C   . ALA A 1 110 ? -4.844  -5.712  -2.772  1.00 4.01  ? 110 ALA A C   1 
ATOM   859  O O   . ALA A 1 110 ? -3.818  -5.146  -3.161  1.00 3.05  ? 110 ALA A O   1 
ATOM   860  C CB  . ALA A 1 110 ? -7.127  -4.698  -2.967  1.00 3.21  ? 110 ALA A CB  1 
ATOM   861  N N   . THR A 1 111 ? -4.901  -6.409  -1.643  1.00 3.03  ? 111 THR A N   1 
ATOM   862  C CA  . THR A 1 111 ? -3.751  -6.527  -0.753  1.00 1.76  ? 111 THR A CA  1 
ATOM   863  C C   . THR A 1 111 ? -2.584  -7.274  -1.393  1.00 3.10  ? 111 THR A C   1 
ATOM   864  O O   . THR A 1 111 ? -1.441  -6.816  -1.327  1.00 1.18  ? 111 THR A O   1 
ATOM   865  C CB  . THR A 1 111 ? -4.160  -7.209  0.564   1.00 3.15  ? 111 THR A CB  1 
ATOM   866  O OG1 . THR A 1 111 ? -5.197  -6.441  1.184   1.00 0.89  ? 111 THR A OG1 1 
ATOM   867  C CG2 . THR A 1 111 ? -2.984  -7.299  1.507   1.00 2.34  ? 111 THR A CG2 1 
ATOM   868  N N   . ARG A 1 112 ? -2.871  -8.411  -2.025  1.00 2.44  ? 112 ARG A N   1 
ATOM   869  C CA  . ARG A 1 112 ? -1.828  -9.198  -2.674  1.00 3.03  ? 112 ARG A CA  1 
ATOM   870  C C   . ARG A 1 112 ? -1.181  -8.449  -3.837  1.00 3.18  ? 112 ARG A C   1 
ATOM   871  O O   . ARG A 1 112 ? 0.030   -8.531  -4.029  1.00 2.11  ? 112 ARG A O   1 
ATOM   872  C CB  . ARG A 1 112 ? -2.373  -10.553 -3.137  1.00 3.68  ? 112 ARG A CB  1 
ATOM   873  C CG  . ARG A 1 112 ? -2.702  -11.481 -1.978  1.00 6.04  ? 112 ARG A CG  1 
ATOM   874  C CD  . ARG A 1 112 ? -3.096  -12.877 -2.445  1.00 8.40  ? 112 ARG A CD  1 
ATOM   875  N NE  . ARG A 1 112 ? -3.267  -13.770 -1.302  1.00 8.88  ? 112 ARG A NE  1 
ATOM   876  C CZ  . ARG A 1 112 ? -2.275  -14.434 -0.715  1.00 8.46  ? 112 ARG A CZ  1 
ATOM   877  N NH1 . ARG A 1 112 ? -1.032  -14.320 -1.168  1.00 6.15  ? 112 ARG A NH1 1 
ATOM   878  N NH2 . ARG A 1 112 ? -2.520  -15.182 0.355   1.00 6.70  ? 112 ARG A NH2 1 
ATOM   879  N N   . ALA A 1 113 ? -1.982  -7.700  -4.591  1.00 3.45  ? 113 ALA A N   1 
ATOM   880  C CA  . ALA A 1 113 ? -1.464  -6.936  -5.725  1.00 3.84  ? 113 ALA A CA  1 
ATOM   881  C C   . ALA A 1 113 ? -0.519  -5.824  -5.272  1.00 3.55  ? 113 ALA A C   1 
ATOM   882  O O   . ALA A 1 113 ? 0.571   -5.656  -5.826  1.00 4.71  ? 113 ALA A O   1 
ATOM   883  C CB  . ALA A 1 113 ? -2.612  -6.356  -6.537  1.00 2.70  ? 113 ALA A CB  1 
ATOM   884  N N   . VAL A 1 114 ? -0.947  -5.063  -4.269  1.00 2.89  ? 114 VAL A N   1 
ATOM   885  C CA  . VAL A 1 114 ? -0.137  -3.969  -3.744  1.00 2.50  ? 114 VAL A CA  1 
ATOM   886  C C   . VAL A 1 114 ? 1.129   -4.472  -3.039  1.00 3.32  ? 114 VAL A C   1 
ATOM   887  O O   . VAL A 1 114 ? 2.205   -3.910  -3.237  1.00 2.83  ? 114 VAL A O   1 
ATOM   888  C CB  . VAL A 1 114 ? -0.966  -3.047  -2.812  1.00 3.05  ? 114 VAL A CB  1 
ATOM   889  C CG1 . VAL A 1 114 ? -0.073  -1.980  -2.176  1.00 1.84  ? 114 VAL A CG1 1 
ATOM   890  C CG2 . VAL A 1 114 ? -2.081  -2.376  -3.615  1.00 1.36  ? 114 VAL A CG2 1 
ATOM   891  N N   . PHE A 1 115 ? 1.012   -5.541  -2.248  1.00 2.82  ? 115 PHE A N   1 
ATOM   892  C CA  . PHE A 1 115 ? 2.179   -6.099  -1.552  1.00 1.99  ? 115 PHE A CA  1 
ATOM   893  C C   . PHE A 1 115 ? 3.200   -6.626  -2.564  1.00 2.62  ? 115 PHE A C   1 
ATOM   894  O O   . PHE A 1 115 ? 4.410   -6.524  -2.350  1.00 3.52  ? 115 PHE A O   1 
ATOM   895  C CB  . PHE A 1 115 ? 1.767   -7.222  -0.587  1.00 1.41  ? 115 PHE A CB  1 
ATOM   896  C CG  . PHE A 1 115 ? 1.174   -6.737  0.720   1.00 1.73  ? 115 PHE A CG  1 
ATOM   897  C CD1 . PHE A 1 115 ? 1.095   -5.377  1.020   1.00 3.91  ? 115 PHE A CD1 1 
ATOM   898  C CD2 . PHE A 1 115 ? 0.708   -7.650  1.658   1.00 3.00  ? 115 PHE A CD2 1 
ATOM   899  C CE1 . PHE A 1 115 ? 0.564   -4.940  2.234   1.00 1.46  ? 115 PHE A CE1 1 
ATOM   900  C CE2 . PHE A 1 115 ? 0.174   -7.225  2.875   1.00 3.28  ? 115 PHE A CE2 1 
ATOM   901  C CZ  . PHE A 1 115 ? 0.104   -5.864  3.165   1.00 2.06  ? 115 PHE A CZ  1 
ATOM   902  N N   . LYS A 1 116 ? 2.710   -7.174  -3.673  1.00 3.52  ? 116 LYS A N   1 
ATOM   903  C CA  . LYS A 1 116 ? 3.578   -7.698  -4.728  1.00 3.54  ? 116 LYS A CA  1 
ATOM   904  C C   . LYS A 1 116 ? 4.390   -6.565  -5.360  1.00 4.00  ? 116 LYS A C   1 
ATOM   905  O O   . LYS A 1 116 ? 5.607   -6.674  -5.529  1.00 2.98  ? 116 LYS A O   1 
ATOM   906  C CB  . LYS A 1 116 ? 2.736   -8.396  -5.801  1.00 8.29  ? 116 LYS A CB  1 
ATOM   907  C CG  . LYS A 1 116 ? 3.534   -8.943  -6.982  1.00 13.88 ? 116 LYS A CG  1 
ATOM   908  C CD  . LYS A 1 116 ? 3.493   -10.464 -7.038  1.00 18.55 ? 116 LYS A CD  1 
ATOM   909  C CE  . LYS A 1 116 ? 2.066   -10.986 -7.123  1.00 19.71 ? 116 LYS A CE  1 
ATOM   910  N NZ  . LYS A 1 116 ? 2.007   -12.469 -7.293  1.00 22.27 ? 116 LYS A NZ  1 
ATOM   911  N N   . VAL A 1 117 ? 3.709   -5.472  -5.691  1.00 4.14  ? 117 VAL A N   1 
ATOM   912  C CA  . VAL A 1 117 ? 4.359   -4.318  -6.295  1.00 3.89  ? 117 VAL A CA  1 
ATOM   913  C C   . VAL A 1 117 ? 5.327   -3.679  -5.298  1.00 3.51  ? 117 VAL A C   1 
ATOM   914  O O   . VAL A 1 117 ? 6.456   -3.333  -5.662  1.00 4.23  ? 117 VAL A O   1 
ATOM   915  C CB  . VAL A 1 117 ? 3.315   -3.294  -6.801  1.00 4.93  ? 117 VAL A CB  1 
ATOM   916  C CG1 . VAL A 1 117 ? 4.002   -2.037  -7.308  1.00 3.84  ? 117 VAL A CG1 1 
ATOM   917  C CG2 . VAL A 1 117 ? 2.485   -3.923  -7.918  1.00 3.92  ? 117 VAL A CG2 1 
ATOM   918  N N   . LEU A 1 118 ? 4.904   -3.568  -4.038  1.00 3.63  ? 118 LEU A N   1 
ATOM   919  C CA  . LEU A 1 118 ? 5.757   -2.994  -2.992  1.00 5.97  ? 118 LEU A CA  1 
ATOM   920  C C   . LEU A 1 118 ? 7.055   -3.782  -2.841  1.00 6.35  ? 118 LEU A C   1 
ATOM   921  O O   . LEU A 1 118 ? 8.137   -3.198  -2.765  1.00 7.17  ? 118 LEU A O   1 
ATOM   922  C CB  . LEU A 1 118 ? 5.033   -2.976  -1.642  1.00 8.02  ? 118 LEU A CB  1 
ATOM   923  C CG  . LEU A 1 118 ? 4.190   -1.764  -1.246  1.00 10.88 ? 118 LEU A CG  1 
ATOM   924  C CD1 . LEU A 1 118 ? 3.505   -2.055  0.084   1.00 9.89  ? 118 LEU A CD1 1 
ATOM   925  C CD2 . LEU A 1 118 ? 5.070   -0.522  -1.127  1.00 11.86 ? 118 LEU A CD2 1 
ATOM   926  N N   . SER A 1 119 ? 6.939   -5.108  -2.790  1.00 6.83  ? 119 SER A N   1 
ATOM   927  C CA  . SER A 1 119 ? 8.102   -5.987  -2.639  1.00 7.52  ? 119 SER A CA  1 
ATOM   928  C C   . SER A 1 119 ? 9.112   -5.860  -3.777  1.00 9.23  ? 119 SER A C   1 
ATOM   929  O O   . SER A 1 119 ? 10.296  -6.151  -3.600  1.00 9.52  ? 119 SER A O   1 
ATOM   930  C CB  . SER A 1 119 ? 7.658   -7.446  -2.492  1.00 6.87  ? 119 SER A CB  1 
ATOM   931  O OG  . SER A 1 119 ? 7.029   -7.921  -3.670  1.00 11.56 ? 119 SER A OG  1 
ATOM   932  N N   . ARG A 1 120 ? 8.645   -5.429  -4.945  1.00 8.47  ? 120 ARG A N   1 
ATOM   933  C CA  . ARG A 1 120 ? 9.526   -5.258  -6.094  1.00 11.65 ? 120 ARG A CA  1 
ATOM   934  C C   . ARG A 1 120 ? 10.112  -3.845  -6.151  1.00 11.38 ? 120 ARG A C   1 
ATOM   935  O O   . ARG A 1 120 ? 11.194  -3.634  -6.704  1.00 12.30 ? 120 ARG A O   1 
ATOM   936  C CB  . ARG A 1 120 ? 8.766   -5.576  -7.389  1.00 14.96 ? 120 ARG A CB  1 
ATOM   937  C CG  . ARG A 1 120 ? 9.582   -5.457  -8.684  1.00 23.46 ? 120 ARG A CG  1 
ATOM   938  C CD  . ARG A 1 120 ? 10.757  -6.437  -8.743  1.00 28.71 ? 120 ARG A CD  1 
ATOM   939  N NE  . ARG A 1 120 ? 11.827  -6.080  -7.812  1.00 32.57 ? 120 ARG A NE  1 
ATOM   940  C CZ  . ARG A 1 120 ? 12.727  -6.933  -7.331  1.00 34.32 ? 120 ARG A CZ  1 
ATOM   941  N NH1 . ARG A 1 120 ? 12.702  -8.209  -7.693  1.00 35.03 ? 120 ARG A NH1 1 
ATOM   942  N NH2 . ARG A 1 120 ? 13.643  -6.510  -6.467  1.00 35.18 ? 120 ARG A NH2 1 
ATOM   943  N N   . GLU A 1 121 ? 9.431   -2.890  -5.526  1.00 8.51  ? 121 GLU A N   1 
ATOM   944  C CA  . GLU A 1 121 ? 9.877   -1.503  -5.553  1.00 8.63  ? 121 GLU A CA  1 
ATOM   945  C C   . GLU A 1 121 ? 10.748  -1.032  -4.394  1.00 9.13  ? 121 GLU A C   1 
ATOM   946  O O   . GLU A 1 121 ? 11.629  -0.193  -4.587  1.00 9.85  ? 121 GLU A O   1 
ATOM   947  C CB  . GLU A 1 121 ? 8.676   -0.571  -5.709  1.00 8.33  ? 121 GLU A CB  1 
ATOM   948  C CG  . GLU A 1 121 ? 7.847   -0.823  -6.967  1.00 12.50 ? 121 GLU A CG  1 
ATOM   949  C CD  . GLU A 1 121 ? 8.647   -0.680  -8.252  1.00 17.45 ? 121 GLU A CD  1 
ATOM   950  O OE1 . GLU A 1 121 ? 9.475   0.249   -8.349  1.00 17.64 ? 121 GLU A OE1 1 
ATOM   951  O OE2 . GLU A 1 121 ? 8.441   -1.499  -9.173  1.00 22.57 ? 121 GLU A OE2 1 
ATOM   952  N N   . ILE A 1 122 ? 10.502  -1.552  -3.195  1.00 6.47  ? 122 ILE A N   1 
ATOM   953  C CA  . ILE A 1 122 ? 11.286  -1.141  -2.033  1.00 6.60  ? 122 ILE A CA  1 
ATOM   954  C C   . ILE A 1 122 ? 12.548  -1.989  -1.876  1.00 6.94  ? 122 ILE A C   1 
ATOM   955  O O   . ILE A 1 122 ? 12.666  -3.058  -2.480  1.00 6.81  ? 122 ILE A O   1 
ATOM   956  C CB  . ILE A 1 122 ? 10.446  -1.166  -0.727  1.00 6.61  ? 122 ILE A CB  1 
ATOM   957  C CG1 . ILE A 1 122 ? 10.084  -2.599  -0.335  1.00 4.41  ? 122 ILE A CG1 1 
ATOM   958  C CG2 . ILE A 1 122 ? 9.174   -0.325  -0.902  1.00 7.14  ? 122 ILE A CG2 1 
ATOM   959  C CD1 . ILE A 1 122 ? 9.261   -2.688  0.939   1.00 6.34  ? 122 ILE A CD1 1 
ATOM   960  N N   . SER A 1 123 ? 13.498  -1.495  -1.088  1.00 7.61  ? 123 SER A N   1 
ATOM   961  C CA  . SER A 1 123 ? 14.753  -2.208  -0.857  1.00 6.71  ? 123 SER A CA  1 
ATOM   962  C C   . SER A 1 123 ? 14.494  -3.528  -0.151  1.00 5.64  ? 123 SER A C   1 
ATOM   963  O O   . SER A 1 123 ? 13.502  -3.670  0.562   1.00 5.20  ? 123 SER A O   1 
ATOM   964  C CB  . SER A 1 123 ? 15.703  -1.357  -0.011  1.00 7.30  ? 123 SER A CB  1 
ATOM   965  O OG  . SER A 1 123 ? 15.175  -1.135  1.285   1.00 7.77  ? 123 SER A OG  1 
ATOM   966  N N   . GLN A 1 124 ? 15.378  -4.497  -0.365  1.00 6.54  ? 124 GLN A N   1 
ATOM   967  C CA  . GLN A 1 124 ? 15.243  -5.807  0.268   1.00 7.53  ? 124 GLN A CA  1 
ATOM   968  C C   . GLN A 1 124 ? 15.273  -5.650  1.784   1.00 7.35  ? 124 GLN A C   1 
ATOM   969  O O   . GLN A 1 124 ? 14.561  -6.350  2.505   1.00 7.37  ? 124 GLN A O   1 
ATOM   970  C CB  . GLN A 1 124 ? 16.371  -6.736  -0.188  1.00 10.69 ? 124 GLN A CB  1 
ATOM   971  C CG  . GLN A 1 124 ? 16.321  -8.131  0.428   1.00 13.31 ? 124 GLN A CG  1 
ATOM   972  C CD  . GLN A 1 124 ? 17.437  -9.031  -0.068  1.00 15.20 ? 124 GLN A CD  1 
ATOM   973  O OE1 . GLN A 1 124 ? 17.899  -8.899  -1.202  1.00 15.19 ? 124 GLN A OE1 1 
ATOM   974  N NE2 . GLN A 1 124 ? 17.873  -9.958  0.781   1.00 15.68 ? 124 GLN A NE2 1 
ATOM   975  N N   . GLY A 1 125 ? 16.087  -4.707  2.255   1.00 6.17  ? 125 GLY A N   1 
ATOM   976  C CA  . GLY A 1 125 ? 16.201  -4.447  3.680   1.00 7.81  ? 125 GLY A CA  1 
ATOM   977  C C   . GLY A 1 125 ? 14.894  -3.990  4.301   1.00 7.27  ? 125 GLY A C   1 
ATOM   978  O O   . GLY A 1 125 ? 14.539  -4.423  5.400   1.00 6.99  ? 125 GLY A O   1 
ATOM   979  N N   . GLU A 1 126 ? 14.185  -3.098  3.615   1.00 5.06  ? 126 GLU A N   1 
ATOM   980  C CA  . GLU A 1 126 ? 12.908  -2.611  4.121   1.00 5.26  ? 126 GLU A CA  1 
ATOM   981  C C   . GLU A 1 126 ? 11.848  -3.709  4.053   1.00 2.96  ? 126 GLU A C   1 
ATOM   982  O O   . GLU A 1 126 ? 11.039  -3.853  4.967   1.00 3.93  ? 126 GLU A O   1 
ATOM   983  C CB  . GLU A 1 126 ? 12.462  -1.361  3.357   1.00 5.80  ? 126 GLU A CB  1 
ATOM   984  C CG  . GLU A 1 126 ? 11.105  -0.801  3.780   1.00 7.81  ? 126 GLU A CG  1 
ATOM   985  C CD  . GLU A 1 126 ? 11.025  -0.412  5.253   1.00 6.42  ? 126 GLU A CD  1 
ATOM   986  O OE1 . GLU A 1 126 ? 12.071  -0.304  5.927   1.00 6.29  ? 126 GLU A OE1 1 
ATOM   987  O OE2 . GLU A 1 126 ? 9.894   -0.221  5.742   1.00 6.94  ? 126 GLU A OE2 1 
ATOM   988  N N   . LEU A 1 127 ? 11.883  -4.506  2.989   1.00 4.18  ? 127 LEU A N   1 
ATOM   989  C CA  . LEU A 1 127 ? 10.934  -5.606  2.827   1.00 3.37  ? 127 LEU A CA  1 
ATOM   990  C C   . LEU A 1 127 ? 11.083  -6.601  3.976   1.00 3.62  ? 127 LEU A C   1 
ATOM   991  O O   . LEU A 1 127 ? 10.096  -7.011  4.578   1.00 3.50  ? 127 LEU A O   1 
ATOM   992  C CB  . LEU A 1 127 ? 11.162  -6.322  1.494   1.00 3.99  ? 127 LEU A CB  1 
ATOM   993  C CG  . LEU A 1 127 ? 10.345  -7.599  1.252   1.00 5.28  ? 127 LEU A CG  1 
ATOM   994  C CD1 . LEU A 1 127 ? 8.855   -7.289  1.226   1.00 5.58  ? 127 LEU A CD1 1 
ATOM   995  C CD2 . LEU A 1 127 ? 10.783  -8.249  -0.043  1.00 8.97  ? 127 LEU A CD2 1 
ATOM   996  N N   . GLU A 1 128 ? 12.322  -6.980  4.278   1.00 4.87  ? 128 GLU A N   1 
ATOM   997  C CA  . GLU A 1 128 ? 12.588  -7.925  5.360   1.00 2.54  ? 128 GLU A CA  1 
ATOM   998  C C   . GLU A 1 128 ? 12.164  -7.345  6.703   1.00 4.86  ? 128 GLU A C   1 
ATOM   999  O O   . GLU A 1 128 ? 11.601  -8.050  7.541   1.00 3.03  ? 128 GLU A O   1 
ATOM   1000 C CB  . GLU A 1 128 ? 14.068  -8.304  5.382   1.00 4.82  ? 128 GLU A CB  1 
ATOM   1001 C CG  . GLU A 1 128 ? 14.509  -9.061  4.140   1.00 3.52  ? 128 GLU A CG  1 
ATOM   1002 C CD  . GLU A 1 128 ? 15.983  -9.403  4.136   1.00 5.12  ? 128 GLU A CD  1 
ATOM   1003 O OE1 . GLU A 1 128 ? 16.735  -8.873  4.987   1.00 5.31  ? 128 GLU A OE1 1 
ATOM   1004 O OE2 . GLU A 1 128 ? 16.394  -10.203 3.271   1.00 5.39  ? 128 GLU A OE2 1 
ATOM   1005 N N   . ASP A 1 129 ? 12.396  -6.049  6.885   1.00 4.85  ? 129 ASP A N   1 
ATOM   1006 C CA  . ASP A 1 129 ? 12.024  -5.371  8.124   1.00 6.24  ? 129 ASP A CA  1 
ATOM   1007 C C   . ASP A 1 129 ? 10.502  -5.398  8.297   1.00 7.73  ? 129 ASP A C   1 
ATOM   1008 O O   . ASP A 1 129 ? 10.002  -5.777  9.356   1.00 7.55  ? 129 ASP A O   1 
ATOM   1009 C CB  . ASP A 1 129 ? 12.529  -3.924  8.103   1.00 9.78  ? 129 ASP A CB  1 
ATOM   1010 C CG  . ASP A 1 129 ? 12.503  -3.269  9.473   1.00 16.19 ? 129 ASP A CG  1 
ATOM   1011 O OD1 . ASP A 1 129 ? 11.420  -3.198  10.089  1.00 20.06 ? 129 ASP A OD1 1 
ATOM   1012 O OD2 . ASP A 1 129 ? 13.572  -2.816  9.935   1.00 19.77 ? 129 ASP A OD2 1 
ATOM   1013 N N   . VAL A 1 130 ? 9.771   -5.012  7.253   1.00 6.41  ? 130 VAL A N   1 
ATOM   1014 C CA  . VAL A 1 130 ? 8.308   -5.001  7.305   1.00 5.39  ? 130 VAL A CA  1 
ATOM   1015 C C   . VAL A 1 130 ? 7.745   -6.395  7.566   1.00 4.87  ? 130 VAL A C   1 
ATOM   1016 O O   . VAL A 1 130 ? 6.872   -6.564  8.418   1.00 4.64  ? 130 VAL A O   1 
ATOM   1017 C CB  . VAL A 1 130 ? 7.694   -4.420  6.010   1.00 6.20  ? 130 VAL A CB  1 
ATOM   1018 C CG1 . VAL A 1 130 ? 6.179   -4.566  6.025   1.00 6.32  ? 130 VAL A CG1 1 
ATOM   1019 C CG2 . VAL A 1 130 ? 8.059   -2.956  5.873   1.00 7.03  ? 130 VAL A CG2 1 
ATOM   1020 N N   . LEU A 1 131 ? 8.264   -7.393  6.854   1.00 5.35  ? 131 LEU A N   1 
ATOM   1021 C CA  . LEU A 1 131 ? 7.808   -8.770  7.035   1.00 4.91  ? 131 LEU A CA  1 
ATOM   1022 C C   . LEU A 1 131 ? 8.030   -9.232  8.473   1.00 6.16  ? 131 LEU A C   1 
ATOM   1023 O O   . LEU A 1 131 ? 7.170   -9.885  9.058   1.00 5.45  ? 131 LEU A O   1 
ATOM   1024 C CB  . LEU A 1 131 ? 8.527   -9.709  6.060   1.00 4.34  ? 131 LEU A CB  1 
ATOM   1025 C CG  . LEU A 1 131 ? 8.132   -9.596  4.584   1.00 6.31  ? 131 LEU A CG  1 
ATOM   1026 C CD1 . LEU A 1 131 ? 9.071   -10.425 3.722   1.00 7.39  ? 131 LEU A CD1 1 
ATOM   1027 C CD2 . LEU A 1 131 ? 6.696   -10.052 4.399   1.00 8.87  ? 131 LEU A CD2 1 
ATOM   1028 N N   . GLY A 1 132 ? 9.174   -8.862  9.045   1.00 4.85  ? 132 GLY A N   1 
ATOM   1029 C CA  . GLY A 1 132 ? 9.487   -9.248  10.413  1.00 6.14  ? 132 GLY A CA  1 
ATOM   1030 C C   . GLY A 1 132 ? 8.568   -8.636  11.455  1.00 6.20  ? 132 GLY A C   1 
ATOM   1031 O O   . GLY A 1 132 ? 8.496   -9.112  12.588  1.00 7.13  ? 132 GLY A O   1 
ATOM   1032 N N   . LEU A 1 133 ? 7.866   -7.574  11.075  1.00 5.93  ? 133 LEU A N   1 
ATOM   1033 C CA  . LEU A 1 133 ? 6.946   -6.888  11.979  1.00 5.92  ? 133 LEU A CA  1 
ATOM   1034 C C   . LEU A 1 133 ? 5.522   -7.420  11.862  1.00 5.56  ? 133 LEU A C   1 
ATOM   1035 O O   . LEU A 1 133 ? 4.645   -7.035  12.636  1.00 6.82  ? 133 LEU A O   1 
ATOM   1036 C CB  . LEU A 1 133 ? 6.942   -5.387  11.669  1.00 6.50  ? 133 LEU A CB  1 
ATOM   1037 C CG  . LEU A 1 133 ? 8.233   -4.629  11.982  1.00 8.32  ? 133 LEU A CG  1 
ATOM   1038 C CD1 . LEU A 1 133 ? 8.210   -3.254  11.330  1.00 11.61 ? 133 LEU A CD1 1 
ATOM   1039 C CD2 . LEU A 1 133 ? 8.402   -4.516  13.488  1.00 11.04 ? 133 LEU A CD2 1 
ATOM   1040 N N   . LEU A 1 134 ? 5.300   -8.331  10.921  1.00 5.12  ? 134 LEU A N   1 
ATOM   1041 C CA  . LEU A 1 134 ? 3.962   -8.867  10.683  1.00 5.38  ? 134 LEU A CA  1 
ATOM   1042 C C   . LEU A 1 134 ? 3.740   -10.303 11.131  1.00 6.49  ? 134 LEU A C   1 
ATOM   1043 O O   . LEU A 1 134 ? 4.664   -11.112 11.126  1.00 7.33  ? 134 LEU A O   1 
ATOM   1044 C CB  . LEU A 1 134 ? 3.634   -8.772  9.191   1.00 6.02  ? 134 LEU A CB  1 
ATOM   1045 C CG  . LEU A 1 134 ? 3.599   -7.380  8.563   1.00 5.25  ? 134 LEU A CG  1 
ATOM   1046 C CD1 . LEU A 1 134 ? 3.400   -7.516  7.063   1.00 6.26  ? 134 LEU A CD1 1 
ATOM   1047 C CD2 . LEU A 1 134 ? 2.483   -6.555  9.190   1.00 3.92  ? 134 LEU A CD2 1 
ATOM   1048 N N   . PRO A 1 135 ? 2.500   -10.631 11.535  1.00 6.37  ? 135 PRO A N   1 
ATOM   1049 C CA  . PRO A 1 135 ? 2.129   -11.980 11.980  1.00 6.60  ? 135 PRO A CA  1 
ATOM   1050 C C   . PRO A 1 135 ? 2.171   -12.899 10.759  1.00 7.73  ? 135 PRO A C   1 
ATOM   1051 O O   . PRO A 1 135 ? 2.092   -12.424 9.625   1.00 5.35  ? 135 PRO A O   1 
ATOM   1052 C CB  . PRO A 1 135 ? 0.687   -11.799 12.458  1.00 6.82  ? 135 PRO A CB  1 
ATOM   1053 C CG  . PRO A 1 135 ? 0.614   -10.369 12.836  1.00 10.45 ? 135 PRO A CG  1 
ATOM   1054 C CD  . PRO A 1 135 ? 1.389   -9.689  11.751  1.00 7.42  ? 135 PRO A CD  1 
ATOM   1055 N N   . LYS A 1 136 ? 2.271   -14.202 10.998  1.00 6.70  ? 136 LYS A N   1 
ATOM   1056 C CA  . LYS A 1 136 ? 2.339   -15.198 9.930   1.00 9.60  ? 136 LYS A CA  1 
ATOM   1057 C C   . LYS A 1 136 ? 1.219   -15.108 8.886   1.00 8.27  ? 136 LYS A C   1 
ATOM   1058 O O   . LYS A 1 136 ? 1.486   -15.192 7.685   1.00 9.11  ? 136 LYS A O   1 
ATOM   1059 C CB  . LYS A 1 136 ? 2.386   -16.607 10.531  1.00 10.92 ? 136 LYS A CB  1 
ATOM   1060 C CG  . LYS A 1 136 ? 2.688   -17.716 9.531   1.00 16.04 ? 136 LYS A CG  1 
ATOM   1061 C CD  . LYS A 1 136 ? 2.686   -19.078 10.208  1.00 19.53 ? 136 LYS A CD  1 
ATOM   1062 C CE  . LYS A 1 136 ? 2.936   -20.205 9.215   1.00 24.08 ? 136 LYS A CE  1 
ATOM   1063 N NZ  . LYS A 1 136 ? 4.287   -20.127 8.592   1.00 26.90 ? 136 LYS A NZ  1 
ATOM   1064 N N   . GLU A 1 137 ? -0.024  -14.932 9.331   1.00 7.04  ? 137 GLU A N   1 
ATOM   1065 C CA  . GLU A 1 137 ? -1.148  -14.842 8.401   1.00 7.93  ? 137 GLU A CA  1 
ATOM   1066 C C   . GLU A 1 137 ? -1.061  -13.631 7.477   1.00 7.90  ? 137 GLU A C   1 
ATOM   1067 O O   . GLU A 1 137 ? -1.544  -13.675 6.345   1.00 8.28  ? 137 GLU A O   1 
ATOM   1068 C CB  . GLU A 1 137 ? -2.489  -14.863 9.142   1.00 11.05 ? 137 GLU A CB  1 
ATOM   1069 C CG  . GLU A 1 137 ? -2.916  -16.257 9.596   1.00 12.66 ? 137 GLU A CG  1 
ATOM   1070 C CD  . GLU A 1 137 ? -4.328  -16.308 10.168  1.00 17.93 ? 137 GLU A CD  1 
ATOM   1071 O OE1 . GLU A 1 137 ? -5.203  -15.531 9.722   1.00 15.04 ? 137 GLU A OE1 1 
ATOM   1072 O OE2 . GLU A 1 137 ? -4.570  -17.152 11.058  1.00 19.45 ? 137 GLU A OE2 1 
ATOM   1073 N N   . LEU A 1 138 ? -0.412  -12.565 7.941   1.00 6.42  ? 138 LEU A N   1 
ATOM   1074 C CA  . LEU A 1 138 ? -0.259  -11.365 7.126   1.00 7.02  ? 138 LEU A CA  1 
ATOM   1075 C C   . LEU A 1 138 ? 0.967   -11.440 6.215   1.00 5.26  ? 138 LEU A C   1 
ATOM   1076 O O   . LEU A 1 138 ? 0.979   -10.846 5.136   1.00 5.09  ? 138 LEU A O   1 
ATOM   1077 C CB  . LEU A 1 138 ? -0.240  -10.109 8.002   1.00 7.01  ? 138 LEU A CB  1 
ATOM   1078 C CG  . LEU A 1 138 ? -1.500  -9.945  8.860   1.00 9.70  ? 138 LEU A CG  1 
ATOM   1079 C CD1 . LEU A 1 138 ? -1.531  -8.564  9.485   1.00 7.49  ? 138 LEU A CD1 1 
ATOM   1080 C CD2 . LEU A 1 138 ? -2.748  -10.160 8.015   1.00 8.75  ? 138 LEU A CD2 1 
ATOM   1081 N N   . ARG A 1 139 ? 1.995   -12.178 6.639   1.00 6.12  ? 139 ARG A N   1 
ATOM   1082 C CA  . ARG A 1 139 ? 3.193   -12.347 5.814   1.00 7.61  ? 139 ARG A CA  1 
ATOM   1083 C C   . ARG A 1 139 ? 2.818   -13.196 4.600   1.00 5.97  ? 139 ARG A C   1 
ATOM   1084 O O   . ARG A 1 139 ? 3.395   -13.052 3.527   1.00 5.02  ? 139 ARG A O   1 
ATOM   1085 C CB  . ARG A 1 139 ? 4.323   -13.045 6.586   1.00 6.83  ? 139 ARG A CB  1 
ATOM   1086 C CG  . ARG A 1 139 ? 4.879   -12.249 7.756   1.00 11.46 ? 139 ARG A CG  1 
ATOM   1087 C CD  . ARG A 1 139 ? 6.266   -12.745 8.171   1.00 14.91 ? 139 ARG A CD  1 
ATOM   1088 N NE  . ARG A 1 139 ? 6.301   -14.163 8.526   1.00 16.50 ? 139 ARG A NE  1 
ATOM   1089 C CZ  . ARG A 1 139 ? 6.215   -14.636 9.767   1.00 18.85 ? 139 ARG A CZ  1 
ATOM   1090 N NH1 . ARG A 1 139 ? 6.062   -13.811 10.797  1.00 21.23 ? 139 ARG A NH1 1 
ATOM   1091 N NH2 . ARG A 1 139 ? 6.267   -15.945 9.979   1.00 20.15 ? 139 ARG A NH2 1 
ATOM   1092 N N   . ALA A 1 140 ? 1.832   -14.073 4.786   1.00 7.24  ? 140 ALA A N   1 
ATOM   1093 C CA  . ALA A 1 140 ? 1.350   -14.951 3.724   1.00 6.68  ? 140 ALA A CA  1 
ATOM   1094 C C   . ALA A 1 140 ? 0.725   -14.167 2.571   1.00 6.71  ? 140 ALA A C   1 
ATOM   1095 O O   . ALA A 1 140 ? 0.560   -14.696 1.472   1.00 7.75  ? 140 ALA A O   1 
ATOM   1096 C CB  . ALA A 1 140 ? 0.346   -15.943 4.289   1.00 8.43  ? 140 ALA A CB  1 
ATOM   1097 N N   . LEU A 1 141 ? 0.378   -12.906 2.823   1.00 5.96  ? 141 LEU A N   1 
ATOM   1098 C CA  . LEU A 1 141 ? -0.221  -12.049 1.798   1.00 4.53  ? 141 LEU A CA  1 
ATOM   1099 C C   . LEU A 1 141 ? 0.828   -11.477 0.838   1.00 5.77  ? 141 LEU A C   1 
ATOM   1100 O O   . LEU A 1 141 ? 0.486   -10.903 -0.197  1.00 4.41  ? 141 LEU A O   1 
ATOM   1101 C CB  . LEU A 1 141 ? -1.023  -10.918 2.454   1.00 5.69  ? 141 LEU A CB  1 
ATOM   1102 C CG  . LEU A 1 141 ? -2.284  -11.333 3.224   1.00 6.06  ? 141 LEU A CG  1 
ATOM   1103 C CD1 . LEU A 1 141 ? -2.836  -10.166 4.034   1.00 3.58  ? 141 LEU A CD1 1 
ATOM   1104 C CD2 . LEU A 1 141 ? -3.330  -11.846 2.253   1.00 8.34  ? 141 LEU A CD2 1 
ATOM   1105 N N   . TRP A 1 142 ? 2.101   -11.612 1.208   1.00 4.71  ? 142 TRP A N   1 
ATOM   1106 C CA  . TRP A 1 142 ? 3.213   -11.134 0.391   1.00 5.87  ? 142 TRP A CA  1 
ATOM   1107 C C   . TRP A 1 142 ? 3.729   -12.290 -0.462  1.00 8.79  ? 142 TRP A C   1 
ATOM   1108 O O   . TRP A 1 142 ? 3.564   -13.455 -0.098  1.00 9.66  ? 142 TRP A O   1 
ATOM   1109 C CB  . TRP A 1 142 ? 4.351   -10.623 1.278   1.00 5.02  ? 142 TRP A CB  1 
ATOM   1110 C CG  . TRP A 1 142 ? 4.013   -9.422  2.106   1.00 3.88  ? 142 TRP A CG  1 
ATOM   1111 C CD1 . TRP A 1 142 ? 3.272   -9.396  3.252   1.00 4.11  ? 142 TRP A CD1 1 
ATOM   1112 C CD2 . TRP A 1 142 ? 4.451   -8.076  1.878   1.00 3.99  ? 142 TRP A CD2 1 
ATOM   1113 N NE1 . TRP A 1 142 ? 3.225   -8.117  3.756   1.00 4.10  ? 142 TRP A NE1 1 
ATOM   1114 C CE2 . TRP A 1 142 ? 3.943   -7.288  2.934   1.00 4.25  ? 142 TRP A CE2 1 
ATOM   1115 C CE3 . TRP A 1 142 ? 5.228   -7.461  0.887   1.00 4.79  ? 142 TRP A CE3 1 
ATOM   1116 C CZ2 . TRP A 1 142 ? 4.186   -5.914  3.027   1.00 5.24  ? 142 TRP A CZ2 1 
ATOM   1117 C CZ3 . TRP A 1 142 ? 5.471   -6.090  0.981   1.00 5.39  ? 142 TRP A CZ3 1 
ATOM   1118 C CH2 . TRP A 1 142 ? 4.951   -5.336  2.044   1.00 3.42  ? 142 TRP A CH2 1 
ATOM   1119 N N   . PRO A 1 143 ? 4.364   -11.986 -1.607  1.00 11.08 ? 143 PRO A N   1 
ATOM   1120 C CA  . PRO A 1 143 ? 4.893   -13.038 -2.484  1.00 13.56 ? 143 PRO A CA  1 
ATOM   1121 C C   . PRO A 1 143 ? 5.952   -13.939 -1.842  1.00 16.82 ? 143 PRO A C   1 
ATOM   1122 O O   . PRO A 1 143 ? 6.066   -15.113 -2.196  1.00 17.21 ? 143 PRO A O   1 
ATOM   1123 C CB  . PRO A 1 143 ? 5.449   -12.249 -3.676  1.00 13.21 ? 143 PRO A CB  1 
ATOM   1124 C CG  . PRO A 1 143 ? 5.706   -10.887 -3.120  1.00 13.50 ? 143 PRO A CG  1 
ATOM   1125 C CD  . PRO A 1 143 ? 4.536   -10.660 -2.220  1.00 10.62 ? 143 PRO A CD  1 
ATOM   1126 N N   . GLN A 1 144 ? 6.709   -13.394 -0.891  1.00 18.76 ? 144 GLN A N   1 
ATOM   1127 C CA  . GLN A 1 144 ? 7.744   -14.158 -0.192  1.00 22.95 ? 144 GLN A CA  1 
ATOM   1128 C C   . GLN A 1 144 ? 7.117   -15.232 0.695   1.00 25.68 ? 144 GLN A C   1 
ATOM   1129 O O   . GLN A 1 144 ? 7.714   -16.288 0.928   1.00 27.08 ? 144 GLN A O   1 
ATOM   1130 C CB  . GLN A 1 144 ? 8.619   -13.235 0.663   1.00 23.82 ? 144 GLN A CB  1 
ATOM   1131 C CG  . GLN A 1 144 ? 9.576   -12.338 -0.121  1.00 25.03 ? 144 GLN A CG  1 
ATOM   1132 C CD  . GLN A 1 144 ? 8.866   -11.318 -0.997  1.00 25.04 ? 144 GLN A CD  1 
ATOM   1133 O OE1 . GLN A 1 144 ? 7.829   -10.767 -0.618  1.00 22.92 ? 144 GLN A OE1 1 
ATOM   1134 N NE2 . GLN A 1 144 ? 9.425   -11.062 -2.177  1.00 24.85 ? 144 GLN A NE2 1 
ATOM   1135 N N   . GLY A 1 145 ? 5.909   -14.956 1.179   1.00 26.56 ? 145 GLY A N   1 
ATOM   1136 C CA  . GLY A 1 145 ? 5.211   -15.898 2.035   1.00 27.84 ? 145 GLY A CA  1 
ATOM   1137 C C   . GLY A 1 145 ? 5.555   -15.750 3.505   1.00 28.69 ? 145 GLY A C   1 
ATOM   1138 O O   . GLY A 1 145 ? 6.571   -15.096 3.830   1.00 30.63 ? 145 GLY A O   1 
ATOM   1139 O OXT . GLY A 1 145 ? 4.806   -16.294 4.341   1.00 30.22 ? 145 GLY A OXT 1 
HETATM 1140 S S   . SO4 B 2 .   ? 10.536  10.168  -6.381  1.00 31.31 ? 146 SO4 A S   1 
HETATM 1141 O O1  . SO4 B 2 .   ? 11.202  8.862   -6.201  1.00 31.06 ? 146 SO4 A O1  1 
HETATM 1142 O O2  . SO4 B 2 .   ? 10.387  10.826  -5.066  1.00 31.06 ? 146 SO4 A O2  1 
HETATM 1143 O O3  . SO4 B 2 .   ? 9.209   9.967   -6.988  1.00 29.42 ? 146 SO4 A O3  1 
HETATM 1144 O O4  . SO4 B 2 .   ? 11.355  11.010  -7.271  1.00 31.89 ? 146 SO4 A O4  1 
HETATM 1145 O O   . HOH C 3 .   ? 1.413   -10.498 -2.758  1.00 5.71  ? 147 HOH A O   1 
HETATM 1146 O O   . HOH C 3 .   ? -4.093  -9.863  -6.454  1.00 7.62  ? 148 HOH A O   1 
HETATM 1147 O O   . HOH C 3 .   ? -8.894  3.600   -1.149  1.00 0.89  ? 149 HOH A O   1 
HETATM 1148 O O   . HOH C 3 .   ? -6.116  0.239   9.468   1.00 3.55  ? 150 HOH A O   1 
HETATM 1149 O O   . HOH C 3 .   ? -0.093  12.769  7.689   1.00 3.60  ? 151 HOH A O   1 
HETATM 1150 O O   . HOH C 3 .   ? -3.411  6.138   11.508  1.00 5.24  ? 152 HOH A O   1 
HETATM 1151 O O   . HOH C 3 .   ? -10.987 -10.642 0.163   1.00 9.11  ? 153 HOH A O   1 
HETATM 1152 O O   . HOH C 3 .   ? -12.164 -9.392  6.536   1.00 3.54  ? 154 HOH A O   1 
HETATM 1153 O O   . HOH C 3 .   ? 3.399   -2.965  -15.545 1.00 12.95 ? 155 HOH A O   1 
HETATM 1154 O O   . HOH C 3 .   ? 4.728   -2.515  14.567  1.00 9.92  ? 156 HOH A O   1 
HETATM 1155 O O   . HOH C 3 .   ? 11.977  -10.711 7.928   1.00 10.48 ? 157 HOH A O   1 
HETATM 1156 O O   . HOH C 3 .   ? 4.182   4.503   17.451  1.00 11.89 ? 158 HOH A O   1 
HETATM 1157 O O   . HOH C 3 .   ? -10.704 -5.416  11.478  1.00 10.32 ? 159 HOH A O   1 
HETATM 1158 O O   . HOH C 3 .   ? -4.461  -4.404  11.121  1.00 5.88  ? 160 HOH A O   1 
HETATM 1159 O O   . HOH C 3 .   ? -7.799  -16.592 9.352   1.00 15.44 ? 161 HOH A O   1 
HETATM 1160 O O   . HOH C 3 .   ? 2.634   -6.242  -11.897 1.00 11.59 ? 162 HOH A O   1 
HETATM 1161 O O   . HOH C 3 .   ? -6.061  6.981   6.446   1.00 10.19 ? 163 HOH A O   1 
HETATM 1162 O O   . HOH C 3 .   ? -7.481  0.869   4.612   1.00 4.10  ? 164 HOH A O   1 
HETATM 1163 O O   . HOH C 3 .   ? -4.102  -16.281 2.781   1.00 11.80 ? 165 HOH A O   1 
HETATM 1164 O O   . HOH C 3 .   ? 17.897  -3.717  -1.943  1.00 24.72 ? 166 HOH A O   1 
HETATM 1165 O O   . HOH C 3 .   ? -0.458  -12.841 -5.973  1.00 19.55 ? 167 HOH A O   1 
HETATM 1166 O O   . HOH C 3 .   ? -3.690  13.840  5.854   1.00 9.30  ? 168 HOH A O   1 
HETATM 1167 O O   . HOH C 3 .   ? 5.838   0.864   -16.346 1.00 21.87 ? 169 HOH A O   1 
HETATM 1168 O O   . HOH C 3 .   ? 0.645   4.173   12.343  1.00 8.98  ? 170 HOH A O   1 
HETATM 1169 O O   . HOH C 3 .   ? -0.571  -17.377 0.977   1.00 19.07 ? 171 HOH A O   1 
HETATM 1170 O O   . HOH C 3 .   ? 7.176   19.495  -17.438 1.00 17.16 ? 172 HOH A O   1 
HETATM 1171 O O   . HOH C 3 .   ? -5.243  -12.500 -5.933  1.00 18.81 ? 173 HOH A O   1 
HETATM 1172 O O   . HOH C 3 .   ? 10.115  1.203   16.071  1.00 15.51 ? 174 HOH A O   1 
HETATM 1173 O O   . HOH C 3 .   ? 13.866  3.113   4.458   1.00 9.52  ? 175 HOH A O   1 
HETATM 1174 O O   . HOH C 3 .   ? 8.465   5.144   17.027  1.00 6.67  ? 176 HOH A O   1 
HETATM 1175 O O   . HOH C 3 .   ? -9.223  -7.199  -9.458  1.00 15.71 ? 177 HOH A O   1 
HETATM 1176 O O   . HOH C 3 .   ? 16.521  -4.658  7.137   1.00 4.62  ? 178 HOH A O   1 
HETATM 1177 O O   . HOH C 3 .   ? -1.043  -2.662  -16.629 1.00 17.01 ? 179 HOH A O   1 
HETATM 1178 O O   . HOH C 3 .   ? -4.776  -4.191  17.671  1.00 10.02 ? 180 HOH A O   1 
HETATM 1179 O O   . HOH C 3 .   ? -12.462 -7.806  11.668  1.00 24.65 ? 181 HOH A O   1 
HETATM 1180 O O   . HOH C 3 .   ? -16.669 -2.134  -8.056  1.00 18.31 ? 182 HOH A O   1 
HETATM 1181 O O   . HOH C 3 .   ? 4.429   8.645   -17.105 1.00 30.81 ? 183 HOH A O   1 
HETATM 1182 O O   . HOH C 3 .   ? 10.826  12.712  -2.340  1.00 25.42 ? 184 HOH A O   1 
HETATM 1183 O O   . HOH C 3 .   ? -12.146 5.888   2.112   1.00 19.62 ? 185 HOH A O   1 
HETATM 1184 O O   . HOH C 3 .   ? 13.543  9.593   1.091   1.00 19.23 ? 186 HOH A O   1 
HETATM 1185 O O   . HOH C 3 .   ? -1.229  -18.555 11.841  1.00 32.32 ? 187 HOH A O   1 
HETATM 1186 O O   . HOH C 3 .   ? 12.349  6.527   10.697  1.00 12.57 ? 188 HOH A O   1 
HETATM 1187 O O   . HOH C 3 .   ? 18.387  -3.174  1.360   1.00 18.63 ? 189 HOH A O   1 
HETATM 1188 O O   . HOH C 3 .   ? 4.253   25.040  -14.816 1.00 24.64 ? 190 HOH A O   1 
HETATM 1189 O O   . HOH C 3 .   ? -6.751  1.478   -18.949 1.00 21.10 ? 191 HOH A O   1 
HETATM 1190 O O   . HOH C 3 .   ? 6.370   14.508  -18.276 1.00 32.45 ? 192 HOH A O   1 
HETATM 1191 O O   . HOH C 3 .   ? -4.684  -5.354  -16.688 1.00 21.61 ? 193 HOH A O   1 
HETATM 1192 O O   . HOH C 3 .   ? -14.554 -3.544  6.699   1.00 19.42 ? 194 HOH A O   1 
HETATM 1193 O O   . HOH C 3 .   ? 12.125  9.531   -3.321  1.00 34.44 ? 195 HOH A O   1 
HETATM 1194 O O   . HOH C 3 .   ? -1.765  4.157   14.182  1.00 31.55 ? 196 HOH A O   1 
HETATM 1195 O O   . HOH C 3 .   ? -6.164  4.012   8.101   1.00 11.67 ? 197 HOH A O   1 
HETATM 1196 O O   . HOH C 3 .   ? 0.872   9.583   -12.868 1.00 17.92 ? 198 HOH A O   1 
HETATM 1197 O O   . HOH C 3 .   ? -1.059  -14.805 12.081  1.00 12.87 ? 199 HOH A O   1 
HETATM 1198 O O   . HOH C 3 .   ? 12.533  -5.758  -2.154  1.00 15.00 ? 200 HOH A O   1 
HETATM 1199 O O   . HOH C 3 .   ? -6.267  -17.147 -0.200  1.00 28.70 ? 201 HOH A O   1 
HETATM 1200 O O   . HOH C 3 .   ? 11.471  -6.249  11.567  1.00 10.12 ? 202 HOH A O   1 
HETATM 1201 O O   . HOH C 3 .   ? -5.323  -10.263 -8.844  1.00 8.82  ? 203 HOH A O   1 
HETATM 1202 O O   . HOH C 3 .   ? 10.749  -0.608  10.631  1.00 12.59 ? 204 HOH A O   1 
HETATM 1203 O O   . HOH C 3 .   ? 10.960  9.083   5.546   1.00 8.96  ? 205 HOH A O   1 
HETATM 1204 O O   . HOH C 3 .   ? 2.029   -6.285  12.865  1.00 5.78  ? 206 HOH A O   1 
HETATM 1205 O O   . HOH C 3 .   ? -3.145  -15.746 5.535   1.00 5.51  ? 207 HOH A O   1 
HETATM 1206 O O   . HOH C 3 .   ? -12.538 -8.158  4.101   1.00 6.05  ? 208 HOH A O   1 
HETATM 1207 O O   . HOH C 3 .   ? 4.441   -2.080  17.564  1.00 23.29 ? 209 HOH A O   1 
HETATM 1208 O O   . HOH C 3 .   ? 0.354   -13.121 -3.271  1.00 10.79 ? 210 HOH A O   1 
HETATM 1209 O O   . HOH C 3 .   ? -10.301 -13.233 1.045   1.00 15.35 ? 211 HOH A O   1 
HETATM 1210 O O   . HOH C 3 .   ? 12.741  19.972  -10.835 1.00 12.58 ? 212 HOH A O   1 
HETATM 1211 O O   . HOH C 3 .   ? -11.034 9.652   -6.214  1.00 33.05 ? 213 HOH A O   1 
HETATM 1212 O O   . HOH C 3 .   ? 5.139   -6.560  -10.132 1.00 25.65 ? 214 HOH A O   1 
HETATM 1213 O O   . HOH C 3 .   ? -10.583 -10.566 -7.721  1.00 28.48 ? 215 HOH A O   1 
HETATM 1214 O O   . HOH C 3 .   ? 4.557   -9.139  -17.145 1.00 41.24 ? 216 HOH A O   1 
HETATM 1215 O O   . HOH C 3 .   ? -14.845 2.201   -7.096  1.00 11.56 ? 217 HOH A O   1 
HETATM 1216 O O   . HOH C 3 .   ? -17.046 -0.199  -12.390 1.00 21.54 ? 218 HOH A O   1 
HETATM 1217 O O   . HOH C 3 .   ? 6.447   -16.515 6.687   1.00 27.76 ? 219 HOH A O   1 
HETATM 1218 O O   . HOH C 3 .   ? 4.905   -5.471  14.850  1.00 12.14 ? 220 HOH A O   1 
HETATM 1219 O O   . HOH C 3 .   ? -3.499  -10.757 -13.057 1.00 15.34 ? 221 HOH A O   1 
HETATM 1220 O O   . HOH C 3 .   ? 3.849   -14.250 -6.247  1.00 32.60 ? 222 HOH A O   1 
HETATM 1221 O O   . HOH C 3 .   ? 1.469   -3.996  14.629  1.00 5.63  ? 223 HOH A O   1 
HETATM 1222 O O   . HOH C 3 .   ? -14.983 -6.897  3.940   1.00 16.61 ? 224 HOH A O   1 
HETATM 1223 O O   . HOH C 3 .   ? 17.985  -6.609  5.818   1.00 10.78 ? 225 HOH A O   1 
HETATM 1224 O O   . HOH C 3 .   ? -7.287  1.584   7.256   1.00 13.26 ? 226 HOH A O   1 
HETATM 1225 O O   . HOH C 3 .   ? -4.453  -2.103  9.603   1.00 5.24  ? 227 HOH A O   1 
HETATM 1226 O O   . HOH C 3 .   ? -1.405  -10.332 -6.814  1.00 16.52 ? 228 HOH A O   1 
HETATM 1227 O O   . HOH C 3 .   ? 4.770   -0.742  -14.285 1.00 6.89  ? 229 HOH A O   1 
HETATM 1228 O O   . HOH C 3 .   ? -8.120  -10.501 -9.075  1.00 20.69 ? 230 HOH A O   1 
HETATM 1229 O O   . HOH C 3 .   ? 1.895   2.955   -20.241 1.00 31.41 ? 231 HOH A O   1 
HETATM 1230 O O   . HOH C 3 .   ? -9.016  10.951  -0.134  1.00 36.66 ? 232 HOH A O   1 
HETATM 1231 O O   . HOH C 3 .   ? 0.349   -8.840  15.577  1.00 22.72 ? 233 HOH A O   1 
HETATM 1232 O O   . HOH C 3 .   ? 1.549   5.469   16.322  1.00 22.14 ? 234 HOH A O   1 
HETATM 1233 O O   . HOH C 3 .   ? 2.995   -10.071 -19.468 1.00 33.67 ? 235 HOH A O   1 
HETATM 1234 O O   . HOH C 3 .   ? -3.894  -16.535 -3.180  1.00 40.19 ? 236 HOH A O   1 
HETATM 1235 O O   . HOH C 3 .   ? 6.456   -6.934  -15.425 1.00 40.31 ? 237 HOH A O   1 
HETATM 1236 O O   . HOH C 3 .   ? 11.231  6.471   -4.399  1.00 25.65 ? 238 HOH A O   1 
HETATM 1237 O O   . HOH C 3 .   ? 15.778  0.682   11.842  1.00 24.02 ? 239 HOH A O   1 
HETATM 1238 O O   . HOH C 3 .   ? -6.451  5.747   12.451  1.00 34.25 ? 240 HOH A O   1 
HETATM 1239 O O   . HOH C 3 .   ? -12.386 -2.929  10.934  1.00 35.16 ? 241 HOH A O   1 
HETATM 1240 O O   . HOH C 3 .   ? 10.602  13.504  -7.276  1.00 31.41 ? 242 HOH A O   1 
HETATM 1241 O O   . HOH C 3 .   ? -23.052 -4.081  -1.023  1.00 26.97 ? 243 HOH A O   1 
HETATM 1242 O O   . HOH C 3 .   ? -9.236  -13.101 -3.546  1.00 17.81 ? 244 HOH A O   1 
HETATM 1243 O O   . HOH C 3 .   ? 6.380   -3.784  -9.635  1.00 28.74 ? 245 HOH A O   1 
HETATM 1244 O O   . HOH C 3 .   ? 3.304   -16.934 6.483   1.00 26.06 ? 246 HOH A O   1 
HETATM 1245 O O   . HOH C 3 .   ? -10.133 0.448   13.723  1.00 32.75 ? 247 HOH A O   1 
HETATM 1246 O O   . HOH C 3 .   ? -0.802  -16.583 -3.903  1.00 29.31 ? 248 HOH A O   1 
HETATM 1247 O O   . HOH C 3 .   ? 7.293   -19.361 8.737   1.00 35.50 ? 249 HOH A O   1 
HETATM 1248 O O   . HOH C 3 .   ? -11.077 -7.770  -7.174  1.00 27.75 ? 250 HOH A O   1 
HETATM 1249 O O   . HOH C 3 .   ? 9.528   -13.028 11.069  1.00 21.42 ? 251 HOH A O   1 
HETATM 1250 O O   . HOH C 3 .   ? 5.795   5.358   -15.956 1.00 16.00 ? 252 HOH A O   1 
HETATM 1251 O O   . HOH C 3 .   ? 4.414   -5.192  -13.891 1.00 21.37 ? 253 HOH A O   1 
HETATM 1252 O O   . HOH C 3 .   ? -13.599 -14.274 10.625  1.00 27.88 ? 254 HOH A O   1 
HETATM 1253 O O   . HOH C 3 .   ? -3.384  -1.845  19.059  1.00 23.64 ? 255 HOH A O   1 
HETATM 1254 O O   . HOH C 3 .   ? -5.211  -6.499  19.374  1.00 30.53 ? 256 HOH A O   1 
HETATM 1255 O O   . HOH C 3 .   ? 9.437   0.426   8.269   1.00 9.72  ? 257 HOH A O   1 
HETATM 1256 O O   . HOH C 3 .   ? -7.371  8.285   4.358   1.00 22.06 ? 258 HOH A O   1 
HETATM 1257 O O   . HOH C 3 .   ? -14.430 3.979   1.737   1.00 22.66 ? 259 HOH A O   1 
HETATM 1258 O O   . HOH C 3 .   ? 7.111   -11.599 12.215  1.00 12.71 ? 260 HOH A O   1 
HETATM 1259 O O   . HOH C 3 .   ? 14.654  -11.351 1.528   1.00 15.90 ? 261 HOH A O   1 
HETATM 1260 O O   . HOH C 3 .   ? -9.920  -5.531  14.163  1.00 17.13 ? 262 HOH A O   1 
HETATM 1261 O O   . HOH C 3 .   ? 4.292   -11.541 -15.623 1.00 34.24 ? 263 HOH A O   1 
HETATM 1262 O O   . HOH C 3 .   ? -2.555  -0.708  -18.201 1.00 29.74 ? 264 HOH A O   1 
HETATM 1263 O O   . HOH C 3 .   ? 3.237   15.211  -22.068 1.00 35.70 ? 265 HOH A O   1 
HETATM 1264 O O   . HOH C 3 .   ? 10.012  2.952   -8.122  1.00 23.28 ? 266 HOH A O   1 
HETATM 1265 O O   . HOH C 3 .   ? -12.904 2.801   -8.915  1.00 13.02 ? 267 HOH A O   1 
HETATM 1266 O O   . HOH C 3 .   ? 11.626  -8.813  13.468  1.00 30.18 ? 268 HOH A O   1 
HETATM 1267 O O   . HOH C 3 .   ? 15.851  5.115   4.889   1.00 27.62 ? 269 HOH A O   1 
HETATM 1268 O O   . HOH C 3 .   ? -9.171  9.316   -2.798  1.00 29.94 ? 270 HOH A O   1 
HETATM 1269 O O   . HOH C 3 .   ? -8.137  1.544   11.267  1.00 28.68 ? 271 HOH A O   1 
HETATM 1270 O O   . HOH C 3 .   ? -7.803  2.807   14.542  1.00 27.73 ? 272 HOH A O   1 
HETATM 1271 O O   . HOH C 3 .   ? -10.688 0.299   9.298   1.00 27.22 ? 273 HOH A O   1 
HETATM 1272 O O   . HOH C 3 .   ? -7.431  -3.313  16.796  1.00 26.60 ? 274 HOH A O   1 
HETATM 1273 O O   . HOH C 3 .   ? 2.370   -9.107  -12.822 1.00 30.36 ? 275 HOH A O   1 
HETATM 1274 O O   . HOH C 3 .   ? -14.936 -9.424  -2.538  1.00 29.91 ? 276 HOH A O   1 
HETATM 1275 O O   . HOH C 3 .   ? 5.238   -9.442  -13.544 1.00 32.74 ? 277 HOH A O   1 
HETATM 1276 O O   . HOH C 3 .   ? -13.847 -7.347  -7.883  1.00 29.64 ? 278 HOH A O   1 
HETATM 1277 O O   . HOH C 3 .   ? -13.145 -4.582  -8.903  1.00 19.04 ? 279 HOH A O   1 
HETATM 1278 O O   . HOH C 3 .   ? 1.864   -15.432 -1.035  1.00 25.69 ? 280 HOH A O   1 
HETATM 1279 O O   . HOH C 3 .   ? 4.093   2.323   19.291  1.00 25.57 ? 281 HOH A O   1 
HETATM 1280 O O   . HOH C 3 .   ? -6.462  -13.419 -3.371  1.00 24.63 ? 282 HOH A O   1 
HETATM 1281 O O   . HOH C 3 .   ? -14.566 -0.407  -14.440 1.00 28.02 ? 283 HOH A O   1 
HETATM 1282 O O   . HOH C 3 .   ? -15.796 -2.476  1.446   1.00 25.76 ? 284 HOH A O   1 
HETATM 1283 O O   . HOH C 3 .   ? -16.413 -4.563  3.325   1.00 28.21 ? 285 HOH A O   1 
HETATM 1284 O O   . HOH C 3 .   ? -2.868  -14.422 -5.867  1.00 27.25 ? 286 HOH A O   1 
HETATM 1285 O O   . HOH C 3 .   ? -1.848  -12.355 -10.928 1.00 29.91 ? 287 HOH A O   1 
# 
